data_1X5P
#
_entry.id   1X5P
#
_cell.length_a   1.000
_cell.length_b   1.000
_cell.length_c   1.000
_cell.angle_alpha   90.00
_cell.angle_beta   90.00
_cell.angle_gamma   90.00
#
_symmetry.space_group_name_H-M   'P 1'
#
_entity_poly.entity_id   1
_entity_poly.type   'polypeptide(L)'
_entity_poly.pdbx_seq_one_letter_code
;GSSGSSGERRAPRKGNTLYVYGEDMTPTLLRGAFSPFGNIIDLSMDPPRNCAFVTYEKMESADQAVAELNGTQVESVQLK
VNIARKQPMLDSGPSSG
;
_entity_poly.pdbx_strand_id   A
#
# COMPACT_ATOMS: atom_id res chain seq x y z
N GLY A 1 15.55 -26.84 20.24
CA GLY A 1 14.21 -26.74 19.70
C GLY A 1 14.03 -25.51 18.84
N SER A 2 13.34 -25.67 17.72
CA SER A 2 13.10 -24.57 16.80
C SER A 2 12.75 -23.29 17.55
N SER A 3 13.60 -22.27 17.42
CA SER A 3 13.38 -21.00 18.10
C SER A 3 12.01 -20.42 17.74
N GLY A 4 11.77 -20.29 16.45
CA GLY A 4 10.50 -19.74 15.98
C GLY A 4 9.91 -20.55 14.84
N SER A 5 8.92 -19.96 14.16
CA SER A 5 8.27 -20.62 13.04
C SER A 5 9.27 -20.93 11.93
N SER A 6 9.08 -22.07 11.27
CA SER A 6 9.97 -22.49 10.18
C SER A 6 9.65 -21.73 8.90
N GLY A 7 10.32 -20.59 8.70
CA GLY A 7 10.10 -19.80 7.51
C GLY A 7 9.20 -18.61 7.78
N GLU A 8 8.52 -18.13 6.74
CA GLU A 8 7.63 -16.99 6.86
C GLU A 8 6.24 -17.33 6.32
N ARG A 9 5.30 -16.41 6.52
CA ARG A 9 3.92 -16.61 6.07
C ARG A 9 3.81 -16.34 4.56
N ARG A 10 3.79 -17.42 3.78
CA ARG A 10 3.68 -17.29 2.33
C ARG A 10 2.42 -16.53 1.94
N ALA A 11 2.52 -15.74 0.88
CA ALA A 11 1.39 -14.96 0.40
C ALA A 11 1.60 -14.50 -1.04
N PRO A 12 0.51 -14.38 -1.80
CA PRO A 12 0.55 -13.95 -3.20
C PRO A 12 0.93 -12.49 -3.34
N ARG A 13 0.95 -12.01 -4.59
CA ARG A 13 1.30 -10.61 -4.87
C ARG A 13 0.34 -10.00 -5.88
N LYS A 14 -0.48 -9.06 -5.40
CA LYS A 14 -1.44 -8.40 -6.27
C LYS A 14 -2.10 -7.22 -5.55
N GLY A 15 -2.33 -6.13 -6.28
CA GLY A 15 -2.95 -4.96 -5.69
C GLY A 15 -2.29 -3.67 -6.13
N ASN A 16 -3.04 -2.57 -6.09
CA ASN A 16 -2.52 -1.28 -6.49
C ASN A 16 -2.36 -0.36 -5.28
N THR A 17 -3.41 -0.28 -4.46
CA THR A 17 -3.39 0.56 -3.27
C THR A 17 -2.75 -0.17 -2.10
N LEU A 18 -2.22 0.61 -1.15
CA LEU A 18 -1.58 0.04 0.03
C LEU A 18 -2.00 0.78 1.30
N TYR A 19 -2.42 0.03 2.30
CA TYR A 19 -2.85 0.62 3.56
C TYR A 19 -1.66 0.87 4.48
N VAL A 20 -1.34 2.14 4.69
CA VAL A 20 -0.22 2.52 5.55
C VAL A 20 -0.71 3.16 6.84
N TYR A 21 0.00 2.90 7.93
CA TYR A 21 -0.36 3.43 9.24
C TYR A 21 0.86 3.94 9.98
N GLY A 22 0.77 5.16 10.50
CA GLY A 22 1.88 5.75 11.23
C GLY A 22 1.43 6.57 12.41
N GLU A 23 2.36 7.30 13.03
CA GLU A 23 2.04 8.13 14.18
C GLU A 23 2.62 9.53 14.01
N ASP A 24 3.90 9.61 13.64
CA ASP A 24 4.56 10.89 13.44
C ASP A 24 5.09 11.01 12.01
N MET A 25 4.30 10.55 11.06
CA MET A 25 4.68 10.61 9.65
C MET A 25 3.83 11.63 8.89
N THR A 26 4.42 12.25 7.88
CA THR A 26 3.72 13.24 7.08
C THR A 26 3.65 12.82 5.61
N PRO A 27 2.64 13.33 4.90
CA PRO A 27 2.43 13.02 3.48
C PRO A 27 3.71 13.15 2.67
N THR A 28 4.32 14.32 2.71
CA THR A 28 5.55 14.58 1.98
C THR A 28 6.61 13.51 2.29
N LEU A 29 6.54 12.95 3.49
CA LEU A 29 7.49 11.93 3.91
C LEU A 29 7.25 10.63 3.13
N LEU A 30 6.01 10.17 3.11
CA LEU A 30 5.65 8.95 2.40
C LEU A 30 5.99 9.06 0.92
N ARG A 31 5.96 10.28 0.40
CA ARG A 31 6.25 10.51 -1.01
C ARG A 31 7.66 10.01 -1.36
N GLY A 32 8.63 10.36 -0.53
CA GLY A 32 10.00 9.92 -0.76
C GLY A 32 10.29 8.57 -0.14
N ALA A 33 9.34 8.05 0.62
CA ALA A 33 9.50 6.76 1.26
C ALA A 33 8.94 5.63 0.39
N PHE A 34 7.87 5.93 -0.34
CA PHE A 34 7.24 4.96 -1.21
C PHE A 34 7.73 5.11 -2.65
N SER A 35 8.27 6.28 -2.96
CA SER A 35 8.78 6.56 -4.30
C SER A 35 9.87 5.57 -4.68
N PRO A 36 10.81 5.32 -3.76
CA PRO A 36 11.92 4.40 -3.98
C PRO A 36 11.45 3.06 -4.54
N PHE A 37 10.26 2.64 -4.16
CA PHE A 37 9.69 1.38 -4.62
C PHE A 37 9.12 1.53 -6.03
N GLY A 38 8.49 2.67 -6.28
CA GLY A 38 7.90 2.92 -7.58
C GLY A 38 7.36 4.32 -7.72
N ASN A 39 6.33 4.48 -8.55
CA ASN A 39 5.72 5.78 -8.77
C ASN A 39 4.38 5.89 -8.03
N ILE A 40 4.22 6.97 -7.27
CA ILE A 40 2.99 7.19 -6.52
C ILE A 40 1.98 7.99 -7.33
N ILE A 41 0.87 7.35 -7.66
CA ILE A 41 -0.17 8.01 -8.44
C ILE A 41 -1.33 8.46 -7.54
N ASP A 42 -1.45 7.83 -6.38
CA ASP A 42 -2.49 8.16 -5.43
C ASP A 42 -2.00 8.06 -4.00
N LEU A 43 -1.78 9.21 -3.36
CA LEU A 43 -1.30 9.24 -1.99
C LEU A 43 -2.15 10.16 -1.13
N SER A 44 -2.89 9.57 -0.20
CA SER A 44 -3.76 10.35 0.69
C SER A 44 -3.46 10.03 2.15
N MET A 45 -3.57 11.04 3.00
CA MET A 45 -3.33 10.87 4.44
C MET A 45 -4.56 11.23 5.25
N ASP A 46 -4.82 10.47 6.30
CA ASP A 46 -5.96 10.72 7.17
C ASP A 46 -5.53 10.88 8.62
N PRO A 47 -5.33 12.13 9.05
CA PRO A 47 -4.92 12.45 10.42
C PRO A 47 -5.74 11.70 11.47
N PRO A 48 -7.06 11.65 11.26
CA PRO A 48 -7.98 10.97 12.18
C PRO A 48 -7.50 9.57 12.54
N ARG A 49 -7.44 8.69 11.54
CA ARG A 49 -6.99 7.32 11.76
C ARG A 49 -5.47 7.21 11.64
N ASN A 50 -4.83 8.34 11.40
CA ASN A 50 -3.38 8.38 11.26
C ASN A 50 -2.90 7.31 10.27
N CYS A 51 -3.50 7.29 9.09
CA CYS A 51 -3.14 6.32 8.06
C CYS A 51 -2.85 7.02 6.73
N ALA A 52 -2.41 6.25 5.75
CA ALA A 52 -2.09 6.79 4.44
C ALA A 52 -2.28 5.74 3.35
N PHE A 53 -2.90 6.14 2.25
CA PHE A 53 -3.15 5.23 1.13
C PHE A 53 -2.24 5.56 -0.05
N VAL A 54 -1.20 4.77 -0.23
CA VAL A 54 -0.25 4.98 -1.32
C VAL A 54 -0.48 3.98 -2.44
N THR A 55 -0.75 4.48 -3.64
CA THR A 55 -0.99 3.64 -4.80
C THR A 55 0.21 3.64 -5.75
N TYR A 56 0.56 2.45 -6.24
CA TYR A 56 1.70 2.32 -7.15
C TYR A 56 1.23 2.15 -8.59
N GLU A 57 1.97 2.72 -9.52
CA GLU A 57 1.62 2.63 -10.94
C GLU A 57 1.53 1.18 -11.39
N LYS A 58 2.19 0.29 -10.64
CA LYS A 58 2.17 -1.13 -10.96
C LYS A 58 1.79 -1.96 -9.73
N MET A 59 1.40 -3.20 -9.97
CA MET A 59 1.00 -4.09 -8.89
C MET A 59 2.22 -4.75 -8.24
N GLU A 60 3.29 -4.88 -9.02
CA GLU A 60 4.52 -5.49 -8.53
C GLU A 60 5.04 -4.74 -7.29
N SER A 61 4.88 -3.43 -7.30
CA SER A 61 5.34 -2.61 -6.18
C SER A 61 4.47 -2.83 -4.95
N ALA A 62 3.16 -2.88 -5.15
CA ALA A 62 2.22 -3.10 -4.06
C ALA A 62 2.74 -4.15 -3.09
N ASP A 63 3.08 -5.32 -3.62
CA ASP A 63 3.59 -6.42 -2.80
C ASP A 63 4.96 -6.08 -2.24
N GLN A 64 5.79 -5.44 -3.06
CA GLN A 64 7.14 -5.05 -2.64
C GLN A 64 7.10 -4.21 -1.37
N ALA A 65 6.52 -3.02 -1.46
CA ALA A 65 6.42 -2.13 -0.31
C ALA A 65 5.89 -2.87 0.91
N VAL A 66 4.75 -3.52 0.76
CA VAL A 66 4.13 -4.27 1.85
C VAL A 66 5.10 -5.30 2.42
N ALA A 67 6.13 -5.63 1.65
CA ALA A 67 7.13 -6.59 2.07
C ALA A 67 8.28 -5.91 2.81
N GLU A 68 8.68 -4.74 2.32
CA GLU A 68 9.77 -3.99 2.92
C GLU A 68 9.23 -2.90 3.85
N LEU A 69 8.43 -2.00 3.29
CA LEU A 69 7.84 -0.91 4.06
C LEU A 69 7.07 -1.44 5.25
N ASN A 70 6.78 -2.74 5.23
CA ASN A 70 6.04 -3.37 6.32
C ASN A 70 6.89 -3.47 7.59
N GLY A 71 6.47 -2.74 8.62
CA GLY A 71 7.21 -2.75 9.87
C GLY A 71 8.57 -2.10 9.75
N THR A 72 8.73 -1.28 8.72
CA THR A 72 10.00 -0.59 8.49
C THR A 72 10.05 0.73 9.25
N GLN A 73 11.24 1.12 9.68
CA GLN A 73 11.42 2.36 10.42
C GLN A 73 12.12 3.41 9.55
N VAL A 74 11.33 4.27 8.92
CA VAL A 74 11.86 5.31 8.06
C VAL A 74 11.68 6.69 8.69
N GLU A 75 12.69 7.55 8.55
CA GLU A 75 12.64 8.89 9.11
C GLU A 75 12.34 8.84 10.61
N SER A 76 12.88 7.84 11.29
CA SER A 76 12.67 7.68 12.72
C SER A 76 11.20 7.44 13.03
N VAL A 77 10.48 6.87 12.07
CA VAL A 77 9.06 6.60 12.23
C VAL A 77 8.70 5.22 11.68
N GLN A 78 8.11 4.38 12.53
CA GLN A 78 7.73 3.03 12.12
C GLN A 78 6.46 3.07 11.27
N LEU A 79 6.61 2.71 9.99
CA LEU A 79 5.48 2.71 9.07
C LEU A 79 4.94 1.30 8.87
N LYS A 80 3.62 1.16 8.97
CA LYS A 80 2.98 -0.14 8.81
C LYS A 80 2.15 -0.18 7.53
N VAL A 81 2.68 -0.86 6.51
CA VAL A 81 1.99 -0.98 5.23
C VAL A 81 1.35 -2.35 5.08
N ASN A 82 0.21 -2.38 4.38
CA ASN A 82 -0.52 -3.63 4.17
C ASN A 82 -1.29 -3.59 2.85
N ILE A 83 -1.62 -4.77 2.33
CA ILE A 83 -2.37 -4.86 1.09
C ILE A 83 -3.84 -4.54 1.29
N ALA A 84 -4.22 -3.30 1.05
CA ALA A 84 -5.61 -2.86 1.22
C ALA A 84 -6.57 -3.95 0.75
N ARG A 85 -7.66 -4.11 1.51
CA ARG A 85 -8.66 -5.12 1.17
C ARG A 85 -9.81 -4.51 0.38
N LYS A 86 -10.36 -5.28 -0.55
CA LYS A 86 -11.47 -4.81 -1.38
C LYS A 86 -10.99 -3.79 -2.40
N GLN A 87 -9.89 -4.11 -3.08
CA GLN A 87 -9.32 -3.23 -4.09
C GLN A 87 -9.36 -3.88 -5.47
N PRO A 88 -10.54 -3.86 -6.10
CA PRO A 88 -10.73 -4.45 -7.43
C PRO A 88 -10.02 -3.66 -8.52
N MET A 89 -10.13 -4.14 -9.76
CA MET A 89 -9.49 -3.47 -10.89
C MET A 89 -9.94 -2.01 -10.98
N LEU A 90 -9.00 -1.10 -10.74
CA LEU A 90 -9.29 0.32 -10.79
C LEU A 90 -8.51 1.00 -11.90
N ASP A 91 -9.14 1.99 -12.55
CA ASP A 91 -8.49 2.71 -13.64
C ASP A 91 -7.11 3.20 -13.22
N SER A 92 -6.20 3.29 -14.18
CA SER A 92 -4.84 3.74 -13.92
C SER A 92 -4.64 5.19 -14.37
N GLY A 93 -5.28 5.54 -15.48
CA GLY A 93 -5.18 6.89 -16.00
C GLY A 93 -6.50 7.62 -16.02
N PRO A 94 -6.90 8.17 -14.85
CA PRO A 94 -8.16 8.89 -14.72
C PRO A 94 -8.14 10.23 -15.44
N SER A 95 -9.05 10.40 -16.40
CA SER A 95 -9.13 11.63 -17.18
C SER A 95 -10.11 12.61 -16.53
N SER A 96 -11.31 12.13 -16.25
CA SER A 96 -12.35 12.96 -15.64
C SER A 96 -12.18 13.01 -14.13
N GLY A 97 -10.94 13.09 -13.68
CA GLY A 97 -10.65 13.14 -12.26
C GLY A 97 -11.65 14.01 -11.51
N GLY A 1 -12.97 -20.88 19.08
CA GLY A 1 -12.35 -21.95 18.31
C GLY A 1 -11.13 -21.49 17.54
N SER A 2 -11.35 -21.10 16.29
CA SER A 2 -10.25 -20.64 15.44
C SER A 2 -9.07 -21.60 15.50
N SER A 3 -9.36 -22.90 15.44
CA SER A 3 -8.33 -23.92 15.50
C SER A 3 -8.02 -24.46 14.11
N GLY A 4 -7.94 -23.56 13.13
CA GLY A 4 -7.65 -23.97 11.77
C GLY A 4 -6.48 -23.20 11.17
N SER A 5 -6.25 -23.40 9.88
CA SER A 5 -5.16 -22.73 9.18
C SER A 5 -5.70 -21.62 8.28
N SER A 6 -5.15 -20.43 8.44
CA SER A 6 -5.58 -19.27 7.64
C SER A 6 -4.47 -18.85 6.67
N GLY A 7 -3.83 -19.83 6.05
CA GLY A 7 -2.77 -19.53 5.11
C GLY A 7 -3.25 -18.75 3.91
N GLU A 8 -2.31 -18.17 3.17
CA GLU A 8 -2.65 -17.37 1.98
C GLU A 8 -3.56 -16.20 2.36
N ARG A 9 -3.23 -15.55 3.46
CA ARG A 9 -4.01 -14.41 3.93
C ARG A 9 -4.25 -13.41 2.81
N ARG A 10 -3.16 -13.00 2.16
CA ARG A 10 -3.25 -12.05 1.06
C ARG A 10 -4.04 -12.63 -0.11
N ALA A 11 -4.49 -11.75 -1.00
CA ALA A 11 -5.26 -12.16 -2.17
C ALA A 11 -4.48 -11.95 -3.46
N PRO A 12 -4.61 -12.88 -4.40
CA PRO A 12 -3.93 -12.80 -5.70
C PRO A 12 -4.47 -11.70 -6.58
N ARG A 13 -5.46 -10.97 -6.07
CA ARG A 13 -6.07 -9.87 -6.81
C ARG A 13 -5.02 -8.83 -7.21
N LYS A 14 -5.28 -8.14 -8.31
CA LYS A 14 -4.36 -7.11 -8.80
C LYS A 14 -3.67 -6.41 -7.63
N GLY A 15 -4.44 -5.62 -6.88
CA GLY A 15 -3.88 -4.91 -5.75
C GLY A 15 -2.95 -3.80 -6.17
N ASN A 16 -3.44 -2.56 -6.13
CA ASN A 16 -2.65 -1.40 -6.51
C ASN A 16 -2.45 -0.46 -5.33
N THR A 17 -3.47 -0.37 -4.48
CA THR A 17 -3.40 0.51 -3.31
C THR A 17 -2.77 -0.22 -2.12
N LEU A 18 -2.22 0.56 -1.20
CA LEU A 18 -1.58 -0.02 -0.01
C LEU A 18 -2.00 0.74 1.24
N TYR A 19 -2.45 0.00 2.24
CA TYR A 19 -2.88 0.59 3.51
C TYR A 19 -1.70 0.83 4.43
N VAL A 20 -1.37 2.10 4.64
CA VAL A 20 -0.26 2.46 5.51
C VAL A 20 -0.76 3.07 6.81
N TYR A 21 -0.02 2.82 7.89
CA TYR A 21 -0.40 3.33 9.20
C TYR A 21 0.82 3.92 9.92
N GLY A 22 0.64 5.11 10.50
CA GLY A 22 1.73 5.75 11.20
C GLY A 22 1.24 6.59 12.37
N GLU A 23 2.16 7.31 13.01
CA GLU A 23 1.82 8.16 14.15
C GLU A 23 2.45 9.53 14.02
N ASP A 24 3.73 9.56 13.64
CA ASP A 24 4.44 10.82 13.47
C ASP A 24 5.00 10.94 12.06
N MET A 25 4.19 10.56 11.07
CA MET A 25 4.60 10.62 9.68
C MET A 25 3.78 11.66 8.92
N THR A 26 4.35 12.20 7.84
CA THR A 26 3.67 13.19 7.03
C THR A 26 3.62 12.78 5.57
N PRO A 27 2.64 13.30 4.82
CA PRO A 27 2.47 12.99 3.40
C PRO A 27 3.78 13.12 2.62
N THR A 28 4.31 14.34 2.57
CA THR A 28 5.56 14.60 1.86
C THR A 28 6.61 13.56 2.19
N LEU A 29 6.54 13.03 3.41
CA LEU A 29 7.49 12.01 3.86
C LEU A 29 7.28 10.70 3.12
N LEU A 30 6.03 10.27 3.05
CA LEU A 30 5.68 9.03 2.37
C LEU A 30 6.05 9.10 0.88
N ARG A 31 5.98 10.31 0.33
CA ARG A 31 6.30 10.52 -1.09
C ARG A 31 7.72 10.05 -1.40
N GLY A 32 8.66 10.38 -0.52
CA GLY A 32 10.04 9.98 -0.72
C GLY A 32 10.36 8.64 -0.08
N ALA A 33 9.38 8.08 0.62
CA ALA A 33 9.56 6.79 1.29
C ALA A 33 8.99 5.66 0.44
N PHE A 34 7.93 5.97 -0.30
CA PHE A 34 7.29 4.97 -1.16
C PHE A 34 7.80 5.08 -2.60
N SER A 35 8.30 6.25 -2.95
CA SER A 35 8.81 6.49 -4.30
C SER A 35 9.91 5.48 -4.64
N PRO A 36 10.85 5.28 -3.70
CA PRO A 36 11.96 4.35 -3.88
C PRO A 36 11.50 2.99 -4.40
N PHE A 37 10.23 2.68 -4.20
CA PHE A 37 9.67 1.41 -4.65
C PHE A 37 9.06 1.55 -6.05
N GLY A 38 8.42 2.69 -6.29
CA GLY A 38 7.79 2.94 -7.58
C GLY A 38 7.26 4.34 -7.72
N ASN A 39 6.24 4.51 -8.55
CA ASN A 39 5.64 5.82 -8.76
C ASN A 39 4.30 5.94 -8.03
N ILE A 40 4.15 6.99 -7.24
CA ILE A 40 2.92 7.21 -6.49
C ILE A 40 1.93 8.03 -7.30
N ILE A 41 0.83 7.39 -7.68
CA ILE A 41 -0.21 8.05 -8.47
C ILE A 41 -1.34 8.54 -7.57
N ASP A 42 -1.47 7.92 -6.40
CA ASP A 42 -2.51 8.31 -5.45
C ASP A 42 -2.02 8.16 -4.01
N LEU A 43 -1.78 9.30 -3.36
CA LEU A 43 -1.31 9.31 -1.98
C LEU A 43 -2.18 10.20 -1.11
N SER A 44 -2.92 9.57 -0.19
CA SER A 44 -3.80 10.31 0.71
C SER A 44 -3.47 10.00 2.17
N MET A 45 -3.46 11.04 2.99
CA MET A 45 -3.15 10.89 4.41
C MET A 45 -4.33 11.33 5.26
N ASP A 46 -4.66 10.52 6.27
CA ASP A 46 -5.77 10.82 7.16
C ASP A 46 -5.28 10.99 8.60
N PRO A 47 -5.03 12.23 9.00
CA PRO A 47 -4.55 12.56 10.34
C PRO A 47 -5.37 11.85 11.43
N PRO A 48 -6.70 11.86 11.27
CA PRO A 48 -7.61 11.22 12.22
C PRO A 48 -7.19 9.81 12.59
N ARG A 49 -7.17 8.92 11.61
CA ARG A 49 -6.78 7.54 11.83
C ARG A 49 -5.27 7.38 11.71
N ASN A 50 -4.58 8.47 11.39
CA ASN A 50 -3.13 8.45 11.24
C ASN A 50 -2.70 7.39 10.22
N CYS A 51 -3.50 7.25 9.17
CA CYS A 51 -3.20 6.27 8.12
C CYS A 51 -2.86 6.97 6.81
N ALA A 52 -2.56 6.18 5.78
CA ALA A 52 -2.22 6.72 4.48
C ALA A 52 -2.38 5.67 3.39
N PHE A 53 -3.01 6.06 2.28
CA PHE A 53 -3.23 5.15 1.16
C PHE A 53 -2.33 5.51 -0.02
N VAL A 54 -1.30 4.70 -0.24
CA VAL A 54 -0.37 4.94 -1.35
C VAL A 54 -0.61 3.95 -2.48
N THR A 55 -0.89 4.47 -3.67
CA THR A 55 -1.13 3.64 -4.84
C THR A 55 0.06 3.66 -5.79
N TYR A 56 0.48 2.49 -6.23
CA TYR A 56 1.62 2.37 -7.15
C TYR A 56 1.13 2.20 -8.59
N GLU A 57 1.90 2.74 -9.53
CA GLU A 57 1.56 2.65 -10.95
C GLU A 57 1.44 1.19 -11.39
N LYS A 58 2.12 0.30 -10.65
CA LYS A 58 2.09 -1.12 -10.96
C LYS A 58 1.72 -1.94 -9.72
N MET A 59 1.44 -3.22 -9.93
CA MET A 59 1.08 -4.11 -8.84
C MET A 59 2.33 -4.62 -8.12
N GLU A 60 3.34 -5.02 -8.89
CA GLU A 60 4.58 -5.53 -8.33
C GLU A 60 4.99 -4.71 -7.10
N SER A 61 4.94 -3.39 -7.23
CA SER A 61 5.31 -2.50 -6.14
C SER A 61 4.47 -2.79 -4.89
N ALA A 62 3.15 -2.84 -5.09
CA ALA A 62 2.24 -3.11 -3.99
C ALA A 62 2.81 -4.15 -3.03
N ASP A 63 3.06 -5.34 -3.55
CA ASP A 63 3.61 -6.43 -2.74
C ASP A 63 5.00 -6.08 -2.23
N GLN A 64 5.81 -5.48 -3.11
CA GLN A 64 7.17 -5.10 -2.74
C GLN A 64 7.17 -4.22 -1.50
N ALA A 65 6.60 -3.03 -1.61
CA ALA A 65 6.54 -2.11 -0.48
C ALA A 65 6.02 -2.80 0.77
N VAL A 66 4.78 -3.29 0.70
CA VAL A 66 4.15 -3.98 1.83
C VAL A 66 5.09 -5.03 2.40
N ALA A 67 6.05 -5.47 1.60
CA ALA A 67 7.02 -6.47 2.03
C ALA A 67 8.18 -5.83 2.78
N GLU A 68 8.57 -4.64 2.34
CA GLU A 68 9.68 -3.92 2.97
C GLU A 68 9.16 -2.88 3.96
N LEU A 69 8.33 -1.97 3.49
CA LEU A 69 7.77 -0.93 4.33
C LEU A 69 7.07 -1.53 5.55
N ASN A 70 6.78 -2.82 5.47
CA ASN A 70 6.11 -3.52 6.56
C ASN A 70 6.99 -3.53 7.82
N GLY A 71 6.53 -2.82 8.85
CA GLY A 71 7.29 -2.77 10.08
C GLY A 71 8.64 -2.09 9.92
N THR A 72 8.79 -1.35 8.83
CA THR A 72 10.05 -0.65 8.55
C THR A 72 10.12 0.66 9.33
N GLN A 73 11.34 1.06 9.67
CA GLN A 73 11.56 2.30 10.41
C GLN A 73 12.25 3.35 9.55
N VAL A 74 11.46 4.25 8.98
CA VAL A 74 11.99 5.30 8.13
C VAL A 74 11.78 6.68 8.74
N GLU A 75 12.76 7.56 8.60
CA GLU A 75 12.68 8.90 9.14
C GLU A 75 12.39 8.86 10.64
N SER A 76 12.88 7.81 11.31
CA SER A 76 12.67 7.65 12.74
C SER A 76 11.20 7.41 13.06
N VAL A 77 10.49 6.84 12.09
CA VAL A 77 9.07 6.55 12.26
C VAL A 77 8.72 5.17 11.73
N GLN A 78 8.14 4.33 12.59
CA GLN A 78 7.75 2.98 12.20
C GLN A 78 6.50 2.99 11.35
N LEU A 79 6.65 2.66 10.07
CA LEU A 79 5.52 2.64 9.15
C LEU A 79 5.00 1.22 8.96
N LYS A 80 3.68 1.07 8.95
CA LYS A 80 3.06 -0.24 8.78
C LYS A 80 2.18 -0.27 7.53
N VAL A 81 2.63 -1.00 6.52
CA VAL A 81 1.89 -1.10 5.27
C VAL A 81 1.24 -2.47 5.14
N ASN A 82 0.10 -2.50 4.45
CA ASN A 82 -0.64 -3.76 4.25
C ASN A 82 -1.46 -3.71 2.97
N ILE A 83 -1.60 -4.85 2.31
CA ILE A 83 -2.36 -4.94 1.07
C ILE A 83 -3.86 -4.77 1.34
N ALA A 84 -4.36 -3.56 1.09
CA ALA A 84 -5.77 -3.27 1.29
C ALA A 84 -6.65 -4.39 0.74
N ARG A 85 -7.34 -5.09 1.63
CA ARG A 85 -8.22 -6.19 1.24
C ARG A 85 -9.53 -5.66 0.66
N LYS A 86 -10.11 -6.41 -0.27
CA LYS A 86 -11.36 -6.02 -0.90
C LYS A 86 -11.23 -4.65 -1.57
N GLN A 87 -10.17 -4.49 -2.35
CA GLN A 87 -9.93 -3.23 -3.05
C GLN A 87 -10.20 -3.38 -4.54
N PRO A 88 -11.48 -3.28 -4.93
CA PRO A 88 -11.91 -3.40 -6.33
C PRO A 88 -11.46 -2.21 -7.17
N MET A 89 -11.77 -2.25 -8.47
CA MET A 89 -11.40 -1.17 -9.37
C MET A 89 -11.75 0.18 -8.77
N LEU A 90 -10.75 0.86 -8.25
CA LEU A 90 -10.94 2.18 -7.64
C LEU A 90 -11.18 3.24 -8.72
N ASP A 91 -10.29 3.29 -9.71
CA ASP A 91 -10.41 4.26 -10.78
C ASP A 91 -11.50 3.83 -11.77
N SER A 92 -12.51 4.70 -11.94
CA SER A 92 -13.61 4.41 -12.85
C SER A 92 -14.41 5.67 -13.13
N GLY A 93 -15.30 5.60 -14.12
CA GLY A 93 -16.12 6.74 -14.47
C GLY A 93 -16.93 6.51 -15.74
N PRO A 94 -18.07 7.20 -15.85
CA PRO A 94 -18.96 7.08 -17.02
C PRO A 94 -18.35 7.68 -18.28
N SER A 95 -17.65 8.80 -18.12
CA SER A 95 -17.01 9.47 -19.25
C SER A 95 -15.50 9.37 -19.16
N SER A 96 -14.88 8.83 -20.21
CA SER A 96 -13.43 8.67 -20.25
C SER A 96 -12.78 9.87 -20.94
N GLY A 97 -11.94 10.58 -20.19
CA GLY A 97 -11.26 11.74 -20.75
C GLY A 97 -9.76 11.72 -20.48
N GLY A 1 3.40 -22.96 12.79
CA GLY A 1 2.30 -23.60 13.48
C GLY A 1 1.09 -23.81 12.59
N SER A 2 0.13 -24.58 13.07
CA SER A 2 -1.08 -24.85 12.31
C SER A 2 -1.50 -23.64 11.49
N SER A 3 -1.50 -23.79 10.17
CA SER A 3 -1.87 -22.70 9.27
C SER A 3 -2.50 -23.24 7.98
N GLY A 4 -3.02 -22.34 7.17
CA GLY A 4 -3.64 -22.75 5.92
C GLY A 4 -2.72 -22.56 4.73
N SER A 5 -2.66 -23.56 3.86
CA SER A 5 -1.81 -23.50 2.68
C SER A 5 -2.45 -24.24 1.51
N SER A 6 -1.95 -23.98 0.31
CA SER A 6 -2.47 -24.62 -0.90
C SER A 6 -1.34 -25.18 -1.75
N GLY A 7 -1.70 -26.05 -2.70
CA GLY A 7 -0.71 -26.66 -3.56
C GLY A 7 -0.07 -25.64 -4.50
N GLU A 8 -0.79 -25.30 -5.56
CA GLU A 8 -0.29 -24.35 -6.55
C GLU A 8 -0.30 -22.93 -5.97
N ARG A 9 0.89 -22.32 -5.91
CA ARG A 9 1.03 -20.97 -5.39
C ARG A 9 1.02 -19.94 -6.52
N ARG A 10 -0.18 -19.59 -6.98
CA ARG A 10 -0.32 -18.61 -8.05
C ARG A 10 -0.07 -17.19 -7.55
N ALA A 11 0.21 -16.29 -8.47
CA ALA A 11 0.48 -14.89 -8.11
C ALA A 11 -0.65 -14.32 -7.26
N PRO A 12 -0.31 -13.35 -6.40
CA PRO A 12 -1.28 -12.70 -5.51
C PRO A 12 -2.26 -11.83 -6.28
N ARG A 13 -3.52 -11.81 -5.82
CA ARG A 13 -4.55 -11.02 -6.46
C ARG A 13 -4.04 -9.61 -6.78
N LYS A 14 -4.79 -8.89 -7.61
CA LYS A 14 -4.41 -7.54 -7.99
C LYS A 14 -4.24 -6.64 -6.77
N GLY A 15 -3.19 -5.82 -6.78
CA GLY A 15 -2.94 -4.94 -5.66
C GLY A 15 -2.22 -3.67 -6.09
N ASN A 16 -2.93 -2.55 -6.05
CA ASN A 16 -2.37 -1.27 -6.44
C ASN A 16 -2.21 -0.36 -5.23
N THR A 17 -3.28 -0.21 -4.45
CA THR A 17 -3.26 0.62 -3.26
C THR A 17 -2.72 -0.13 -2.06
N LEU A 18 -2.15 0.59 -1.11
CA LEU A 18 -1.59 -0.01 0.09
C LEU A 18 -2.00 0.77 1.34
N TYR A 19 -2.42 0.04 2.37
CA TYR A 19 -2.85 0.66 3.61
C TYR A 19 -1.66 0.93 4.53
N VAL A 20 -1.31 2.20 4.68
CA VAL A 20 -0.20 2.59 5.54
C VAL A 20 -0.68 3.19 6.85
N TYR A 21 0.07 2.96 7.92
CA TYR A 21 -0.29 3.47 9.23
C TYR A 21 0.95 3.98 9.96
N GLY A 22 0.85 5.20 10.49
CA GLY A 22 1.97 5.79 11.22
C GLY A 22 1.52 6.62 12.40
N GLU A 23 2.49 7.23 13.09
CA GLU A 23 2.18 8.05 14.25
C GLU A 23 2.77 9.46 14.09
N ASP A 24 4.05 9.52 13.77
CA ASP A 24 4.73 10.81 13.59
C ASP A 24 5.25 10.95 12.17
N MET A 25 4.41 10.59 11.19
CA MET A 25 4.79 10.68 9.79
C MET A 25 3.93 11.70 9.06
N THR A 26 4.42 12.17 7.91
CA THR A 26 3.71 13.16 7.12
C THR A 26 3.62 12.73 5.66
N PRO A 27 2.60 13.25 4.94
CA PRO A 27 2.39 12.93 3.53
C PRO A 27 3.67 13.07 2.71
N THR A 28 4.25 14.26 2.71
CA THR A 28 5.47 14.51 1.96
C THR A 28 6.52 13.44 2.24
N LEU A 29 6.53 12.93 3.47
CA LEU A 29 7.48 11.90 3.87
C LEU A 29 7.23 10.61 3.11
N LEU A 30 5.97 10.19 3.06
CA LEU A 30 5.59 8.97 2.36
C LEU A 30 5.91 9.06 0.87
N ARG A 31 5.89 10.28 0.35
CA ARG A 31 6.18 10.52 -1.06
C ARG A 31 7.59 10.05 -1.41
N GLY A 32 8.55 10.38 -0.54
CA GLY A 32 9.93 9.99 -0.77
C GLY A 32 10.26 8.64 -0.16
N ALA A 33 9.34 8.12 0.65
CA ALA A 33 9.54 6.82 1.31
C ALA A 33 8.98 5.69 0.45
N PHE A 34 7.89 5.97 -0.26
CA PHE A 34 7.25 4.97 -1.10
C PHE A 34 7.74 5.11 -2.55
N SER A 35 8.31 6.25 -2.87
CA SER A 35 8.81 6.50 -4.22
C SER A 35 9.93 5.53 -4.57
N PRO A 36 10.87 5.36 -3.64
CA PRO A 36 12.01 4.45 -3.83
C PRO A 36 11.59 3.08 -4.35
N PHE A 37 10.32 2.75 -4.18
CA PHE A 37 9.79 1.48 -4.63
C PHE A 37 9.26 1.59 -6.06
N GLY A 38 8.63 2.71 -6.38
CA GLY A 38 8.09 2.91 -7.71
C GLY A 38 7.57 4.32 -7.91
N ASN A 39 6.32 4.41 -8.38
CA ASN A 39 5.71 5.71 -8.62
C ASN A 39 4.38 5.84 -7.87
N ILE A 40 4.16 6.98 -7.24
CA ILE A 40 2.93 7.22 -6.49
C ILE A 40 1.94 8.02 -7.31
N ILE A 41 0.91 7.35 -7.80
CA ILE A 41 -0.12 8.00 -8.61
C ILE A 41 -1.27 8.48 -7.74
N ASP A 42 -1.37 7.92 -6.53
CA ASP A 42 -2.43 8.30 -5.60
C ASP A 42 -1.96 8.14 -4.15
N LEU A 43 -1.73 9.25 -3.48
CA LEU A 43 -1.28 9.24 -2.10
C LEU A 43 -2.13 10.17 -1.24
N SER A 44 -2.89 9.59 -0.32
CA SER A 44 -3.76 10.36 0.57
C SER A 44 -3.46 10.02 2.03
N MET A 45 -3.59 11.03 2.89
CA MET A 45 -3.34 10.84 4.32
C MET A 45 -4.58 11.22 5.13
N ASP A 46 -4.80 10.52 6.24
CA ASP A 46 -5.94 10.79 7.10
C ASP A 46 -5.49 10.95 8.56
N PRO A 47 -5.28 12.21 8.97
CA PRO A 47 -4.86 12.52 10.34
C PRO A 47 -5.68 11.79 11.39
N PRO A 48 -7.01 11.76 11.19
CA PRO A 48 -7.93 11.09 12.11
C PRO A 48 -7.47 9.69 12.49
N ARG A 49 -7.32 8.83 11.49
CA ARG A 49 -6.89 7.47 11.71
C ARG A 49 -5.37 7.35 11.59
N ASN A 50 -4.71 8.48 11.39
CA ASN A 50 -3.26 8.51 11.26
C ASN A 50 -2.78 7.46 10.27
N CYS A 51 -3.50 7.32 9.17
CA CYS A 51 -3.16 6.34 8.13
C CYS A 51 -2.85 7.03 6.81
N ALA A 52 -2.44 6.25 5.83
CA ALA A 52 -2.11 6.79 4.51
C ALA A 52 -2.30 5.74 3.42
N PHE A 53 -2.91 6.14 2.31
CA PHE A 53 -3.15 5.23 1.20
C PHE A 53 -2.25 5.56 0.02
N VAL A 54 -1.23 4.73 -0.20
CA VAL A 54 -0.31 4.94 -1.31
C VAL A 54 -0.57 3.97 -2.45
N THR A 55 -0.84 4.51 -3.63
CA THR A 55 -1.11 3.68 -4.80
C THR A 55 0.07 3.69 -5.77
N TYR A 56 0.50 2.50 -6.17
CA TYR A 56 1.63 2.37 -7.10
C TYR A 56 1.13 2.18 -8.53
N GLU A 57 1.85 2.79 -9.48
CA GLU A 57 1.49 2.70 -10.89
C GLU A 57 1.35 1.23 -11.32
N LYS A 58 2.07 0.35 -10.62
CA LYS A 58 2.03 -1.08 -10.93
C LYS A 58 1.71 -1.89 -9.68
N MET A 59 1.41 -3.17 -9.88
CA MET A 59 1.08 -4.06 -8.77
C MET A 59 2.35 -4.59 -8.12
N GLU A 60 3.34 -4.93 -8.94
CA GLU A 60 4.60 -5.45 -8.43
C GLU A 60 5.06 -4.68 -7.19
N SER A 61 4.91 -3.36 -7.23
CA SER A 61 5.31 -2.51 -6.12
C SER A 61 4.47 -2.81 -4.88
N ALA A 62 3.16 -2.88 -5.06
CA ALA A 62 2.25 -3.16 -3.96
C ALA A 62 2.81 -4.24 -3.04
N ASP A 63 3.09 -5.41 -3.61
CA ASP A 63 3.63 -6.53 -2.84
C ASP A 63 5.00 -6.17 -2.28
N GLN A 64 5.81 -5.47 -3.08
CA GLN A 64 7.15 -5.08 -2.67
C GLN A 64 7.09 -4.23 -1.41
N ALA A 65 6.54 -3.03 -1.53
CA ALA A 65 6.43 -2.12 -0.40
C ALA A 65 5.92 -2.84 0.85
N VAL A 66 4.74 -3.46 0.73
CA VAL A 66 4.15 -4.19 1.84
C VAL A 66 5.10 -5.28 2.35
N ALA A 67 6.08 -5.63 1.54
CA ALA A 67 7.05 -6.65 1.91
C ALA A 67 8.26 -6.04 2.62
N GLU A 68 8.64 -4.84 2.18
CA GLU A 68 9.77 -4.14 2.77
C GLU A 68 9.30 -3.10 3.79
N LEU A 69 8.48 -2.17 3.35
CA LEU A 69 7.96 -1.13 4.23
C LEU A 69 7.31 -1.73 5.46
N ASN A 70 6.61 -2.85 5.28
CA ASN A 70 5.94 -3.52 6.37
C ASN A 70 6.80 -3.50 7.64
N GLY A 71 6.29 -2.85 8.67
CA GLY A 71 7.03 -2.76 9.92
C GLY A 71 8.42 -2.19 9.74
N THR A 72 8.54 -1.23 8.82
CA THR A 72 9.83 -0.59 8.55
C THR A 72 10.04 0.64 9.44
N GLN A 73 11.27 1.14 9.47
CA GLN A 73 11.58 2.31 10.27
C GLN A 73 12.28 3.37 9.42
N VAL A 74 11.51 4.33 8.93
CA VAL A 74 12.04 5.40 8.11
C VAL A 74 11.83 6.76 8.77
N GLU A 75 12.81 7.65 8.61
CA GLU A 75 12.72 8.99 9.19
C GLU A 75 12.45 8.91 10.70
N SER A 76 12.91 7.83 11.32
CA SER A 76 12.70 7.63 12.75
C SER A 76 11.23 7.41 13.07
N VAL A 77 10.50 6.84 12.11
CA VAL A 77 9.08 6.57 12.29
C VAL A 77 8.72 5.20 11.74
N GLN A 78 8.18 4.35 12.61
CA GLN A 78 7.78 3.00 12.22
C GLN A 78 6.54 3.03 11.35
N LEU A 79 6.70 2.66 10.08
CA LEU A 79 5.58 2.65 9.14
C LEU A 79 5.04 1.24 8.97
N LYS A 80 3.70 1.13 8.92
CA LYS A 80 3.05 -0.16 8.76
C LYS A 80 2.18 -0.18 7.50
N VAL A 81 2.63 -0.93 6.50
CA VAL A 81 1.88 -1.03 5.24
C VAL A 81 1.23 -2.41 5.11
N ASN A 82 0.06 -2.44 4.48
CA ASN A 82 -0.67 -3.67 4.28
C ASN A 82 -1.41 -3.66 2.95
N ILE A 83 -1.73 -4.85 2.44
CA ILE A 83 -2.45 -4.98 1.17
C ILE A 83 -3.93 -4.68 1.35
N ALA A 84 -4.32 -3.44 1.04
CA ALA A 84 -5.72 -3.03 1.16
C ALA A 84 -6.64 -4.04 0.50
N ARG A 85 -7.57 -4.57 1.29
CA ARG A 85 -8.53 -5.55 0.78
C ARG A 85 -9.51 -4.90 -0.20
N LYS A 86 -9.94 -3.69 0.12
CA LYS A 86 -10.87 -2.96 -0.73
C LYS A 86 -10.18 -2.43 -1.98
N GLN A 87 -10.15 -3.25 -3.03
CA GLN A 87 -9.51 -2.86 -4.28
C GLN A 87 -10.49 -3.01 -5.45
N PRO A 88 -11.41 -2.04 -5.57
CA PRO A 88 -12.41 -2.04 -6.64
C PRO A 88 -11.79 -1.76 -8.01
N MET A 89 -12.64 -1.71 -9.03
CA MET A 89 -12.18 -1.45 -10.39
C MET A 89 -11.55 -0.07 -10.50
N LEU A 90 -10.22 -0.04 -10.46
CA LEU A 90 -9.48 1.22 -10.55
C LEU A 90 -8.35 1.12 -11.57
N ASP A 91 -8.17 2.17 -12.36
CA ASP A 91 -7.11 2.20 -13.37
C ASP A 91 -6.31 3.50 -13.29
N SER A 92 -5.29 3.61 -14.11
CA SER A 92 -4.44 4.79 -14.13
C SER A 92 -4.13 5.21 -15.57
N GLY A 93 -4.30 6.50 -15.85
CA GLY A 93 -4.03 7.01 -17.18
C GLY A 93 -2.63 7.55 -17.33
N PRO A 94 -2.05 7.39 -18.52
CA PRO A 94 -0.68 7.87 -18.81
C PRO A 94 -0.59 9.39 -18.85
N SER A 95 -1.73 10.05 -18.64
CA SER A 95 -1.78 11.50 -18.66
C SER A 95 -0.69 12.10 -17.77
N SER A 96 0.17 12.92 -18.35
CA SER A 96 1.26 13.54 -17.61
C SER A 96 0.79 13.95 -16.22
N GLY A 97 -0.26 14.77 -16.16
CA GLY A 97 -0.79 15.22 -14.89
C GLY A 97 -1.82 14.28 -14.31
N GLY A 1 -11.24 -30.03 16.12
CA GLY A 1 -11.73 -29.91 14.75
C GLY A 1 -10.60 -29.69 13.75
N SER A 2 -10.19 -30.76 13.08
CA SER A 2 -9.12 -30.68 12.10
C SER A 2 -9.66 -30.77 10.69
N SER A 3 -9.45 -29.72 9.90
CA SER A 3 -9.93 -29.68 8.53
C SER A 3 -9.21 -30.72 7.67
N GLY A 4 -7.97 -31.03 8.05
CA GLY A 4 -7.19 -32.00 7.30
C GLY A 4 -7.08 -31.65 5.84
N SER A 5 -8.10 -32.04 5.07
CA SER A 5 -8.11 -31.78 3.63
C SER A 5 -7.90 -30.29 3.36
N SER A 6 -6.91 -29.98 2.53
CA SER A 6 -6.61 -28.60 2.19
C SER A 6 -7.63 -28.05 1.20
N GLY A 7 -8.25 -26.93 1.56
CA GLY A 7 -9.24 -26.32 0.69
C GLY A 7 -9.27 -24.82 0.81
N GLU A 8 -9.16 -24.31 2.03
CA GLU A 8 -9.17 -22.88 2.28
C GLU A 8 -7.77 -22.30 2.15
N ARG A 9 -7.13 -22.53 1.01
CA ARG A 9 -5.79 -22.03 0.77
C ARG A 9 -5.77 -21.06 -0.40
N ARG A 10 -6.84 -20.26 -0.51
CA ARG A 10 -6.95 -19.27 -1.57
C ARG A 10 -5.72 -18.36 -1.60
N ALA A 11 -5.23 -18.07 -2.80
CA ALA A 11 -4.07 -17.21 -2.96
C ALA A 11 -4.47 -15.74 -2.98
N PRO A 12 -3.48 -14.86 -2.79
CA PRO A 12 -3.71 -13.41 -2.77
C PRO A 12 -4.07 -12.86 -4.15
N ARG A 13 -4.69 -11.69 -4.18
CA ARG A 13 -5.10 -11.06 -5.43
C ARG A 13 -4.29 -9.80 -5.69
N LYS A 14 -3.77 -9.67 -6.91
CA LYS A 14 -2.98 -8.52 -7.28
C LYS A 14 -3.60 -7.23 -6.76
N GLY A 15 -2.78 -6.37 -6.16
CA GLY A 15 -3.28 -5.12 -5.63
C GLY A 15 -2.44 -3.93 -6.07
N ASN A 16 -3.04 -2.75 -6.05
CA ASN A 16 -2.34 -1.54 -6.44
C ASN A 16 -2.20 -0.57 -5.27
N THR A 17 -3.24 -0.49 -4.45
CA THR A 17 -3.23 0.39 -3.29
C THR A 17 -2.59 -0.29 -2.08
N LEU A 18 -2.08 0.51 -1.16
CA LEU A 18 -1.44 -0.02 0.04
C LEU A 18 -1.88 0.75 1.28
N TYR A 19 -2.37 0.03 2.28
CA TYR A 19 -2.82 0.65 3.52
C TYR A 19 -1.64 0.97 4.43
N VAL A 20 -1.30 2.25 4.51
CA VAL A 20 -0.19 2.69 5.35
C VAL A 20 -0.68 3.17 6.71
N TYR A 21 0.06 2.83 7.76
CA TYR A 21 -0.31 3.23 9.12
C TYR A 21 0.90 3.80 9.86
N GLY A 22 0.80 5.08 10.23
CA GLY A 22 1.88 5.73 10.94
C GLY A 22 1.38 6.62 12.06
N GLU A 23 2.31 7.24 12.78
CA GLU A 23 1.96 8.13 13.89
C GLU A 23 2.46 9.54 13.63
N ASP A 24 3.77 9.72 13.69
CA ASP A 24 4.38 11.03 13.45
C ASP A 24 4.96 11.11 12.05
N MET A 25 4.15 10.80 11.05
CA MET A 25 4.59 10.84 9.66
C MET A 25 3.69 11.76 8.83
N THR A 26 4.27 12.36 7.80
CA THR A 26 3.52 13.27 6.93
C THR A 26 3.58 12.80 5.48
N PRO A 27 2.59 13.25 4.67
CA PRO A 27 2.51 12.90 3.25
C PRO A 27 3.85 13.05 2.53
N THR A 28 4.42 14.25 2.61
CA THR A 28 5.69 14.53 1.96
C THR A 28 6.71 13.44 2.26
N LEU A 29 6.67 12.92 3.48
CA LEU A 29 7.60 11.86 3.89
C LEU A 29 7.33 10.58 3.11
N LEU A 30 6.08 10.13 3.13
CA LEU A 30 5.70 8.92 2.42
C LEU A 30 6.03 9.02 0.94
N ARG A 31 6.00 10.25 0.42
CA ARG A 31 6.29 10.49 -0.99
C ARG A 31 7.70 10.01 -1.35
N GLY A 32 8.67 10.38 -0.50
CA GLY A 32 10.04 9.99 -0.75
C GLY A 32 10.37 8.63 -0.15
N ALA A 33 9.43 8.06 0.59
CA ALA A 33 9.62 6.77 1.22
C ALA A 33 9.03 5.65 0.37
N PHE A 34 7.96 5.97 -0.35
CA PHE A 34 7.30 4.99 -1.21
C PHE A 34 7.79 5.11 -2.65
N SER A 35 8.24 6.30 -3.02
CA SER A 35 8.72 6.55 -4.36
C SER A 35 9.81 5.54 -4.75
N PRO A 36 10.76 5.32 -3.83
CA PRO A 36 11.86 4.39 -4.04
C PRO A 36 11.39 3.04 -4.57
N PHE A 37 10.19 2.64 -4.16
CA PHE A 37 9.62 1.37 -4.60
C PHE A 37 8.97 1.51 -5.98
N GLY A 38 8.31 2.64 -6.21
CA GLY A 38 7.66 2.88 -7.48
C GLY A 38 7.18 4.31 -7.62
N ASN A 39 6.26 4.52 -8.57
CA ASN A 39 5.72 5.86 -8.81
C ASN A 39 4.40 6.05 -8.06
N ILE A 40 4.36 7.04 -7.19
CA ILE A 40 3.16 7.33 -6.41
C ILE A 40 2.17 8.16 -7.22
N ILE A 41 1.07 7.53 -7.60
CA ILE A 41 0.03 8.20 -8.39
C ILE A 41 -1.12 8.66 -7.50
N ASP A 42 -1.36 7.92 -6.42
CA ASP A 42 -2.43 8.25 -5.49
C ASP A 42 -1.95 8.11 -4.05
N LEU A 43 -1.75 9.23 -3.38
CA LEU A 43 -1.31 9.24 -1.99
C LEU A 43 -2.22 10.08 -1.12
N SER A 44 -2.98 9.43 -0.25
CA SER A 44 -3.90 10.12 0.64
C SER A 44 -3.51 9.91 2.10
N MET A 45 -3.56 10.97 2.89
CA MET A 45 -3.22 10.91 4.30
C MET A 45 -4.37 11.43 5.17
N ASP A 46 -4.74 10.65 6.18
CA ASP A 46 -5.83 11.04 7.08
C ASP A 46 -5.34 11.07 8.53
N PRO A 47 -4.95 12.26 9.01
CA PRO A 47 -4.45 12.43 10.37
C PRO A 47 -5.36 11.78 11.41
N PRO A 48 -6.68 11.96 11.23
CA PRO A 48 -7.69 11.39 12.13
C PRO A 48 -7.44 9.92 12.43
N ARG A 49 -7.53 9.08 11.40
CA ARG A 49 -7.31 7.65 11.55
C ARG A 49 -5.82 7.33 11.64
N ASN A 50 -4.99 8.37 11.54
CA ASN A 50 -3.55 8.20 11.60
C ASN A 50 -3.07 7.15 10.61
N CYS A 51 -3.60 7.22 9.39
CA CYS A 51 -3.24 6.26 8.34
C CYS A 51 -3.23 6.94 6.98
N ALA A 52 -2.81 6.19 5.96
CA ALA A 52 -2.75 6.71 4.60
C ALA A 52 -2.91 5.61 3.57
N PHE A 53 -3.06 5.98 2.30
CA PHE A 53 -3.22 5.02 1.22
C PHE A 53 -2.33 5.37 0.04
N VAL A 54 -1.20 4.67 -0.08
CA VAL A 54 -0.26 4.91 -1.17
C VAL A 54 -0.50 3.95 -2.31
N THR A 55 -0.68 4.50 -3.51
CA THR A 55 -0.92 3.69 -4.70
C THR A 55 0.30 3.66 -5.61
N TYR A 56 0.54 2.53 -6.25
CA TYR A 56 1.68 2.38 -7.14
C TYR A 56 1.22 2.19 -8.59
N GLU A 57 1.95 2.78 -9.53
CA GLU A 57 1.61 2.69 -10.94
C GLU A 57 1.51 1.22 -11.37
N LYS A 58 2.14 0.34 -10.60
CA LYS A 58 2.11 -1.09 -10.90
C LYS A 58 1.76 -1.90 -9.66
N MET A 59 1.16 -3.06 -9.86
CA MET A 59 0.78 -3.94 -8.76
C MET A 59 2.00 -4.61 -8.15
N GLU A 60 3.07 -4.72 -8.93
CA GLU A 60 4.30 -5.35 -8.47
C GLU A 60 4.85 -4.62 -7.24
N SER A 61 4.80 -3.29 -7.27
CA SER A 61 5.29 -2.48 -6.17
C SER A 61 4.47 -2.71 -4.91
N ALA A 62 3.16 -2.94 -5.10
CA ALA A 62 2.26 -3.18 -3.98
C ALA A 62 2.82 -4.23 -3.03
N ASP A 63 3.06 -5.42 -3.56
CA ASP A 63 3.60 -6.52 -2.75
C ASP A 63 5.00 -6.18 -2.26
N GLN A 64 5.76 -5.47 -3.08
CA GLN A 64 7.12 -5.09 -2.72
C GLN A 64 7.14 -4.23 -1.46
N ALA A 65 6.61 -3.02 -1.59
CA ALA A 65 6.56 -2.09 -0.46
C ALA A 65 6.02 -2.78 0.79
N VAL A 66 4.84 -3.37 0.67
CA VAL A 66 4.20 -4.06 1.79
C VAL A 66 5.13 -5.12 2.37
N ALA A 67 6.17 -5.47 1.62
CA ALA A 67 7.13 -6.47 2.07
C ALA A 67 8.29 -5.81 2.81
N GLU A 68 8.68 -4.62 2.38
CA GLU A 68 9.77 -3.90 3.01
C GLU A 68 9.24 -2.85 3.98
N LEU A 69 8.44 -1.93 3.47
CA LEU A 69 7.86 -0.88 4.30
C LEU A 69 7.11 -1.47 5.49
N ASN A 70 6.70 -2.72 5.35
CA ASN A 70 5.96 -3.40 6.42
C ASN A 70 6.80 -3.45 7.70
N GLY A 71 6.34 -2.76 8.74
CA GLY A 71 7.05 -2.74 10.00
C GLY A 71 8.40 -2.06 9.89
N THR A 72 8.61 -1.33 8.80
CA THR A 72 9.87 -0.62 8.58
C THR A 72 9.94 0.65 9.43
N GLN A 73 11.16 1.14 9.61
CA GLN A 73 11.37 2.36 10.40
C GLN A 73 12.12 3.41 9.59
N VAL A 74 11.37 4.32 8.97
CA VAL A 74 11.97 5.38 8.17
C VAL A 74 11.75 6.74 8.81
N GLU A 75 12.77 7.60 8.72
CA GLU A 75 12.69 8.94 9.30
C GLU A 75 12.33 8.87 10.78
N SER A 76 12.78 7.81 11.44
CA SER A 76 12.51 7.62 12.86
C SER A 76 11.02 7.44 13.11
N VAL A 77 10.32 6.87 12.13
CA VAL A 77 8.89 6.64 12.24
C VAL A 77 8.52 5.26 11.71
N GLN A 78 8.09 4.38 12.61
CA GLN A 78 7.70 3.03 12.24
C GLN A 78 6.43 3.04 11.39
N LEU A 79 6.57 2.72 10.11
CA LEU A 79 5.43 2.70 9.20
C LEU A 79 4.94 1.27 8.98
N LYS A 80 3.62 1.10 8.91
CA LYS A 80 3.03 -0.22 8.70
C LYS A 80 2.17 -0.22 7.43
N VAL A 81 2.68 -0.86 6.39
CA VAL A 81 1.96 -0.94 5.12
C VAL A 81 1.40 -2.36 4.90
N ASN A 82 0.17 -2.42 4.41
CA ASN A 82 -0.48 -3.70 4.15
C ASN A 82 -1.30 -3.65 2.87
N ILE A 83 -1.51 -4.81 2.26
CA ILE A 83 -2.28 -4.90 1.03
C ILE A 83 -3.75 -4.59 1.27
N ALA A 84 -4.14 -3.34 1.05
CA ALA A 84 -5.52 -2.92 1.25
C ALA A 84 -6.49 -3.99 0.76
N ARG A 85 -7.05 -4.75 1.68
CA ARG A 85 -7.99 -5.81 1.35
C ARG A 85 -9.26 -5.22 0.73
N LYS A 86 -9.37 -3.90 0.74
CA LYS A 86 -10.53 -3.22 0.19
C LYS A 86 -10.13 -2.35 -1.00
N GLN A 87 -10.11 -2.95 -2.18
CA GLN A 87 -9.74 -2.23 -3.40
C GLN A 87 -10.92 -2.19 -4.37
N PRO A 88 -11.87 -1.28 -4.11
CA PRO A 88 -13.06 -1.12 -4.95
C PRO A 88 -12.72 -0.52 -6.32
N MET A 89 -13.74 -0.28 -7.12
CA MET A 89 -13.56 0.29 -8.45
C MET A 89 -12.45 1.35 -8.45
N LEU A 90 -11.27 0.95 -8.90
CA LEU A 90 -10.13 1.86 -8.94
C LEU A 90 -10.15 2.71 -10.21
N ASP A 91 -10.56 3.96 -10.07
CA ASP A 91 -10.62 4.88 -11.21
C ASP A 91 -9.23 5.37 -11.59
N SER A 92 -8.74 4.88 -12.74
CA SER A 92 -7.42 5.27 -13.21
C SER A 92 -7.52 6.16 -14.44
N GLY A 93 -8.38 5.78 -15.37
CA GLY A 93 -8.56 6.56 -16.59
C GLY A 93 -9.19 5.74 -17.71
N PRO A 94 -9.97 6.42 -18.56
CA PRO A 94 -10.64 5.78 -19.70
C PRO A 94 -9.66 5.34 -20.78
N SER A 95 -8.42 5.82 -20.69
CA SER A 95 -7.39 5.48 -21.66
C SER A 95 -7.39 3.98 -21.94
N SER A 96 -8.00 3.59 -23.07
CA SER A 96 -8.08 2.19 -23.45
C SER A 96 -8.03 2.04 -24.96
N GLY A 97 -7.64 0.86 -25.43
CA GLY A 97 -7.56 0.60 -26.85
C GLY A 97 -6.43 1.37 -27.52
N GLY A 1 0.82 -16.27 12.57
CA GLY A 1 0.02 -15.08 12.31
C GLY A 1 -1.37 -15.41 11.81
N SER A 2 -2.37 -15.16 12.65
CA SER A 2 -3.76 -15.43 12.29
C SER A 2 -4.48 -14.16 11.88
N SER A 3 -4.63 -13.97 10.58
CA SER A 3 -5.30 -12.78 10.05
C SER A 3 -6.57 -13.17 9.29
N GLY A 4 -7.56 -12.28 9.31
CA GLY A 4 -8.81 -12.55 8.61
C GLY A 4 -9.71 -11.34 8.57
N SER A 5 -10.97 -11.56 8.21
CA SER A 5 -11.94 -10.47 8.11
C SER A 5 -13.34 -11.01 7.85
N SER A 6 -14.32 -10.12 7.82
CA SER A 6 -15.71 -10.51 7.57
C SER A 6 -15.89 -11.02 6.14
N GLY A 7 -16.13 -12.32 6.02
CA GLY A 7 -16.31 -12.91 4.70
C GLY A 7 -15.08 -13.64 4.21
N GLU A 8 -15.29 -14.76 3.53
CA GLU A 8 -14.17 -15.55 3.00
C GLU A 8 -14.13 -15.48 1.49
N ARG A 9 -14.59 -14.37 0.93
CA ARG A 9 -14.61 -14.18 -0.52
C ARG A 9 -13.19 -13.94 -1.05
N ARG A 10 -12.76 -14.79 -1.97
CA ARG A 10 -11.43 -14.67 -2.55
C ARG A 10 -11.10 -13.22 -2.87
N ALA A 11 -10.14 -12.67 -2.14
CA ALA A 11 -9.72 -11.28 -2.34
C ALA A 11 -8.66 -11.17 -3.43
N PRO A 12 -8.64 -10.03 -4.13
CA PRO A 12 -7.66 -9.78 -5.20
C PRO A 12 -6.25 -9.61 -4.67
N ARG A 13 -5.32 -10.40 -5.20
CA ARG A 13 -3.92 -10.34 -4.78
C ARG A 13 -3.14 -9.38 -5.68
N LYS A 14 -2.01 -8.90 -5.16
CA LYS A 14 -1.16 -7.99 -5.92
C LYS A 14 -1.93 -6.72 -6.30
N GLY A 15 -2.57 -6.10 -5.31
CA GLY A 15 -3.33 -4.89 -5.58
C GLY A 15 -2.45 -3.71 -5.93
N ASN A 16 -3.06 -2.55 -6.09
CA ASN A 16 -2.32 -1.34 -6.45
C ASN A 16 -2.19 -0.41 -5.25
N THR A 17 -3.26 -0.32 -4.45
CA THR A 17 -3.26 0.53 -3.27
C THR A 17 -2.67 -0.19 -2.08
N LEU A 18 -2.02 0.56 -1.20
CA LEU A 18 -1.41 -0.01 0.00
C LEU A 18 -1.82 0.76 1.25
N TYR A 19 -2.31 0.05 2.24
CA TYR A 19 -2.74 0.65 3.49
C TYR A 19 -1.55 0.95 4.39
N VAL A 20 -1.28 2.24 4.60
CA VAL A 20 -0.17 2.66 5.45
C VAL A 20 -0.67 3.25 6.76
N TYR A 21 0.05 2.96 7.84
CA TYR A 21 -0.32 3.47 9.15
C TYR A 21 0.91 3.91 9.93
N GLY A 22 0.91 5.17 10.35
CA GLY A 22 2.03 5.71 11.10
C GLY A 22 1.59 6.57 12.26
N GLU A 23 2.56 7.15 12.97
CA GLU A 23 2.27 8.00 14.11
C GLU A 23 2.74 9.44 13.87
N ASP A 24 4.05 9.61 13.77
CA ASP A 24 4.63 10.93 13.52
C ASP A 24 5.16 11.03 12.10
N MET A 25 4.33 10.68 11.13
CA MET A 25 4.71 10.74 9.73
C MET A 25 3.84 11.74 8.96
N THR A 26 4.40 12.31 7.91
CA THR A 26 3.67 13.28 7.09
C THR A 26 3.59 12.81 5.64
N PRO A 27 2.57 13.30 4.91
CA PRO A 27 2.35 12.95 3.51
C PRO A 27 3.63 13.08 2.68
N THR A 28 4.21 14.27 2.66
CA THR A 28 5.43 14.53 1.91
C THR A 28 6.49 13.48 2.21
N LEU A 29 6.48 12.98 3.45
CA LEU A 29 7.44 11.97 3.88
C LEU A 29 7.23 10.66 3.13
N LEU A 30 5.98 10.18 3.12
CA LEU A 30 5.64 8.94 2.43
C LEU A 30 5.98 9.03 0.95
N ARG A 31 5.88 10.23 0.39
CA ARG A 31 6.17 10.45 -1.01
C ARG A 31 7.58 9.97 -1.36
N GLY A 32 8.54 10.31 -0.50
CA GLY A 32 9.92 9.90 -0.72
C GLY A 32 10.24 8.55 -0.12
N ALA A 33 9.31 8.03 0.69
CA ALA A 33 9.49 6.74 1.34
C ALA A 33 8.97 5.60 0.47
N PHE A 34 7.91 5.88 -0.28
CA PHE A 34 7.30 4.88 -1.15
C PHE A 34 7.83 5.03 -2.58
N SER A 35 8.28 6.23 -2.92
CA SER A 35 8.80 6.51 -4.25
C SER A 35 9.93 5.54 -4.60
N PRO A 36 10.87 5.37 -3.65
CA PRO A 36 12.02 4.48 -3.83
C PRO A 36 11.62 3.11 -4.38
N PHE A 37 10.38 2.71 -4.09
CA PHE A 37 9.88 1.42 -4.56
C PHE A 37 9.39 1.51 -5.99
N GLY A 38 8.81 2.66 -6.35
CA GLY A 38 8.30 2.86 -7.69
C GLY A 38 7.78 4.26 -7.91
N ASN A 39 6.52 4.37 -8.29
CA ASN A 39 5.90 5.67 -8.54
C ASN A 39 4.54 5.77 -7.84
N ILE A 40 4.34 6.87 -7.12
CA ILE A 40 3.08 7.09 -6.42
C ILE A 40 2.09 7.87 -7.26
N ILE A 41 0.99 7.24 -7.62
CA ILE A 41 -0.04 7.88 -8.44
C ILE A 41 -1.17 8.41 -7.57
N ASP A 42 -1.40 7.76 -6.44
CA ASP A 42 -2.46 8.17 -5.52
C ASP A 42 -1.98 8.07 -4.07
N LEU A 43 -1.75 9.22 -3.45
CA LEU A 43 -1.30 9.27 -2.07
C LEU A 43 -2.19 10.18 -1.23
N SER A 44 -2.93 9.59 -0.29
CA SER A 44 -3.82 10.35 0.57
C SER A 44 -3.55 10.05 2.05
N MET A 45 -3.45 11.09 2.85
CA MET A 45 -3.20 10.95 4.28
C MET A 45 -4.42 11.36 5.10
N ASP A 46 -4.78 10.53 6.07
CA ASP A 46 -5.92 10.83 6.93
C ASP A 46 -5.48 11.03 8.38
N PRO A 47 -5.28 12.30 8.76
CA PRO A 47 -4.85 12.67 10.12
C PRO A 47 -5.67 11.96 11.19
N PRO A 48 -7.00 11.92 10.98
CA PRO A 48 -7.92 11.27 11.93
C PRO A 48 -7.44 9.89 12.34
N ARG A 49 -7.39 8.97 11.39
CA ARG A 49 -6.96 7.60 11.66
C ARG A 49 -5.44 7.48 11.54
N ASN A 50 -4.76 8.62 11.59
CA ASN A 50 -3.30 8.64 11.47
C ASN A 50 -2.81 7.58 10.50
N CYS A 51 -3.52 7.44 9.38
CA CYS A 51 -3.16 6.46 8.36
C CYS A 51 -3.02 7.12 7.00
N ALA A 52 -2.72 6.31 5.99
CA ALA A 52 -2.57 6.82 4.63
C ALA A 52 -2.79 5.71 3.60
N PHE A 53 -2.94 6.10 2.34
CA PHE A 53 -3.15 5.13 1.26
C PHE A 53 -2.27 5.46 0.06
N VAL A 54 -1.19 4.69 -0.11
CA VAL A 54 -0.27 4.89 -1.21
C VAL A 54 -0.52 3.88 -2.33
N THR A 55 -0.74 4.39 -3.54
CA THR A 55 -0.99 3.53 -4.70
C THR A 55 0.17 3.57 -5.68
N TYR A 56 0.64 2.41 -6.08
CA TYR A 56 1.75 2.31 -7.02
C TYR A 56 1.25 2.11 -8.45
N GLU A 57 2.01 2.62 -9.42
CA GLU A 57 1.64 2.50 -10.82
C GLU A 57 1.70 1.05 -11.28
N LYS A 58 2.64 0.30 -10.70
CA LYS A 58 2.80 -1.11 -11.06
C LYS A 58 2.50 -2.01 -9.86
N MET A 59 1.40 -2.75 -9.95
CA MET A 59 1.00 -3.65 -8.87
C MET A 59 2.21 -4.26 -8.19
N GLU A 60 3.15 -4.77 -9.00
CA GLU A 60 4.36 -5.39 -8.47
C GLU A 60 4.82 -4.67 -7.21
N SER A 61 4.96 -3.35 -7.30
CA SER A 61 5.41 -2.54 -6.17
C SER A 61 4.55 -2.82 -4.94
N ALA A 62 3.24 -2.87 -5.14
CA ALA A 62 2.32 -3.12 -4.05
C ALA A 62 2.89 -4.12 -3.05
N ASP A 63 3.10 -5.35 -3.52
CA ASP A 63 3.64 -6.40 -2.67
C ASP A 63 5.04 -6.02 -2.16
N GLN A 64 5.87 -5.49 -3.05
CA GLN A 64 7.21 -5.08 -2.69
C GLN A 64 7.21 -4.23 -1.42
N ALA A 65 6.54 -3.09 -1.48
CA ALA A 65 6.45 -2.19 -0.34
C ALA A 65 5.96 -2.93 0.91
N VAL A 66 4.73 -3.43 0.84
CA VAL A 66 4.15 -4.16 1.96
C VAL A 66 5.08 -5.27 2.45
N ALA A 67 6.03 -5.66 1.59
CA ALA A 67 6.98 -6.70 1.93
C ALA A 67 8.20 -6.12 2.65
N GLU A 68 8.63 -4.95 2.21
CA GLU A 68 9.78 -4.29 2.81
C GLU A 68 9.34 -3.22 3.82
N LEU A 69 8.54 -2.28 3.36
CA LEU A 69 8.04 -1.21 4.22
C LEU A 69 7.38 -1.78 5.47
N ASN A 70 6.64 -2.86 5.30
CA ASN A 70 5.96 -3.51 6.42
C ASN A 70 6.82 -3.46 7.68
N GLY A 71 6.32 -2.77 8.69
CA GLY A 71 7.06 -2.65 9.94
C GLY A 71 8.47 -2.15 9.74
N THR A 72 8.62 -1.16 8.86
CA THR A 72 9.92 -0.58 8.58
C THR A 72 10.15 0.69 9.40
N GLN A 73 11.42 1.03 9.62
CA GLN A 73 11.78 2.21 10.37
C GLN A 73 12.44 3.26 9.49
N VAL A 74 11.65 4.20 8.99
CA VAL A 74 12.16 5.25 8.13
C VAL A 74 11.97 6.62 8.76
N GLU A 75 12.97 7.49 8.62
CA GLU A 75 12.89 8.83 9.18
C GLU A 75 12.52 8.79 10.66
N SER A 76 12.98 7.75 11.35
CA SER A 76 12.70 7.59 12.77
C SER A 76 11.19 7.43 13.01
N VAL A 77 10.51 6.82 12.04
CA VAL A 77 9.08 6.61 12.14
C VAL A 77 8.69 5.22 11.64
N GLN A 78 8.18 4.39 12.55
CA GLN A 78 7.77 3.03 12.20
C GLN A 78 6.53 3.05 11.33
N LEU A 79 6.70 2.71 10.05
CA LEU A 79 5.59 2.68 9.11
C LEU A 79 5.02 1.27 8.98
N LYS A 80 3.70 1.17 8.87
CA LYS A 80 3.04 -0.12 8.73
C LYS A 80 2.21 -0.17 7.44
N VAL A 81 2.70 -0.94 6.47
CA VAL A 81 2.02 -1.08 5.19
C VAL A 81 1.34 -2.45 5.07
N ASN A 82 0.18 -2.47 4.44
CA ASN A 82 -0.57 -3.72 4.25
C ASN A 82 -1.42 -3.66 2.99
N ILE A 83 -1.45 -4.76 2.25
CA ILE A 83 -2.22 -4.84 1.03
C ILE A 83 -3.73 -4.75 1.31
N ALA A 84 -4.27 -3.54 1.15
CA ALA A 84 -5.70 -3.31 1.39
C ALA A 84 -6.53 -4.49 0.90
N ARG A 85 -7.74 -4.62 1.44
CA ARG A 85 -8.64 -5.70 1.05
C ARG A 85 -9.87 -5.15 0.34
N LYS A 86 -10.40 -4.05 0.85
CA LYS A 86 -11.58 -3.43 0.26
C LYS A 86 -11.18 -2.35 -0.75
N GLN A 87 -10.24 -2.68 -1.63
CA GLN A 87 -9.78 -1.74 -2.63
C GLN A 87 -10.17 -2.19 -4.04
N PRO A 88 -11.44 -1.96 -4.40
CA PRO A 88 -11.98 -2.33 -5.71
C PRO A 88 -11.39 -1.49 -6.84
N MET A 89 -11.80 -1.80 -8.07
CA MET A 89 -11.32 -1.06 -9.23
C MET A 89 -11.40 0.44 -9.01
N LEU A 90 -10.26 1.08 -8.80
CA LEU A 90 -10.21 2.52 -8.58
C LEU A 90 -9.65 3.25 -9.80
N ASP A 91 -10.54 3.70 -10.67
CA ASP A 91 -10.14 4.42 -11.87
C ASP A 91 -11.27 5.30 -12.38
N SER A 92 -10.95 6.55 -12.68
CA SER A 92 -11.94 7.50 -13.18
C SER A 92 -11.50 8.09 -14.52
N GLY A 93 -12.43 8.77 -15.19
CA GLY A 93 -12.12 9.37 -16.48
C GLY A 93 -12.86 8.70 -17.61
N PRO A 94 -12.55 9.11 -18.85
CA PRO A 94 -13.18 8.57 -20.05
C PRO A 94 -12.76 7.13 -20.33
N SER A 95 -13.60 6.18 -19.93
CA SER A 95 -13.31 4.77 -20.13
C SER A 95 -11.90 4.43 -19.64
N SER A 96 -11.56 4.91 -18.46
CA SER A 96 -10.25 4.66 -17.88
C SER A 96 -10.01 3.17 -17.67
N GLY A 97 -11.04 2.48 -17.19
CA GLY A 97 -10.93 1.06 -16.95
C GLY A 97 -10.71 0.27 -18.22
N GLY A 1 2.68 -22.88 24.51
CA GLY A 1 3.33 -24.11 24.09
C GLY A 1 3.76 -24.09 22.64
N SER A 2 4.31 -22.96 22.21
CA SER A 2 4.76 -22.81 20.83
C SER A 2 5.80 -21.70 20.71
N SER A 3 6.84 -21.95 19.92
CA SER A 3 7.91 -20.98 19.72
C SER A 3 8.14 -20.73 18.24
N GLY A 4 7.96 -19.48 17.83
CA GLY A 4 8.16 -19.12 16.43
C GLY A 4 6.87 -18.78 15.73
N SER A 5 6.63 -19.40 14.58
CA SER A 5 5.42 -19.15 13.80
C SER A 5 4.36 -20.21 14.10
N SER A 6 3.10 -19.84 13.87
CA SER A 6 2.00 -20.76 14.11
C SER A 6 1.11 -20.87 12.88
N GLY A 7 1.29 -21.95 12.13
CA GLY A 7 0.50 -22.16 10.92
C GLY A 7 0.44 -20.93 10.05
N GLU A 8 1.46 -20.74 9.22
CA GLU A 8 1.52 -19.59 8.32
C GLU A 8 0.57 -19.77 7.15
N ARG A 9 -0.54 -19.03 7.18
CA ARG A 9 -1.54 -19.09 6.11
C ARG A 9 -1.10 -18.30 4.90
N ARG A 10 -1.06 -18.94 3.74
CA ARG A 10 -0.65 -18.29 2.50
C ARG A 10 -1.41 -16.97 2.31
N ALA A 11 -1.01 -16.22 1.29
CA ALA A 11 -1.66 -14.95 0.99
C ALA A 11 -1.53 -14.59 -0.49
N PRO A 12 -2.54 -13.90 -1.02
CA PRO A 12 -2.56 -13.48 -2.42
C PRO A 12 -1.52 -12.41 -2.73
N ARG A 13 -0.96 -12.46 -3.93
CA ARG A 13 0.05 -11.49 -4.34
C ARG A 13 -0.44 -10.67 -5.53
N LYS A 14 -1.33 -9.72 -5.25
CA LYS A 14 -1.88 -8.86 -6.29
C LYS A 14 -2.57 -7.64 -5.69
N GLY A 15 -2.28 -6.47 -6.24
CA GLY A 15 -2.88 -5.24 -5.74
C GLY A 15 -2.11 -4.01 -6.17
N ASN A 16 -2.75 -2.85 -6.06
CA ASN A 16 -2.11 -1.59 -6.45
C ASN A 16 -2.06 -0.62 -5.27
N THR A 17 -3.11 -0.61 -4.47
CA THR A 17 -3.18 0.26 -3.30
C THR A 17 -2.53 -0.39 -2.09
N LEU A 18 -2.09 0.43 -1.14
CA LEU A 18 -1.45 -0.07 0.07
C LEU A 18 -1.89 0.73 1.29
N TYR A 19 -2.41 0.04 2.30
CA TYR A 19 -2.86 0.69 3.52
C TYR A 19 -1.70 0.96 4.46
N VAL A 20 -1.28 2.23 4.53
CA VAL A 20 -0.17 2.62 5.40
C VAL A 20 -0.69 3.18 6.72
N TYR A 21 0.10 2.98 7.78
CA TYR A 21 -0.28 3.47 9.10
C TYR A 21 0.93 4.02 9.84
N GLY A 22 0.79 5.22 10.41
CA GLY A 22 1.87 5.83 11.14
C GLY A 22 1.39 6.68 12.29
N GLU A 23 2.32 7.34 12.98
CA GLU A 23 1.98 8.19 14.11
C GLU A 23 2.58 9.58 13.95
N ASP A 24 3.87 9.62 13.64
CA ASP A 24 4.58 10.89 13.45
C ASP A 24 5.12 11.01 12.04
N MET A 25 4.30 10.64 11.06
CA MET A 25 4.70 10.70 9.66
C MET A 25 3.84 11.70 8.89
N THR A 26 4.39 12.25 7.82
CA THR A 26 3.68 13.23 7.00
C THR A 26 3.64 12.80 5.53
N PRO A 27 2.65 13.31 4.80
CA PRO A 27 2.48 13.00 3.37
C PRO A 27 3.79 13.14 2.59
N THR A 28 4.37 14.33 2.60
CA THR A 28 5.62 14.59 1.89
C THR A 28 6.65 13.52 2.21
N LEU A 29 6.58 12.98 3.42
CA LEU A 29 7.52 11.95 3.86
C LEU A 29 7.28 10.64 3.11
N LEU A 30 6.04 10.17 3.13
CA LEU A 30 5.67 8.94 2.45
C LEU A 30 5.98 9.02 0.96
N ARG A 31 5.97 10.24 0.42
CA ARG A 31 6.25 10.46 -0.99
C ARG A 31 7.68 10.02 -1.33
N GLY A 32 8.62 10.41 -0.49
CA GLY A 32 10.01 10.06 -0.72
C GLY A 32 10.37 8.70 -0.13
N ALA A 33 9.44 8.11 0.62
CA ALA A 33 9.66 6.81 1.24
C ALA A 33 9.08 5.69 0.38
N PHE A 34 7.95 5.98 -0.26
CA PHE A 34 7.29 4.99 -1.11
C PHE A 34 7.75 5.12 -2.55
N SER A 35 8.29 6.28 -2.89
CA SER A 35 8.78 6.53 -4.25
C SER A 35 9.86 5.54 -4.63
N PRO A 36 10.83 5.34 -3.71
CA PRO A 36 11.94 4.41 -3.93
C PRO A 36 11.49 3.06 -4.46
N PHE A 37 10.24 2.71 -4.16
CA PHE A 37 9.67 1.43 -4.60
C PHE A 37 9.08 1.56 -6.00
N GLY A 38 8.62 2.76 -6.33
CA GLY A 38 8.03 3.00 -7.64
C GLY A 38 7.52 4.42 -7.80
N ASN A 39 6.34 4.57 -8.38
CA ASN A 39 5.75 5.88 -8.60
C ASN A 39 4.41 6.00 -7.87
N ILE A 40 4.27 7.06 -7.08
CA ILE A 40 3.04 7.29 -6.33
C ILE A 40 2.05 8.13 -7.13
N ILE A 41 1.00 7.49 -7.62
CA ILE A 41 -0.02 8.17 -8.41
C ILE A 41 -1.18 8.62 -7.52
N ASP A 42 -1.33 7.98 -6.37
CA ASP A 42 -2.39 8.32 -5.44
C ASP A 42 -1.93 8.14 -4.00
N LEU A 43 -1.79 9.24 -3.28
CA LEU A 43 -1.35 9.21 -1.89
C LEU A 43 -2.21 10.13 -1.03
N SER A 44 -3.04 9.53 -0.18
CA SER A 44 -3.92 10.30 0.70
C SER A 44 -3.57 10.04 2.16
N MET A 45 -3.50 11.11 2.94
CA MET A 45 -3.18 11.00 4.37
C MET A 45 -4.34 11.49 5.22
N ASP A 46 -4.74 10.67 6.19
CA ASP A 46 -5.84 11.03 7.07
C ASP A 46 -5.39 11.04 8.53
N PRO A 47 -5.03 12.24 9.03
CA PRO A 47 -4.56 12.41 10.41
C PRO A 47 -5.47 11.73 11.42
N PRO A 48 -6.80 11.87 11.23
CA PRO A 48 -7.79 11.27 12.10
C PRO A 48 -7.50 9.80 12.40
N ARG A 49 -7.30 9.03 11.34
CA ARG A 49 -7.02 7.60 11.48
C ARG A 49 -5.51 7.34 11.42
N ASN A 50 -4.73 8.41 11.54
CA ASN A 50 -3.27 8.30 11.51
C ASN A 50 -2.83 7.26 10.49
N CYS A 51 -3.54 7.19 9.37
CA CYS A 51 -3.22 6.25 8.31
C CYS A 51 -3.20 6.93 6.95
N ALA A 52 -2.75 6.21 5.93
CA ALA A 52 -2.68 6.75 4.58
C ALA A 52 -2.84 5.65 3.54
N PHE A 53 -3.10 6.05 2.29
CA PHE A 53 -3.28 5.10 1.20
C PHE A 53 -2.38 5.44 0.03
N VAL A 54 -1.29 4.70 -0.10
CA VAL A 54 -0.34 4.92 -1.19
C VAL A 54 -0.56 3.94 -2.33
N THR A 55 -0.79 4.48 -3.52
CA THR A 55 -1.03 3.65 -4.70
C THR A 55 0.17 3.67 -5.64
N TYR A 56 0.54 2.50 -6.14
CA TYR A 56 1.67 2.38 -7.06
C TYR A 56 1.20 2.20 -8.50
N GLU A 57 1.92 2.82 -9.44
CA GLU A 57 1.56 2.72 -10.84
C GLU A 57 1.43 1.27 -11.28
N LYS A 58 2.26 0.40 -10.71
CA LYS A 58 2.23 -1.02 -11.02
C LYS A 58 1.78 -1.84 -9.82
N MET A 59 1.46 -3.11 -10.06
CA MET A 59 1.02 -4.00 -8.99
C MET A 59 2.21 -4.59 -8.25
N GLU A 60 3.29 -4.85 -8.98
CA GLU A 60 4.49 -5.42 -8.38
C GLU A 60 4.88 -4.68 -7.11
N SER A 61 4.96 -3.34 -7.22
CA SER A 61 5.32 -2.52 -6.08
C SER A 61 4.46 -2.84 -4.86
N ALA A 62 3.14 -2.88 -5.07
CA ALA A 62 2.21 -3.18 -4.00
C ALA A 62 2.77 -4.26 -3.07
N ASP A 63 3.06 -5.42 -3.64
CA ASP A 63 3.61 -6.53 -2.86
C ASP A 63 5.00 -6.19 -2.31
N GLN A 64 5.78 -5.48 -3.12
CA GLN A 64 7.13 -5.09 -2.71
C GLN A 64 7.10 -4.26 -1.43
N ALA A 65 6.52 -3.07 -1.51
CA ALA A 65 6.43 -2.19 -0.35
C ALA A 65 5.91 -2.95 0.87
N VAL A 66 4.74 -3.57 0.73
CA VAL A 66 4.14 -4.33 1.82
C VAL A 66 5.12 -5.35 2.37
N ALA A 67 6.15 -5.65 1.61
CA ALA A 67 7.16 -6.62 2.03
C ALA A 67 8.31 -5.94 2.76
N GLU A 68 8.70 -4.77 2.28
CA GLU A 68 9.79 -4.01 2.89
C GLU A 68 9.24 -2.93 3.83
N LEU A 69 8.43 -2.04 3.27
CA LEU A 69 7.83 -0.95 4.05
C LEU A 69 7.05 -1.50 5.24
N ASN A 70 6.80 -2.81 5.22
CA ASN A 70 6.05 -3.46 6.30
C ASN A 70 6.89 -3.52 7.58
N GLY A 71 6.42 -2.83 8.61
CA GLY A 71 7.15 -2.82 9.87
C GLY A 71 8.49 -2.14 9.78
N THR A 72 8.70 -1.41 8.68
CA THR A 72 9.96 -0.70 8.46
C THR A 72 10.01 0.59 9.27
N GLN A 73 11.22 1.02 9.60
CA GLN A 73 11.40 2.25 10.37
C GLN A 73 12.12 3.30 9.55
N VAL A 74 11.35 4.19 8.92
CA VAL A 74 11.91 5.26 8.10
C VAL A 74 11.69 6.62 8.75
N GLU A 75 12.70 7.48 8.64
CA GLU A 75 12.61 8.82 9.22
C GLU A 75 12.29 8.75 10.70
N SER A 76 12.81 7.72 11.37
CA SER A 76 12.56 7.54 12.80
C SER A 76 11.08 7.34 13.07
N VAL A 77 10.37 6.77 12.10
CA VAL A 77 8.94 6.52 12.24
C VAL A 77 8.58 5.15 11.67
N GLN A 78 8.07 4.28 12.54
CA GLN A 78 7.68 2.94 12.13
C GLN A 78 6.45 2.97 11.23
N LEU A 79 6.66 2.73 9.94
CA LEU A 79 5.56 2.74 8.97
C LEU A 79 4.99 1.34 8.78
N LYS A 80 3.67 1.22 8.87
CA LYS A 80 3.01 -0.07 8.70
C LYS A 80 2.21 -0.10 7.40
N VAL A 81 2.69 -0.85 6.42
CA VAL A 81 2.01 -0.96 5.13
C VAL A 81 1.39 -2.34 4.95
N ASN A 82 0.15 -2.36 4.47
CA ASN A 82 -0.56 -3.62 4.25
C ASN A 82 -1.32 -3.59 2.94
N ILE A 83 -1.58 -4.77 2.38
CA ILE A 83 -2.30 -4.88 1.12
C ILE A 83 -3.76 -4.51 1.29
N ALA A 84 -4.09 -3.26 0.99
CA ALA A 84 -5.46 -2.77 1.10
C ALA A 84 -6.46 -3.82 0.63
N ARG A 85 -7.34 -4.22 1.53
CA ARG A 85 -8.35 -5.23 1.20
C ARG A 85 -9.62 -4.58 0.66
N LYS A 86 -9.44 -3.47 -0.06
CA LYS A 86 -10.56 -2.76 -0.65
C LYS A 86 -10.43 -2.68 -2.17
N GLN A 87 -9.92 -3.74 -2.76
CA GLN A 87 -9.74 -3.79 -4.21
C GLN A 87 -10.42 -5.02 -4.80
N PRO A 88 -11.73 -4.91 -5.05
CA PRO A 88 -12.54 -6.00 -5.62
C PRO A 88 -12.17 -6.27 -7.08
N MET A 89 -12.92 -7.19 -7.70
CA MET A 89 -12.68 -7.54 -9.09
C MET A 89 -13.18 -6.45 -10.03
N LEU A 90 -12.25 -5.81 -10.72
CA LEU A 90 -12.60 -4.74 -11.66
C LEU A 90 -12.29 -5.15 -13.10
N ASP A 91 -13.15 -5.97 -13.67
CA ASP A 91 -12.97 -6.44 -15.04
C ASP A 91 -13.25 -5.31 -16.03
N SER A 92 -12.28 -5.04 -16.89
CA SER A 92 -12.42 -3.99 -17.89
C SER A 92 -13.28 -4.46 -19.06
N GLY A 93 -13.64 -3.53 -19.95
CA GLY A 93 -14.45 -3.87 -21.10
C GLY A 93 -13.63 -4.15 -22.33
N PRO A 94 -14.30 -4.50 -23.44
CA PRO A 94 -13.64 -4.80 -24.71
C PRO A 94 -13.03 -3.57 -25.35
N SER A 95 -13.82 -2.50 -25.45
CA SER A 95 -13.36 -1.26 -26.05
C SER A 95 -12.08 -0.78 -25.39
N SER A 96 -11.54 0.33 -25.89
CA SER A 96 -10.31 0.89 -25.35
C SER A 96 -10.20 2.37 -25.67
N GLY A 97 -9.22 3.04 -25.06
CA GLY A 97 -9.03 4.46 -25.29
C GLY A 97 -10.32 5.26 -25.14
N GLY A 1 4.33 -40.37 -7.40
CA GLY A 1 3.12 -40.32 -6.63
C GLY A 1 3.03 -39.06 -5.78
N SER A 2 3.83 -39.01 -4.71
CA SER A 2 3.83 -37.86 -3.83
C SER A 2 5.20 -37.18 -3.81
N SER A 3 5.46 -36.36 -4.81
CA SER A 3 6.73 -35.65 -4.92
C SER A 3 6.55 -34.16 -4.66
N GLY A 4 6.77 -33.76 -3.42
CA GLY A 4 6.63 -32.35 -3.05
C GLY A 4 5.60 -32.14 -1.97
N SER A 5 5.48 -30.90 -1.50
CA SER A 5 4.53 -30.56 -0.45
C SER A 5 3.64 -29.40 -0.88
N SER A 6 2.34 -29.67 -0.97
CA SER A 6 1.38 -28.65 -1.37
C SER A 6 -0.05 -29.15 -1.18
N GLY A 7 -1.02 -28.29 -1.48
CA GLY A 7 -2.41 -28.66 -1.33
C GLY A 7 -3.31 -27.97 -2.34
N GLU A 8 -4.49 -27.54 -1.90
CA GLU A 8 -5.43 -26.86 -2.77
C GLU A 8 -4.79 -25.65 -3.43
N ARG A 9 -4.58 -25.74 -4.74
CA ARG A 9 -3.97 -24.64 -5.49
C ARG A 9 -4.60 -23.30 -5.11
N ARG A 10 -3.76 -22.33 -4.79
CA ARG A 10 -4.23 -21.00 -4.41
C ARG A 10 -4.26 -20.07 -5.61
N ALA A 11 -4.86 -18.90 -5.43
CA ALA A 11 -4.96 -17.91 -6.50
C ALA A 11 -3.96 -16.78 -6.29
N PRO A 12 -3.39 -16.27 -7.40
CA PRO A 12 -2.42 -15.18 -7.35
C PRO A 12 -3.04 -13.85 -6.96
N ARG A 13 -2.68 -13.35 -5.78
CA ARG A 13 -3.20 -12.08 -5.29
C ARG A 13 -2.72 -10.92 -6.15
N LYS A 14 -3.38 -9.78 -6.01
CA LYS A 14 -3.02 -8.58 -6.76
C LYS A 14 -3.62 -7.33 -6.14
N GLY A 15 -2.92 -6.21 -6.27
CA GLY A 15 -3.41 -4.97 -5.70
C GLY A 15 -2.55 -3.78 -6.10
N ASN A 16 -3.17 -2.61 -6.22
CA ASN A 16 -2.46 -1.40 -6.59
C ASN A 16 -2.34 -0.45 -5.42
N THR A 17 -3.39 -0.40 -4.59
CA THR A 17 -3.42 0.47 -3.42
C THR A 17 -2.77 -0.21 -2.22
N LEU A 18 -2.28 0.59 -1.29
CA LEU A 18 -1.63 0.06 -0.09
C LEU A 18 -2.03 0.88 1.14
N TYR A 19 -2.50 0.19 2.18
CA TYR A 19 -2.92 0.85 3.41
C TYR A 19 -1.73 1.05 4.34
N VAL A 20 -1.34 2.31 4.54
CA VAL A 20 -0.22 2.64 5.41
C VAL A 20 -0.70 3.17 6.76
N TYR A 21 0.09 2.95 7.79
CA TYR A 21 -0.26 3.40 9.13
C TYR A 21 0.93 4.09 9.79
N GLY A 22 0.64 5.11 10.60
CA GLY A 22 1.69 5.84 11.29
C GLY A 22 1.15 6.71 12.42
N GLU A 23 2.05 7.41 13.10
CA GLU A 23 1.66 8.27 14.20
C GLU A 23 2.34 9.63 14.09
N ASP A 24 3.60 9.63 13.69
CA ASP A 24 4.36 10.87 13.54
C ASP A 24 4.93 10.99 12.13
N MET A 25 4.13 10.62 11.14
CA MET A 25 4.55 10.68 9.74
C MET A 25 3.72 11.70 8.97
N THR A 26 4.27 12.19 7.86
CA THR A 26 3.57 13.16 7.03
C THR A 26 3.59 12.76 5.56
N PRO A 27 2.61 13.24 4.79
CA PRO A 27 2.50 12.95 3.36
C PRO A 27 3.83 13.13 2.63
N THR A 28 4.39 14.34 2.71
CA THR A 28 5.66 14.64 2.06
C THR A 28 6.69 13.55 2.32
N LEU A 29 6.62 12.95 3.50
CA LEU A 29 7.55 11.89 3.87
C LEU A 29 7.27 10.62 3.08
N LEU A 30 6.01 10.20 3.07
CA LEU A 30 5.61 9.00 2.34
C LEU A 30 5.93 9.13 0.86
N ARG A 31 5.98 10.37 0.36
CA ARG A 31 6.27 10.62 -1.04
C ARG A 31 7.69 10.16 -1.39
N GLY A 32 8.64 10.46 -0.51
CA GLY A 32 10.01 10.07 -0.74
C GLY A 32 10.34 8.71 -0.15
N ALA A 33 9.38 8.13 0.56
CA ALA A 33 9.56 6.83 1.18
C ALA A 33 8.98 5.72 0.32
N PHE A 34 7.87 6.01 -0.34
CA PHE A 34 7.20 5.05 -1.20
C PHE A 34 7.66 5.19 -2.65
N SER A 35 8.20 6.36 -2.98
CA SER A 35 8.69 6.63 -4.32
C SER A 35 9.77 5.64 -4.72
N PRO A 36 10.72 5.41 -3.81
CA PRO A 36 11.83 4.48 -4.04
C PRO A 36 11.37 3.14 -4.58
N PHE A 37 10.18 2.71 -4.15
CA PHE A 37 9.62 1.44 -4.61
C PHE A 37 9.00 1.58 -6.00
N GLY A 38 8.39 2.74 -6.25
CA GLY A 38 7.78 2.98 -7.54
C GLY A 38 7.18 4.36 -7.65
N ASN A 39 6.34 4.57 -8.66
CA ASN A 39 5.69 5.86 -8.87
C ASN A 39 4.38 5.95 -8.11
N ILE A 40 4.20 7.04 -7.37
CA ILE A 40 2.98 7.25 -6.59
C ILE A 40 1.96 8.06 -7.39
N ILE A 41 0.88 7.40 -7.78
CA ILE A 41 -0.18 8.04 -8.54
C ILE A 41 -1.31 8.51 -7.62
N ASP A 42 -1.45 7.86 -6.48
CA ASP A 42 -2.49 8.21 -5.51
C ASP A 42 -1.96 8.07 -4.09
N LEU A 43 -1.82 9.20 -3.40
CA LEU A 43 -1.33 9.21 -2.03
C LEU A 43 -2.19 10.11 -1.15
N SER A 44 -2.93 9.50 -0.23
CA SER A 44 -3.80 10.24 0.68
C SER A 44 -3.44 9.96 2.12
N MET A 45 -3.51 11.01 2.95
CA MET A 45 -3.18 10.88 4.37
C MET A 45 -4.35 11.33 5.24
N ASP A 46 -4.66 10.54 6.26
CA ASP A 46 -5.76 10.86 7.16
C ASP A 46 -5.26 11.01 8.60
N PRO A 47 -4.99 12.26 9.00
CA PRO A 47 -4.49 12.57 10.34
C PRO A 47 -5.31 11.88 11.43
N PRO A 48 -6.64 11.90 11.28
CA PRO A 48 -7.56 11.28 12.24
C PRO A 48 -7.14 9.87 12.61
N ARG A 49 -7.04 9.01 11.60
CA ARG A 49 -6.64 7.61 11.82
C ARG A 49 -5.14 7.45 11.67
N ASN A 50 -4.41 8.56 11.71
CA ASN A 50 -2.97 8.54 11.57
C ASN A 50 -2.53 7.50 10.54
N CYS A 51 -3.38 7.26 9.56
CA CYS A 51 -3.08 6.29 8.50
C CYS A 51 -2.96 6.97 7.15
N ALA A 52 -2.74 6.16 6.11
CA ALA A 52 -2.60 6.70 4.75
C ALA A 52 -2.85 5.61 3.72
N PHE A 53 -2.85 6.00 2.44
CA PHE A 53 -3.08 5.06 1.36
C PHE A 53 -2.27 5.43 0.12
N VAL A 54 -1.23 4.64 -0.17
CA VAL A 54 -0.38 4.90 -1.32
C VAL A 54 -0.64 3.90 -2.43
N THR A 55 -0.76 4.40 -3.66
CA THR A 55 -1.02 3.56 -4.81
C THR A 55 0.18 3.53 -5.76
N TYR A 56 0.47 2.36 -6.32
CA TYR A 56 1.59 2.22 -7.24
C TYR A 56 1.09 2.00 -8.66
N GLU A 57 1.79 2.59 -9.63
CA GLU A 57 1.42 2.46 -11.03
C GLU A 57 1.43 1.00 -11.46
N LYS A 58 2.18 0.18 -10.74
CA LYS A 58 2.27 -1.24 -11.04
C LYS A 58 1.83 -2.08 -9.84
N MET A 59 1.67 -3.38 -10.06
CA MET A 59 1.27 -4.29 -8.99
C MET A 59 2.47 -4.76 -8.18
N GLU A 60 3.53 -5.16 -8.88
CA GLU A 60 4.75 -5.62 -8.23
C GLU A 60 5.10 -4.73 -7.04
N SER A 61 4.99 -3.43 -7.24
CA SER A 61 5.29 -2.47 -6.19
C SER A 61 4.44 -2.72 -4.95
N ALA A 62 3.13 -2.86 -5.17
CA ALA A 62 2.19 -3.10 -4.06
C ALA A 62 2.74 -4.16 -3.12
N ASP A 63 3.04 -5.35 -3.65
CA ASP A 63 3.57 -6.43 -2.84
C ASP A 63 4.95 -6.09 -2.29
N GLN A 64 5.80 -5.54 -3.14
CA GLN A 64 7.15 -5.16 -2.73
C GLN A 64 7.11 -4.27 -1.49
N ALA A 65 6.54 -3.08 -1.63
CA ALA A 65 6.45 -2.14 -0.52
C ALA A 65 5.94 -2.84 0.74
N VAL A 66 4.71 -3.35 0.67
CA VAL A 66 4.11 -4.04 1.80
C VAL A 66 5.06 -5.10 2.37
N ALA A 67 6.04 -5.49 1.58
CA ALA A 67 7.02 -6.49 1.99
C ALA A 67 8.18 -5.84 2.74
N GLU A 68 8.55 -4.64 2.31
CA GLU A 68 9.66 -3.92 2.94
C GLU A 68 9.14 -2.88 3.93
N LEU A 69 8.31 -1.97 3.45
CA LEU A 69 7.74 -0.93 4.30
C LEU A 69 7.06 -1.54 5.53
N ASN A 70 6.60 -2.78 5.39
CA ASN A 70 5.93 -3.48 6.48
C ASN A 70 6.78 -3.44 7.74
N GLY A 71 6.26 -2.81 8.78
CA GLY A 71 6.98 -2.72 10.04
C GLY A 71 8.35 -2.09 9.88
N THR A 72 8.52 -1.32 8.81
CA THR A 72 9.80 -0.67 8.53
C THR A 72 9.93 0.62 9.34
N GLN A 73 11.17 1.03 9.59
CA GLN A 73 11.44 2.24 10.35
C GLN A 73 12.16 3.28 9.49
N VAL A 74 11.39 4.20 8.91
CA VAL A 74 11.96 5.24 8.07
C VAL A 74 11.76 6.61 8.69
N GLU A 75 12.77 7.48 8.55
CA GLU A 75 12.71 8.82 9.09
C GLU A 75 12.39 8.79 10.59
N SER A 76 12.91 7.77 11.26
CA SER A 76 12.69 7.62 12.70
C SER A 76 11.21 7.40 13.00
N VAL A 77 10.50 6.79 12.06
CA VAL A 77 9.08 6.52 12.22
C VAL A 77 8.72 5.12 11.71
N GLN A 78 8.17 4.30 12.60
CA GLN A 78 7.78 2.94 12.25
C GLN A 78 6.50 2.93 11.43
N LEU A 79 6.64 2.75 10.12
CA LEU A 79 5.49 2.72 9.21
C LEU A 79 4.98 1.30 9.02
N LYS A 80 3.66 1.15 8.95
CA LYS A 80 3.05 -0.15 8.77
C LYS A 80 2.17 -0.18 7.52
N VAL A 81 2.59 -0.93 6.50
CA VAL A 81 1.84 -1.02 5.26
C VAL A 81 1.22 -2.41 5.11
N ASN A 82 0.03 -2.45 4.51
CA ASN A 82 -0.67 -3.72 4.30
C ASN A 82 -1.50 -3.67 3.02
N ILE A 83 -1.69 -4.84 2.41
CA ILE A 83 -2.46 -4.93 1.17
C ILE A 83 -3.95 -4.74 1.44
N ALA A 84 -4.42 -3.51 1.29
CA ALA A 84 -5.83 -3.18 1.51
C ALA A 84 -6.73 -4.28 0.97
N ARG A 85 -7.56 -4.84 1.83
CA ARG A 85 -8.48 -5.91 1.44
C ARG A 85 -9.53 -5.39 0.45
N LYS A 86 -10.13 -4.25 0.78
CA LYS A 86 -11.14 -3.65 -0.07
C LYS A 86 -10.49 -2.73 -1.11
N GLN A 87 -10.34 -3.24 -2.33
CA GLN A 87 -9.74 -2.46 -3.41
C GLN A 87 -10.64 -2.48 -4.65
N PRO A 88 -11.71 -1.66 -4.60
CA PRO A 88 -12.66 -1.55 -5.71
C PRO A 88 -12.06 -0.87 -6.93
N MET A 89 -12.89 -0.66 -7.95
CA MET A 89 -12.44 0.00 -9.18
C MET A 89 -11.12 -0.60 -9.65
N LEU A 90 -10.99 -1.92 -9.52
CA LEU A 90 -9.78 -2.61 -9.95
C LEU A 90 -10.10 -3.66 -11.02
N ASP A 91 -10.95 -4.61 -10.67
CA ASP A 91 -11.35 -5.66 -11.60
C ASP A 91 -11.50 -5.11 -13.02
N SER A 92 -12.18 -3.96 -13.13
CA SER A 92 -12.40 -3.34 -14.42
C SER A 92 -11.15 -3.43 -15.30
N GLY A 93 -11.24 -4.25 -16.35
CA GLY A 93 -10.13 -4.43 -17.25
C GLY A 93 -10.56 -4.87 -18.64
N PRO A 94 -10.93 -3.88 -19.47
CA PRO A 94 -11.38 -4.12 -20.84
C PRO A 94 -10.24 -4.60 -21.75
N SER A 95 -9.04 -4.10 -21.48
CA SER A 95 -7.87 -4.45 -22.27
C SER A 95 -6.87 -5.25 -21.43
N SER A 96 -6.35 -6.34 -22.00
CA SER A 96 -5.39 -7.18 -21.30
C SER A 96 -4.81 -8.22 -22.25
N GLY A 97 -3.56 -8.61 -22.00
CA GLY A 97 -2.91 -9.60 -22.83
C GLY A 97 -3.67 -10.91 -22.88
N GLY A 1 -27.22 -32.68 -11.01
CA GLY A 1 -27.29 -32.14 -12.36
C GLY A 1 -27.11 -30.62 -12.38
N SER A 2 -26.26 -30.16 -13.29
CA SER A 2 -25.99 -28.72 -13.41
C SER A 2 -26.09 -28.27 -14.86
N SER A 3 -26.81 -27.17 -15.09
CA SER A 3 -26.98 -26.64 -16.44
C SER A 3 -25.63 -26.44 -17.11
N GLY A 4 -24.71 -25.77 -16.41
CA GLY A 4 -23.40 -25.53 -16.97
C GLY A 4 -22.55 -24.64 -16.07
N SER A 5 -22.24 -25.14 -14.87
CA SER A 5 -21.44 -24.38 -13.92
C SER A 5 -20.00 -24.88 -13.90
N SER A 6 -19.09 -24.06 -14.40
CA SER A 6 -17.67 -24.43 -14.45
C SER A 6 -16.81 -23.22 -14.83
N GLY A 7 -15.96 -22.80 -13.91
CA GLY A 7 -15.09 -21.66 -14.17
C GLY A 7 -14.97 -20.75 -12.96
N GLU A 8 -13.73 -20.56 -12.50
CA GLU A 8 -13.49 -19.70 -11.35
C GLU A 8 -14.15 -18.34 -11.52
N ARG A 9 -13.85 -17.69 -12.64
CA ARG A 9 -14.41 -16.37 -12.93
C ARG A 9 -14.01 -15.36 -11.87
N ARG A 10 -12.76 -15.45 -11.41
CA ARG A 10 -12.24 -14.55 -10.40
C ARG A 10 -11.04 -13.77 -10.92
N ALA A 11 -11.24 -12.48 -11.19
CA ALA A 11 -10.17 -11.63 -11.69
C ALA A 11 -8.86 -11.88 -10.94
N PRO A 12 -7.74 -11.81 -11.68
CA PRO A 12 -6.41 -12.04 -11.10
C PRO A 12 -5.99 -10.90 -10.17
N ARG A 13 -6.21 -11.11 -8.87
CA ARG A 13 -5.86 -10.10 -7.87
C ARG A 13 -4.49 -9.48 -8.19
N LYS A 14 -4.47 -8.17 -8.32
CA LYS A 14 -3.23 -7.45 -8.61
C LYS A 14 -2.80 -6.59 -7.43
N GLY A 15 -3.74 -5.80 -6.91
CA GLY A 15 -3.44 -4.94 -5.78
C GLY A 15 -2.58 -3.75 -6.16
N ASN A 16 -3.15 -2.56 -6.05
CA ASN A 16 -2.44 -1.34 -6.40
C ASN A 16 -2.32 -0.41 -5.18
N THR A 17 -3.38 -0.34 -4.40
CA THR A 17 -3.40 0.50 -3.20
C THR A 17 -2.78 -0.21 -2.02
N LEU A 18 -2.21 0.57 -1.10
CA LEU A 18 -1.58 0.01 0.09
C LEU A 18 -1.95 0.81 1.33
N TYR A 19 -2.46 0.13 2.35
CA TYR A 19 -2.85 0.78 3.59
C TYR A 19 -1.63 1.02 4.49
N VAL A 20 -1.37 2.28 4.78
CA VAL A 20 -0.23 2.65 5.63
C VAL A 20 -0.71 3.27 6.94
N TYR A 21 -0.01 2.95 8.02
CA TYR A 21 -0.36 3.47 9.34
C TYR A 21 0.88 4.00 10.07
N GLY A 22 0.83 5.25 10.48
CA GLY A 22 1.95 5.86 11.18
C GLY A 22 1.51 6.71 12.35
N GLU A 23 2.47 7.38 12.99
CA GLU A 23 2.17 8.23 14.13
C GLU A 23 2.86 9.59 13.99
N ASP A 24 4.10 9.58 13.53
CA ASP A 24 4.86 10.80 13.34
C ASP A 24 5.34 10.93 11.90
N MET A 25 4.46 10.62 10.96
CA MET A 25 4.80 10.70 9.54
C MET A 25 3.90 11.70 8.82
N THR A 26 4.42 12.29 7.75
CA THR A 26 3.67 13.27 6.98
C THR A 26 3.54 12.83 5.52
N PRO A 27 2.52 13.38 4.83
CA PRO A 27 2.26 13.06 3.42
C PRO A 27 3.53 13.14 2.57
N THR A 28 4.19 14.30 2.60
CA THR A 28 5.41 14.50 1.84
C THR A 28 6.47 13.47 2.20
N LEU A 29 6.45 13.01 3.45
CA LEU A 29 7.41 12.02 3.93
C LEU A 29 7.21 10.69 3.20
N LEU A 30 5.96 10.24 3.11
CA LEU A 30 5.65 8.99 2.44
C LEU A 30 5.98 9.06 0.96
N ARG A 31 5.89 10.26 0.39
CA ARG A 31 6.19 10.47 -1.03
C ARG A 31 7.60 9.99 -1.35
N GLY A 32 8.54 10.28 -0.46
CA GLY A 32 9.92 9.86 -0.68
C GLY A 32 10.23 8.52 -0.06
N ALA A 33 9.28 7.98 0.69
CA ALA A 33 9.45 6.69 1.33
C ALA A 33 8.92 5.55 0.46
N PHE A 34 7.86 5.84 -0.29
CA PHE A 34 7.26 4.84 -1.17
C PHE A 34 7.80 4.99 -2.60
N SER A 35 8.17 6.20 -2.97
CA SER A 35 8.69 6.47 -4.30
C SER A 35 9.82 5.51 -4.65
N PRO A 36 10.75 5.32 -3.69
CA PRO A 36 11.90 4.43 -3.88
C PRO A 36 11.49 3.06 -4.42
N PHE A 37 10.21 2.72 -4.26
CA PHE A 37 9.70 1.45 -4.74
C PHE A 37 9.14 1.59 -6.16
N GLY A 38 8.53 2.72 -6.44
CA GLY A 38 7.98 2.96 -7.76
C GLY A 38 7.44 4.37 -7.92
N ASN A 39 6.27 4.49 -8.53
CA ASN A 39 5.65 5.79 -8.76
C ASN A 39 4.32 5.90 -8.02
N ILE A 40 4.20 6.90 -7.15
CA ILE A 40 2.98 7.11 -6.39
C ILE A 40 1.95 7.89 -7.21
N ILE A 41 0.93 7.20 -7.70
CA ILE A 41 -0.12 7.83 -8.48
C ILE A 41 -1.27 8.31 -7.59
N ASP A 42 -1.32 7.79 -6.36
CA ASP A 42 -2.36 8.16 -5.42
C ASP A 42 -1.85 8.05 -3.99
N LEU A 43 -1.69 9.18 -3.33
CA LEU A 43 -1.22 9.20 -1.94
C LEU A 43 -2.07 10.14 -1.09
N SER A 44 -2.86 9.56 -0.19
CA SER A 44 -3.72 10.34 0.69
C SER A 44 -3.38 10.09 2.16
N MET A 45 -3.57 11.11 2.98
CA MET A 45 -3.27 11.00 4.41
C MET A 45 -4.50 11.38 5.24
N ASP A 46 -4.71 10.66 6.34
CA ASP A 46 -5.83 10.93 7.23
C ASP A 46 -5.37 11.04 8.68
N PRO A 47 -5.14 12.28 9.13
CA PRO A 47 -4.70 12.55 10.50
C PRO A 47 -5.53 11.81 11.53
N PRO A 48 -6.85 11.81 11.34
CA PRO A 48 -7.79 11.13 12.25
C PRO A 48 -7.35 9.71 12.59
N ARG A 49 -7.33 8.85 11.58
CA ARG A 49 -6.94 7.45 11.76
C ARG A 49 -5.42 7.30 11.64
N ASN A 50 -4.74 8.43 11.41
CA ASN A 50 -3.29 8.41 11.28
C ASN A 50 -2.84 7.34 10.29
N CYS A 51 -3.45 7.35 9.11
CA CYS A 51 -3.12 6.38 8.08
C CYS A 51 -2.96 7.06 6.72
N ALA A 52 -2.56 6.29 5.71
CA ALA A 52 -2.37 6.82 4.37
C ALA A 52 -2.55 5.73 3.32
N PHE A 53 -2.97 6.13 2.12
CA PHE A 53 -3.18 5.19 1.03
C PHE A 53 -2.23 5.48 -0.13
N VAL A 54 -1.19 4.67 -0.25
CA VAL A 54 -0.21 4.84 -1.32
C VAL A 54 -0.43 3.82 -2.43
N THR A 55 -0.74 4.33 -3.62
CA THR A 55 -0.98 3.47 -4.78
C THR A 55 0.19 3.52 -5.75
N TYR A 56 0.60 2.35 -6.24
CA TYR A 56 1.71 2.26 -7.17
C TYR A 56 1.21 2.06 -8.60
N GLU A 57 1.92 2.64 -9.56
CA GLU A 57 1.55 2.52 -10.97
C GLU A 57 1.52 1.06 -11.41
N LYS A 58 2.19 0.21 -10.64
CA LYS A 58 2.25 -1.21 -10.94
C LYS A 58 1.86 -2.05 -9.73
N MET A 59 1.43 -3.29 -9.99
CA MET A 59 1.03 -4.19 -8.92
C MET A 59 2.25 -4.79 -8.23
N GLU A 60 3.34 -4.95 -8.98
CA GLU A 60 4.57 -5.50 -8.45
C GLU A 60 5.08 -4.67 -7.28
N SER A 61 4.88 -3.36 -7.36
CA SER A 61 5.33 -2.45 -6.31
C SER A 61 4.50 -2.62 -5.05
N ALA A 62 3.20 -2.87 -5.23
CA ALA A 62 2.30 -3.06 -4.10
C ALA A 62 2.82 -4.13 -3.15
N ASP A 63 3.11 -5.31 -3.68
CA ASP A 63 3.61 -6.42 -2.89
C ASP A 63 4.98 -6.09 -2.31
N GLN A 64 5.87 -5.57 -3.15
CA GLN A 64 7.22 -5.21 -2.71
C GLN A 64 7.17 -4.31 -1.48
N ALA A 65 6.60 -3.12 -1.64
CA ALA A 65 6.50 -2.18 -0.54
C ALA A 65 5.98 -2.85 0.72
N VAL A 66 4.77 -3.39 0.65
CA VAL A 66 4.18 -4.07 1.79
C VAL A 66 5.13 -5.12 2.37
N ALA A 67 6.08 -5.54 1.56
CA ALA A 67 7.06 -6.54 1.99
C ALA A 67 8.25 -5.89 2.70
N GLU A 68 8.63 -4.70 2.22
CA GLU A 68 9.75 -3.97 2.80
C GLU A 68 9.26 -2.91 3.77
N LEU A 69 8.43 -2.00 3.28
CA LEU A 69 7.88 -0.92 4.10
C LEU A 69 7.19 -1.49 5.33
N ASN A 70 6.80 -2.75 5.27
CA ASN A 70 6.13 -3.41 6.38
C ASN A 70 7.03 -3.48 7.60
N GLY A 71 6.60 -2.84 8.69
CA GLY A 71 7.39 -2.86 9.91
C GLY A 71 8.70 -2.11 9.75
N THR A 72 8.84 -1.35 8.67
CA THR A 72 10.05 -0.60 8.41
C THR A 72 10.13 0.64 9.29
N GLN A 73 11.34 1.16 9.46
CA GLN A 73 11.55 2.35 10.29
C GLN A 73 12.17 3.47 9.47
N VAL A 74 11.33 4.36 8.96
CA VAL A 74 11.81 5.49 8.17
C VAL A 74 11.59 6.81 8.89
N GLU A 75 12.55 7.72 8.75
CA GLU A 75 12.45 9.02 9.41
C GLU A 75 12.15 8.88 10.90
N SER A 76 12.78 7.88 11.52
CA SER A 76 12.59 7.63 12.94
C SER A 76 11.12 7.36 13.24
N VAL A 77 10.40 6.81 12.26
CA VAL A 77 8.99 6.50 12.43
C VAL A 77 8.65 5.14 11.81
N GLN A 78 8.19 4.22 12.64
CA GLN A 78 7.83 2.89 12.19
C GLN A 78 6.57 2.93 11.32
N LEU A 79 6.73 2.66 10.04
CA LEU A 79 5.62 2.67 9.10
C LEU A 79 5.05 1.27 8.92
N LYS A 80 3.73 1.15 8.99
CA LYS A 80 3.06 -0.13 8.83
C LYS A 80 2.20 -0.15 7.57
N VAL A 81 2.67 -0.87 6.55
CA VAL A 81 1.95 -0.97 5.29
C VAL A 81 1.28 -2.32 5.14
N ASN A 82 0.15 -2.35 4.43
CA ASN A 82 -0.58 -3.59 4.22
C ASN A 82 -1.38 -3.54 2.93
N ILE A 83 -1.56 -4.69 2.29
CA ILE A 83 -2.31 -4.77 1.04
C ILE A 83 -3.79 -4.50 1.26
N ALA A 84 -4.19 -3.25 1.06
CA ALA A 84 -5.58 -2.85 1.24
C ALA A 84 -6.53 -3.96 0.77
N ARG A 85 -7.15 -4.64 1.72
CA ARG A 85 -8.07 -5.72 1.41
C ARG A 85 -9.31 -5.18 0.69
N LYS A 86 -9.54 -3.88 0.80
CA LYS A 86 -10.68 -3.24 0.16
C LYS A 86 -10.26 -2.51 -1.11
N GLN A 87 -10.15 -3.24 -2.21
CA GLN A 87 -9.75 -2.66 -3.48
C GLN A 87 -10.83 -2.89 -4.55
N PRO A 88 -11.84 -2.00 -4.56
CA PRO A 88 -12.95 -2.09 -5.52
C PRO A 88 -12.51 -1.75 -6.94
N MET A 89 -13.45 -1.81 -7.87
CA MET A 89 -13.16 -1.51 -9.27
C MET A 89 -12.94 -0.01 -9.47
N LEU A 90 -11.75 0.34 -9.96
CA LEU A 90 -11.42 1.73 -10.20
C LEU A 90 -12.33 2.35 -11.25
N ASP A 91 -13.02 3.43 -10.88
CA ASP A 91 -13.92 4.10 -11.80
C ASP A 91 -13.69 5.61 -11.78
N SER A 92 -13.18 6.15 -12.88
CA SER A 92 -12.90 7.58 -12.99
C SER A 92 -14.16 8.39 -12.69
N GLY A 93 -15.23 8.09 -13.41
CA GLY A 93 -16.48 8.81 -13.22
C GLY A 93 -17.60 8.28 -14.11
N PRO A 94 -18.83 8.32 -13.59
CA PRO A 94 -20.01 7.84 -14.33
C PRO A 94 -20.37 8.76 -15.49
N SER A 95 -20.02 10.04 -15.37
CA SER A 95 -20.31 11.02 -16.41
C SER A 95 -19.52 10.71 -17.68
N SER A 96 -20.04 11.14 -18.81
CA SER A 96 -19.39 10.91 -20.09
C SER A 96 -18.90 12.23 -20.70
N GLY A 97 -17.59 12.40 -20.74
CA GLY A 97 -17.02 13.62 -21.29
C GLY A 97 -15.51 13.66 -21.16
N GLY A 1 -20.90 -22.08 12.55
CA GLY A 1 -19.90 -22.70 11.69
C GLY A 1 -20.38 -22.89 10.27
N SER A 2 -20.56 -21.78 9.56
CA SER A 2 -21.03 -21.83 8.18
C SER A 2 -20.01 -21.21 7.23
N SER A 3 -20.33 -21.19 5.95
CA SER A 3 -19.44 -20.63 4.94
C SER A 3 -18.03 -21.18 5.09
N GLY A 4 -17.93 -22.50 5.26
CA GLY A 4 -16.63 -23.13 5.42
C GLY A 4 -15.63 -22.69 4.36
N SER A 5 -14.58 -22.00 4.81
CA SER A 5 -13.55 -21.51 3.89
C SER A 5 -12.37 -20.94 4.67
N SER A 6 -11.16 -21.32 4.24
CA SER A 6 -9.94 -20.85 4.90
C SER A 6 -8.94 -20.34 3.87
N GLY A 7 -8.21 -19.29 4.24
CA GLY A 7 -7.22 -18.72 3.34
C GLY A 7 -5.90 -19.47 3.38
N GLU A 8 -5.38 -19.80 2.20
CA GLU A 8 -4.12 -20.53 2.11
C GLU A 8 -2.95 -19.56 1.94
N ARG A 9 -3.03 -18.72 0.92
CA ARG A 9 -1.98 -17.75 0.66
C ARG A 9 -2.11 -16.53 1.56
N ARG A 10 -1.12 -15.65 1.53
CA ARG A 10 -1.13 -14.44 2.36
C ARG A 10 -1.81 -13.29 1.63
N ALA A 11 -1.61 -13.24 0.32
CA ALA A 11 -2.19 -12.18 -0.50
C ALA A 11 -1.92 -12.40 -1.98
N PRO A 12 -2.89 -12.04 -2.82
CA PRO A 12 -2.77 -12.20 -4.28
C PRO A 12 -1.76 -11.24 -4.88
N ARG A 13 -1.10 -10.47 -4.03
CA ARG A 13 -0.10 -9.51 -4.48
C ARG A 13 -0.44 -8.97 -5.87
N LYS A 14 -1.72 -8.65 -6.07
CA LYS A 14 -2.19 -8.13 -7.35
C LYS A 14 -2.79 -6.74 -7.18
N GLY A 15 -3.01 -6.35 -5.93
CA GLY A 15 -3.58 -5.03 -5.65
C GLY A 15 -2.63 -3.90 -6.00
N ASN A 16 -3.16 -2.69 -6.09
CA ASN A 16 -2.36 -1.52 -6.42
C ASN A 16 -2.27 -0.56 -5.23
N THR A 17 -3.32 -0.57 -4.41
CA THR A 17 -3.36 0.30 -3.24
C THR A 17 -2.67 -0.35 -2.04
N LEU A 18 -2.22 0.47 -1.10
CA LEU A 18 -1.55 -0.03 0.09
C LEU A 18 -2.01 0.74 1.33
N TYR A 19 -2.44 -0.01 2.34
CA TYR A 19 -2.90 0.60 3.58
C TYR A 19 -1.74 0.90 4.52
N VAL A 20 -1.34 2.17 4.58
CA VAL A 20 -0.24 2.59 5.43
C VAL A 20 -0.74 3.13 6.76
N TYR A 21 0.03 2.89 7.81
CA TYR A 21 -0.34 3.36 9.15
C TYR A 21 0.86 3.97 9.86
N GLY A 22 0.65 5.14 10.46
CA GLY A 22 1.71 5.82 11.17
C GLY A 22 1.20 6.69 12.30
N GLU A 23 2.12 7.33 13.01
CA GLU A 23 1.75 8.20 14.13
C GLU A 23 2.36 9.58 13.96
N ASP A 24 3.66 9.62 13.68
CA ASP A 24 4.37 10.88 13.50
C ASP A 24 4.95 10.98 12.09
N MET A 25 4.13 10.64 11.09
CA MET A 25 4.56 10.69 9.70
C MET A 25 3.78 11.73 8.92
N THR A 26 4.34 12.20 7.81
CA THR A 26 3.69 13.20 6.98
C THR A 26 3.66 12.77 5.52
N PRO A 27 2.67 13.28 4.76
CA PRO A 27 2.52 12.96 3.34
C PRO A 27 3.83 13.10 2.58
N THR A 28 4.36 14.31 2.53
CA THR A 28 5.61 14.57 1.83
C THR A 28 6.66 13.51 2.16
N LEU A 29 6.60 12.97 3.37
CA LEU A 29 7.53 11.94 3.80
C LEU A 29 7.29 10.64 3.06
N LEU A 30 6.04 10.20 3.02
CA LEU A 30 5.67 8.97 2.35
C LEU A 30 6.01 9.04 0.86
N ARG A 31 5.95 10.25 0.30
CA ARG A 31 6.24 10.46 -1.11
C ARG A 31 7.65 9.99 -1.45
N GLY A 32 8.60 10.33 -0.59
CA GLY A 32 9.98 9.93 -0.81
C GLY A 32 10.30 8.59 -0.19
N ALA A 33 9.39 8.09 0.64
CA ALA A 33 9.58 6.80 1.30
C ALA A 33 9.03 5.66 0.45
N PHE A 34 7.96 5.95 -0.28
CA PHE A 34 7.33 4.95 -1.14
C PHE A 34 7.86 5.04 -2.57
N SER A 35 8.27 6.24 -2.97
CA SER A 35 8.79 6.47 -4.30
C SER A 35 9.90 5.48 -4.64
N PRO A 36 10.83 5.29 -3.69
CA PRO A 36 11.96 4.38 -3.87
C PRO A 36 11.53 3.01 -4.38
N PHE A 37 10.24 2.69 -4.18
CA PHE A 37 9.71 1.42 -4.62
C PHE A 37 9.12 1.53 -6.03
N GLY A 38 8.64 2.72 -6.37
CA GLY A 38 8.05 2.94 -7.68
C GLY A 38 7.53 4.36 -7.85
N ASN A 39 6.37 4.48 -8.50
CA ASN A 39 5.75 5.78 -8.72
C ASN A 39 4.43 5.90 -7.98
N ILE A 40 4.33 6.90 -7.11
CA ILE A 40 3.10 7.12 -6.34
C ILE A 40 2.08 7.89 -7.14
N ILE A 41 1.05 7.21 -7.61
CA ILE A 41 -0.01 7.84 -8.39
C ILE A 41 -1.18 8.25 -7.50
N ASP A 42 -1.28 7.63 -6.34
CA ASP A 42 -2.35 7.93 -5.40
C ASP A 42 -1.84 7.85 -3.96
N LEU A 43 -1.67 9.02 -3.34
CA LEU A 43 -1.19 9.08 -1.96
C LEU A 43 -2.08 10.00 -1.12
N SER A 44 -2.81 9.41 -0.18
CA SER A 44 -3.69 10.17 0.69
C SER A 44 -3.33 9.96 2.15
N MET A 45 -3.50 11.01 2.95
CA MET A 45 -3.18 10.95 4.37
C MET A 45 -4.34 11.49 5.21
N ASP A 46 -4.66 10.78 6.28
CA ASP A 46 -5.74 11.19 7.17
C ASP A 46 -5.31 11.13 8.63
N PRO A 47 -4.88 12.29 9.16
CA PRO A 47 -4.42 12.40 10.55
C PRO A 47 -5.39 11.74 11.53
N PRO A 48 -6.70 11.99 11.32
CA PRO A 48 -7.75 11.44 12.18
C PRO A 48 -7.58 9.94 12.43
N ARG A 49 -7.65 9.15 11.36
CA ARG A 49 -7.50 7.71 11.46
C ARG A 49 -6.03 7.32 11.55
N ASN A 50 -5.16 8.32 11.51
CA ASN A 50 -3.72 8.09 11.58
C ASN A 50 -3.28 7.02 10.59
N CYS A 51 -3.75 7.15 9.35
CA CYS A 51 -3.42 6.20 8.30
C CYS A 51 -3.36 6.89 6.94
N ALA A 52 -2.88 6.16 5.93
CA ALA A 52 -2.78 6.70 4.58
C ALA A 52 -2.92 5.60 3.53
N PHE A 53 -3.09 6.00 2.28
CA PHE A 53 -3.24 5.05 1.19
C PHE A 53 -2.32 5.40 0.02
N VAL A 54 -1.28 4.59 -0.15
CA VAL A 54 -0.32 4.82 -1.23
C VAL A 54 -0.53 3.83 -2.37
N THR A 55 -0.52 4.34 -3.60
CA THR A 55 -0.71 3.51 -4.78
C THR A 55 0.52 3.54 -5.68
N TYR A 56 0.75 2.44 -6.40
CA TYR A 56 1.89 2.33 -7.29
C TYR A 56 1.43 2.13 -8.73
N GLU A 57 2.13 2.77 -9.67
CA GLU A 57 1.80 2.66 -11.08
C GLU A 57 1.86 1.20 -11.55
N LYS A 58 2.50 0.36 -10.74
CA LYS A 58 2.64 -1.05 -11.07
C LYS A 58 2.37 -1.91 -9.84
N MET A 59 1.28 -2.67 -9.88
CA MET A 59 0.92 -3.54 -8.76
C MET A 59 2.16 -4.19 -8.15
N GLU A 60 3.08 -4.63 -9.01
CA GLU A 60 4.30 -5.26 -8.55
C GLU A 60 4.82 -4.60 -7.28
N SER A 61 4.96 -3.28 -7.33
CA SER A 61 5.45 -2.52 -6.19
C SER A 61 4.56 -2.75 -4.96
N ALA A 62 3.25 -2.79 -5.19
CA ALA A 62 2.30 -3.00 -4.11
C ALA A 62 2.81 -4.06 -3.13
N ASP A 63 3.08 -5.25 -3.64
CA ASP A 63 3.58 -6.34 -2.81
C ASP A 63 4.96 -6.03 -2.25
N GLN A 64 5.80 -5.42 -3.08
CA GLN A 64 7.15 -5.05 -2.67
C GLN A 64 7.13 -4.21 -1.41
N ALA A 65 6.58 -3.01 -1.51
CA ALA A 65 6.49 -2.10 -0.38
C ALA A 65 5.97 -2.82 0.86
N VAL A 66 4.79 -3.40 0.75
CA VAL A 66 4.18 -4.12 1.86
C VAL A 66 5.14 -5.17 2.42
N ALA A 67 6.15 -5.53 1.63
CA ALA A 67 7.14 -6.51 2.05
C ALA A 67 8.28 -5.85 2.81
N GLU A 68 8.68 -4.67 2.36
CA GLU A 68 9.77 -3.94 2.99
C GLU A 68 9.23 -2.89 3.95
N LEU A 69 8.42 -1.97 3.44
CA LEU A 69 7.84 -0.92 4.25
C LEU A 69 7.13 -1.49 5.47
N ASN A 70 6.57 -2.68 5.32
CA ASN A 70 5.87 -3.34 6.41
C ASN A 70 6.73 -3.38 7.67
N GLY A 71 6.24 -2.71 8.72
CA GLY A 71 6.97 -2.68 9.97
C GLY A 71 8.36 -2.07 9.82
N THR A 72 8.51 -1.21 8.81
CA THR A 72 9.79 -0.56 8.56
C THR A 72 9.93 0.73 9.35
N GLN A 73 11.17 1.13 9.62
CA GLN A 73 11.42 2.36 10.37
C GLN A 73 12.13 3.39 9.49
N VAL A 74 11.33 4.30 8.91
CA VAL A 74 11.87 5.35 8.06
C VAL A 74 11.69 6.72 8.69
N GLU A 75 12.71 7.57 8.55
CA GLU A 75 12.66 8.92 9.11
C GLU A 75 12.34 8.88 10.60
N SER A 76 12.77 7.80 11.26
CA SER A 76 12.52 7.65 12.69
C SER A 76 11.04 7.42 12.98
N VAL A 77 10.36 6.81 12.01
CA VAL A 77 8.93 6.54 12.16
C VAL A 77 8.60 5.14 11.64
N GLN A 78 8.11 4.29 12.53
CA GLN A 78 7.74 2.92 12.16
C GLN A 78 6.46 2.91 11.33
N LEU A 79 6.63 2.78 10.01
CA LEU A 79 5.48 2.76 9.11
C LEU A 79 4.99 1.33 8.91
N LYS A 80 3.66 1.15 8.92
CA LYS A 80 3.06 -0.16 8.72
C LYS A 80 2.15 -0.17 7.49
N VAL A 81 2.61 -0.85 6.44
CA VAL A 81 1.83 -0.94 5.21
C VAL A 81 1.30 -2.36 5.00
N ASN A 82 0.06 -2.45 4.52
CA ASN A 82 -0.56 -3.74 4.27
C ASN A 82 -1.46 -3.68 3.03
N ILE A 83 -1.47 -4.75 2.25
CA ILE A 83 -2.29 -4.82 1.05
C ILE A 83 -3.77 -4.83 1.40
N ALA A 84 -4.44 -3.72 1.10
CA ALA A 84 -5.88 -3.60 1.38
C ALA A 84 -6.64 -4.78 0.80
N ARG A 85 -7.88 -4.96 1.26
CA ARG A 85 -8.72 -6.06 0.80
C ARG A 85 -8.49 -6.33 -0.69
N LYS A 86 -8.74 -7.56 -1.10
CA LYS A 86 -8.56 -7.96 -2.50
C LYS A 86 -8.95 -6.82 -3.43
N GLN A 87 -8.17 -6.65 -4.50
CA GLN A 87 -8.43 -5.60 -5.47
C GLN A 87 -8.38 -6.15 -6.90
N PRO A 88 -9.48 -6.77 -7.33
CA PRO A 88 -9.58 -7.35 -8.68
C PRO A 88 -9.64 -6.29 -9.76
N MET A 89 -9.74 -6.72 -11.01
CA MET A 89 -9.81 -5.81 -12.15
C MET A 89 -11.25 -5.55 -12.57
N LEU A 90 -11.96 -4.76 -11.77
CA LEU A 90 -13.35 -4.44 -12.06
C LEU A 90 -13.59 -4.31 -13.57
N ASP A 91 -14.58 -5.03 -14.07
CA ASP A 91 -14.90 -5.00 -15.49
C ASP A 91 -16.27 -4.36 -15.72
N SER A 92 -17.29 -4.90 -15.05
CA SER A 92 -18.64 -4.38 -15.18
C SER A 92 -19.08 -4.40 -16.65
N GLY A 93 -18.61 -5.38 -17.40
CA GLY A 93 -18.96 -5.48 -18.80
C GLY A 93 -17.96 -6.29 -19.60
N PRO A 94 -17.01 -5.59 -20.25
CA PRO A 94 -15.96 -6.24 -21.05
C PRO A 94 -14.97 -7.00 -20.20
N SER A 95 -14.83 -8.30 -20.48
CA SER A 95 -13.92 -9.15 -19.73
C SER A 95 -13.59 -10.41 -20.52
N SER A 96 -12.30 -10.68 -20.70
CA SER A 96 -11.85 -11.85 -21.44
C SER A 96 -11.92 -13.10 -20.56
N GLY A 97 -12.79 -14.03 -20.94
CA GLY A 97 -12.93 -15.26 -20.18
C GLY A 97 -12.00 -16.35 -20.66
N GLY A 1 4.87 -27.07 6.21
CA GLY A 1 5.30 -28.33 5.64
C GLY A 1 6.54 -28.88 6.31
N SER A 2 7.70 -28.33 5.97
CA SER A 2 8.96 -28.79 6.55
C SER A 2 9.40 -27.86 7.67
N SER A 3 9.09 -28.23 8.90
CA SER A 3 9.47 -27.43 10.07
C SER A 3 8.84 -26.04 9.98
N GLY A 4 7.57 -26.00 9.57
CA GLY A 4 6.87 -24.73 9.47
C GLY A 4 5.43 -24.81 9.93
N SER A 5 5.21 -24.59 11.22
CA SER A 5 3.87 -24.65 11.79
C SER A 5 3.05 -23.43 11.38
N SER A 6 3.66 -22.25 11.50
CA SER A 6 2.98 -21.01 11.14
C SER A 6 3.19 -20.68 9.66
N GLY A 7 2.21 -20.01 9.06
CA GLY A 7 2.30 -19.65 7.67
C GLY A 7 0.96 -19.69 6.96
N GLU A 8 0.43 -18.51 6.64
CA GLU A 8 -0.86 -18.42 5.96
C GLU A 8 -0.76 -18.93 4.53
N ARG A 9 -1.10 -20.20 4.33
CA ARG A 9 -1.06 -20.80 3.00
C ARG A 9 -1.56 -19.83 1.94
N ARG A 10 -2.67 -19.17 2.23
CA ARG A 10 -3.25 -18.21 1.30
C ARG A 10 -2.17 -17.41 0.59
N ALA A 11 -2.14 -17.48 -0.74
CA ALA A 11 -1.15 -16.75 -1.52
C ALA A 11 -1.48 -15.26 -1.58
N PRO A 12 -0.44 -14.43 -1.75
CA PRO A 12 -0.60 -12.98 -1.82
C PRO A 12 -1.28 -12.53 -3.11
N ARG A 13 -2.35 -11.75 -2.97
CA ARG A 13 -3.10 -11.26 -4.13
C ARG A 13 -2.55 -9.91 -4.59
N LYS A 14 -2.50 -9.71 -5.90
CA LYS A 14 -2.02 -8.46 -6.47
C LYS A 14 -2.87 -7.29 -6.03
N GLY A 15 -2.27 -6.10 -5.99
CA GLY A 15 -2.99 -4.91 -5.58
C GLY A 15 -2.28 -3.63 -5.98
N ASN A 16 -3.00 -2.53 -5.98
CA ASN A 16 -2.43 -1.23 -6.34
C ASN A 16 -2.30 -0.33 -5.12
N THR A 17 -3.35 -0.26 -4.32
CA THR A 17 -3.36 0.57 -3.12
C THR A 17 -2.74 -0.18 -1.94
N LEU A 18 -2.20 0.59 -0.99
CA LEU A 18 -1.57 0.00 0.18
C LEU A 18 -1.98 0.75 1.44
N TYR A 19 -2.46 0.02 2.44
CA TYR A 19 -2.88 0.62 3.70
C TYR A 19 -1.68 0.87 4.62
N VAL A 20 -1.33 2.14 4.77
CA VAL A 20 -0.21 2.51 5.62
C VAL A 20 -0.69 3.16 6.92
N TYR A 21 0.03 2.87 8.01
CA TYR A 21 -0.33 3.41 9.31
C TYR A 21 0.91 3.87 10.07
N GLY A 22 0.89 5.11 10.54
CA GLY A 22 2.03 5.63 11.28
C GLY A 22 1.60 6.47 12.48
N GLU A 23 2.54 7.23 13.03
CA GLU A 23 2.26 8.06 14.19
C GLU A 23 2.80 9.48 13.98
N ASP A 24 4.09 9.57 13.72
CA ASP A 24 4.73 10.87 13.49
C ASP A 24 5.23 10.99 12.06
N MET A 25 4.42 10.53 11.11
CA MET A 25 4.77 10.59 9.70
C MET A 25 3.90 11.61 8.96
N THR A 26 4.46 12.18 7.89
CA THR A 26 3.74 13.17 7.11
C THR A 26 3.67 12.75 5.64
N PRO A 27 2.67 13.30 4.92
CA PRO A 27 2.48 13.00 3.49
C PRO A 27 3.77 13.12 2.69
N THR A 28 4.33 14.33 2.67
CA THR A 28 5.56 14.58 1.93
C THR A 28 6.61 13.52 2.23
N LEU A 29 6.61 13.02 3.46
CA LEU A 29 7.55 11.99 3.87
C LEU A 29 7.30 10.69 3.15
N LEU A 30 6.04 10.27 3.11
CA LEU A 30 5.64 9.03 2.43
C LEU A 30 5.98 9.10 0.95
N ARG A 31 5.94 10.31 0.39
CA ARG A 31 6.23 10.51 -1.03
C ARG A 31 7.65 10.03 -1.35
N GLY A 32 8.59 10.34 -0.46
CA GLY A 32 9.96 9.94 -0.67
C GLY A 32 10.28 8.59 -0.06
N ALA A 33 9.33 8.05 0.70
CA ALA A 33 9.52 6.75 1.34
C ALA A 33 8.97 5.63 0.46
N PHE A 34 7.89 5.91 -0.26
CA PHE A 34 7.28 4.92 -1.13
C PHE A 34 7.80 5.05 -2.56
N SER A 35 8.30 6.23 -2.89
CA SER A 35 8.83 6.49 -4.22
C SER A 35 9.96 5.53 -4.56
N PRO A 36 10.89 5.34 -3.61
CA PRO A 36 12.03 4.44 -3.78
C PRO A 36 11.62 3.08 -4.32
N PHE A 37 10.34 2.76 -4.18
CA PHE A 37 9.82 1.48 -4.66
C PHE A 37 9.32 1.60 -6.09
N GLY A 38 8.71 2.74 -6.41
CA GLY A 38 8.19 2.96 -7.75
C GLY A 38 7.67 4.36 -7.94
N ASN A 39 6.45 4.47 -8.46
CA ASN A 39 5.83 5.77 -8.70
C ASN A 39 4.50 5.88 -7.97
N ILE A 40 4.28 7.01 -7.30
CA ILE A 40 3.04 7.23 -6.56
C ILE A 40 2.06 8.05 -7.39
N ILE A 41 0.95 7.44 -7.77
CA ILE A 41 -0.07 8.11 -8.56
C ILE A 41 -1.22 8.59 -7.67
N ASP A 42 -1.39 7.94 -6.53
CA ASP A 42 -2.45 8.30 -5.60
C ASP A 42 -1.97 8.20 -4.15
N LEU A 43 -1.76 9.34 -3.52
CA LEU A 43 -1.30 9.38 -2.13
C LEU A 43 -2.18 10.28 -1.28
N SER A 44 -2.96 9.69 -0.38
CA SER A 44 -3.84 10.45 0.49
C SER A 44 -3.65 10.04 1.95
N MET A 45 -3.57 11.03 2.82
CA MET A 45 -3.38 10.78 4.25
C MET A 45 -4.67 11.07 5.02
N ASP A 46 -4.86 10.37 6.15
CA ASP A 46 -6.04 10.55 6.97
C ASP A 46 -5.66 10.78 8.42
N PRO A 47 -5.58 12.05 8.83
CA PRO A 47 -5.22 12.43 10.20
C PRO A 47 -6.01 11.65 11.24
N PRO A 48 -7.32 11.49 11.00
CA PRO A 48 -8.21 10.76 11.91
C PRO A 48 -7.63 9.41 12.33
N ARG A 49 -7.49 8.51 11.36
CA ARG A 49 -6.95 7.18 11.62
C ARG A 49 -5.43 7.17 11.48
N ASN A 50 -4.84 8.36 11.41
CA ASN A 50 -3.40 8.48 11.26
C ASN A 50 -2.85 7.44 10.29
N CYS A 51 -3.54 7.27 9.17
CA CYS A 51 -3.12 6.30 8.16
C CYS A 51 -2.86 6.99 6.82
N ALA A 52 -2.52 6.20 5.81
CA ALA A 52 -2.25 6.73 4.48
C ALA A 52 -2.43 5.66 3.42
N PHE A 53 -2.85 6.09 2.23
CA PHE A 53 -3.08 5.17 1.12
C PHE A 53 -2.17 5.52 -0.07
N VAL A 54 -1.10 4.74 -0.23
CA VAL A 54 -0.17 4.97 -1.32
C VAL A 54 -0.40 3.97 -2.46
N THR A 55 -0.81 4.49 -3.62
CA THR A 55 -1.06 3.65 -4.78
C THR A 55 0.14 3.63 -5.72
N TYR A 56 0.43 2.46 -6.27
CA TYR A 56 1.56 2.29 -7.19
C TYR A 56 1.08 2.11 -8.62
N GLU A 57 1.80 2.70 -9.57
CA GLU A 57 1.44 2.60 -10.97
C GLU A 57 1.40 1.14 -11.42
N LYS A 58 2.06 0.27 -10.66
CA LYS A 58 2.10 -1.15 -10.97
C LYS A 58 1.70 -1.98 -9.76
N MET A 59 1.43 -3.27 -10.00
CA MET A 59 1.04 -4.17 -8.93
C MET A 59 2.26 -4.77 -8.23
N GLU A 60 3.40 -4.75 -8.93
CA GLU A 60 4.63 -5.28 -8.38
C GLU A 60 5.04 -4.53 -7.12
N SER A 61 4.97 -3.20 -7.18
CA SER A 61 5.32 -2.36 -6.04
C SER A 61 4.46 -2.69 -4.83
N ALA A 62 3.16 -2.76 -5.04
CA ALA A 62 2.22 -3.06 -3.96
C ALA A 62 2.77 -4.15 -3.05
N ASP A 63 3.02 -5.33 -3.62
CA ASP A 63 3.55 -6.45 -2.85
C ASP A 63 4.93 -6.13 -2.31
N GLN A 64 5.76 -5.49 -3.14
CA GLN A 64 7.11 -5.12 -2.73
C GLN A 64 7.09 -4.30 -1.45
N ALA A 65 6.56 -3.09 -1.54
CA ALA A 65 6.48 -2.21 -0.38
C ALA A 65 5.95 -2.94 0.84
N VAL A 66 4.73 -3.46 0.73
CA VAL A 66 4.11 -4.19 1.83
C VAL A 66 5.07 -5.23 2.42
N ALA A 67 6.06 -5.61 1.63
CA ALA A 67 7.04 -6.59 2.07
C ALA A 67 8.21 -5.92 2.78
N GLU A 68 8.60 -4.75 2.28
CA GLU A 68 9.71 -4.00 2.86
C GLU A 68 9.20 -2.92 3.81
N LEU A 69 8.37 -2.02 3.29
CA LEU A 69 7.81 -0.94 4.09
C LEU A 69 7.10 -1.49 5.32
N ASN A 70 6.79 -2.78 5.30
CA ASN A 70 6.11 -3.43 6.41
C ASN A 70 7.00 -3.46 7.65
N GLY A 71 6.53 -2.81 8.72
CA GLY A 71 7.30 -2.76 9.95
C GLY A 71 8.66 -2.10 9.78
N THR A 72 8.80 -1.34 8.69
CA THR A 72 10.05 -0.65 8.41
C THR A 72 10.14 0.66 9.18
N GLN A 73 11.37 1.10 9.45
CA GLN A 73 11.59 2.35 10.18
C GLN A 73 12.27 3.37 9.29
N VAL A 74 11.49 4.25 8.67
CA VAL A 74 12.02 5.29 7.80
C VAL A 74 11.86 6.66 8.43
N GLU A 75 12.88 7.50 8.25
CA GLU A 75 12.86 8.85 8.82
C GLU A 75 12.62 8.81 10.32
N SER A 76 13.05 7.73 10.96
CA SER A 76 12.87 7.57 12.40
C SER A 76 11.40 7.37 12.75
N VAL A 77 10.65 6.80 11.81
CA VAL A 77 9.23 6.55 12.03
C VAL A 77 8.82 5.18 11.51
N GLN A 78 8.33 4.34 12.40
CA GLN A 78 7.90 2.99 12.05
C GLN A 78 6.58 3.03 11.27
N LEU A 79 6.65 2.66 9.99
CA LEU A 79 5.46 2.65 9.15
C LEU A 79 4.94 1.23 8.96
N LYS A 80 3.62 1.09 8.97
CA LYS A 80 2.99 -0.22 8.80
C LYS A 80 2.12 -0.24 7.54
N VAL A 81 2.60 -0.91 6.50
CA VAL A 81 1.87 -1.01 5.25
C VAL A 81 1.23 -2.39 5.09
N ASN A 82 0.06 -2.44 4.46
CA ASN A 82 -0.64 -3.69 4.25
C ASN A 82 -1.42 -3.65 2.94
N ILE A 83 -1.68 -4.84 2.37
CA ILE A 83 -2.42 -4.94 1.12
C ILE A 83 -3.90 -4.64 1.33
N ALA A 84 -4.28 -3.39 1.09
CA ALA A 84 -5.67 -2.97 1.25
C ALA A 84 -6.61 -3.89 0.48
N ARG A 85 -7.87 -3.92 0.89
CA ARG A 85 -8.87 -4.77 0.24
C ARG A 85 -9.78 -3.93 -0.65
N LYS A 86 -9.25 -2.84 -1.20
CA LYS A 86 -10.01 -1.96 -2.07
C LYS A 86 -9.60 -2.15 -3.52
N GLN A 87 -9.40 -3.40 -3.92
CA GLN A 87 -9.00 -3.72 -5.29
C GLN A 87 -9.98 -4.71 -5.93
N PRO A 88 -11.17 -4.21 -6.30
CA PRO A 88 -12.20 -5.03 -6.93
C PRO A 88 -11.83 -5.47 -8.33
N MET A 89 -12.79 -6.07 -9.03
CA MET A 89 -12.56 -6.54 -10.40
C MET A 89 -12.49 -5.35 -11.37
N LEU A 90 -11.42 -5.30 -12.16
CA LEU A 90 -11.25 -4.23 -13.13
C LEU A 90 -11.87 -4.59 -14.47
N ASP A 91 -13.06 -5.18 -14.41
CA ASP A 91 -13.78 -5.58 -15.62
C ASP A 91 -14.18 -4.35 -16.44
N SER A 92 -14.99 -3.48 -15.85
CA SER A 92 -15.45 -2.28 -16.53
C SER A 92 -14.37 -1.20 -16.52
N GLY A 93 -14.56 -0.17 -17.33
CA GLY A 93 -13.59 0.91 -17.41
C GLY A 93 -14.22 2.26 -17.14
N PRO A 94 -14.12 2.72 -15.88
CA PRO A 94 -14.66 4.01 -15.47
C PRO A 94 -13.90 5.19 -16.07
N SER A 95 -14.33 5.63 -17.24
CA SER A 95 -13.68 6.74 -17.92
C SER A 95 -12.28 6.37 -18.38
N SER A 96 -12.15 5.15 -18.90
CA SER A 96 -10.86 4.66 -19.39
C SER A 96 -11.05 3.71 -20.57
N GLY A 97 -10.18 3.84 -21.57
CA GLY A 97 -10.27 3.00 -22.74
C GLY A 97 -10.53 3.78 -24.01
N GLY A 1 -8.85 -30.31 14.75
CA GLY A 1 -8.76 -28.87 14.61
C GLY A 1 -8.74 -28.42 13.16
N SER A 2 -9.78 -27.70 12.74
CA SER A 2 -9.89 -27.22 11.38
C SER A 2 -9.68 -25.71 11.32
N SER A 3 -8.52 -25.30 10.81
CA SER A 3 -8.20 -23.88 10.70
C SER A 3 -7.15 -23.65 9.61
N GLY A 4 -7.57 -23.05 8.50
CA GLY A 4 -6.65 -22.78 7.41
C GLY A 4 -6.98 -21.49 6.68
N SER A 5 -6.86 -21.53 5.35
CA SER A 5 -7.15 -20.36 4.52
C SER A 5 -8.58 -20.39 4.02
N SER A 6 -9.10 -19.23 3.64
CA SER A 6 -10.46 -19.12 3.13
C SER A 6 -10.47 -18.99 1.61
N GLY A 7 -11.25 -19.85 0.96
CA GLY A 7 -11.33 -19.82 -0.50
C GLY A 7 -10.58 -20.96 -1.15
N GLU A 8 -11.06 -21.40 -2.30
CA GLU A 8 -10.42 -22.49 -3.03
C GLU A 8 -9.25 -21.98 -3.87
N ARG A 9 -8.03 -22.25 -3.40
CA ARG A 9 -6.84 -21.81 -4.12
C ARG A 9 -7.07 -20.47 -4.79
N ARG A 10 -7.70 -19.55 -4.08
CA ARG A 10 -7.99 -18.22 -4.62
C ARG A 10 -7.27 -17.14 -3.81
N ALA A 11 -6.48 -16.32 -4.49
CA ALA A 11 -5.74 -15.26 -3.84
C ALA A 11 -5.87 -13.94 -4.61
N PRO A 12 -5.79 -12.82 -3.89
CA PRO A 12 -5.89 -11.48 -4.49
C PRO A 12 -4.68 -11.14 -5.34
N ARG A 13 -4.82 -11.29 -6.66
CA ARG A 13 -3.73 -10.99 -7.58
C ARG A 13 -3.52 -9.48 -7.72
N LYS A 14 -4.61 -8.77 -8.01
CA LYS A 14 -4.54 -7.32 -8.17
C LYS A 14 -4.09 -6.65 -6.88
N GLY A 15 -3.52 -5.46 -7.00
CA GLY A 15 -3.06 -4.74 -5.83
C GLY A 15 -2.30 -3.48 -6.18
N ASN A 16 -3.02 -2.35 -6.22
CA ASN A 16 -2.40 -1.07 -6.55
C ASN A 16 -2.28 -0.19 -5.32
N THR A 17 -3.32 -0.21 -4.48
CA THR A 17 -3.34 0.59 -3.26
C THR A 17 -2.70 -0.17 -2.10
N LEU A 18 -2.21 0.57 -1.11
CA LEU A 18 -1.59 -0.03 0.06
C LEU A 18 -2.00 0.70 1.34
N TYR A 19 -2.46 -0.05 2.32
CA TYR A 19 -2.89 0.53 3.59
C TYR A 19 -1.69 0.78 4.50
N VAL A 20 -1.36 2.05 4.69
CA VAL A 20 -0.24 2.44 5.53
C VAL A 20 -0.73 3.08 6.83
N TYR A 21 0.01 2.85 7.91
CA TYR A 21 -0.34 3.41 9.22
C TYR A 21 0.90 3.82 9.99
N GLY A 22 1.01 5.11 10.29
CA GLY A 22 2.16 5.62 11.02
C GLY A 22 1.76 6.48 12.20
N GLU A 23 2.75 7.06 12.86
CA GLU A 23 2.49 7.92 14.02
C GLU A 23 2.95 9.34 13.75
N ASP A 24 4.28 9.53 13.70
CA ASP A 24 4.85 10.84 13.45
C ASP A 24 5.35 10.95 12.01
N MET A 25 4.47 10.64 11.06
CA MET A 25 4.83 10.71 9.65
C MET A 25 3.92 11.68 8.90
N THR A 26 4.45 12.31 7.86
CA THR A 26 3.69 13.27 7.06
C THR A 26 3.59 12.82 5.61
N PRO A 27 2.56 13.31 4.91
CA PRO A 27 2.33 12.97 3.51
C PRO A 27 3.59 13.11 2.66
N THR A 28 4.23 14.28 2.74
CA THR A 28 5.43 14.55 1.99
C THR A 28 6.50 13.51 2.28
N LEU A 29 6.52 13.01 3.52
CA LEU A 29 7.49 12.01 3.93
C LEU A 29 7.28 10.70 3.17
N LEU A 30 6.03 10.26 3.10
CA LEU A 30 5.69 9.02 2.41
C LEU A 30 6.03 9.12 0.93
N ARG A 31 5.92 10.33 0.38
CA ARG A 31 6.21 10.56 -1.03
C ARG A 31 7.63 10.09 -1.38
N GLY A 32 8.58 10.40 -0.50
CA GLY A 32 9.96 10.00 -0.73
C GLY A 32 10.28 8.66 -0.12
N ALA A 33 9.32 8.09 0.59
CA ALA A 33 9.50 6.78 1.22
C ALA A 33 8.95 5.66 0.36
N PHE A 34 7.87 5.97 -0.38
CA PHE A 34 7.24 4.98 -1.25
C PHE A 34 7.76 5.11 -2.68
N SER A 35 8.20 6.32 -3.04
CA SER A 35 8.72 6.58 -4.37
C SER A 35 9.79 5.56 -4.75
N PRO A 36 10.72 5.30 -3.83
CA PRO A 36 11.82 4.35 -4.03
C PRO A 36 11.32 3.02 -4.59
N PHE A 37 10.16 2.57 -4.13
CA PHE A 37 9.58 1.32 -4.58
C PHE A 37 8.96 1.47 -5.96
N GLY A 38 8.35 2.63 -6.21
CA GLY A 38 7.73 2.88 -7.49
C GLY A 38 7.20 4.29 -7.62
N ASN A 39 6.38 4.54 -8.64
CA ASN A 39 5.82 5.86 -8.86
C ASN A 39 4.45 5.99 -8.19
N ILE A 40 4.37 6.91 -7.23
CA ILE A 40 3.12 7.15 -6.50
C ILE A 40 2.13 7.93 -7.36
N ILE A 41 1.03 7.28 -7.71
CA ILE A 41 -0.01 7.92 -8.51
C ILE A 41 -1.18 8.38 -7.65
N ASP A 42 -1.28 7.81 -6.45
CA ASP A 42 -2.35 8.16 -5.53
C ASP A 42 -1.89 8.02 -4.08
N LEU A 43 -1.71 9.16 -3.42
CA LEU A 43 -1.27 9.17 -2.02
C LEU A 43 -2.09 10.15 -1.19
N SER A 44 -2.87 9.61 -0.27
CA SER A 44 -3.72 10.43 0.60
C SER A 44 -3.47 10.11 2.07
N MET A 45 -3.57 11.13 2.91
CA MET A 45 -3.35 10.96 4.34
C MET A 45 -4.59 11.40 5.13
N ASP A 46 -4.96 10.60 6.12
CA ASP A 46 -6.12 10.89 6.95
C ASP A 46 -5.74 10.99 8.42
N PRO A 47 -5.48 12.21 8.89
CA PRO A 47 -5.09 12.46 10.28
C PRO A 47 -5.99 11.74 11.28
N PRO A 48 -7.31 11.79 11.02
CA PRO A 48 -8.31 11.14 11.87
C PRO A 48 -7.93 9.70 12.23
N ARG A 49 -7.26 9.04 11.29
CA ARG A 49 -6.85 7.65 11.50
C ARG A 49 -5.33 7.52 11.38
N ASN A 50 -4.63 8.65 11.42
CA ASN A 50 -3.18 8.67 11.32
C ASN A 50 -2.70 7.59 10.35
N CYS A 51 -3.44 7.40 9.27
CA CYS A 51 -3.09 6.41 8.27
C CYS A 51 -2.95 7.05 6.89
N ALA A 52 -2.43 6.30 5.93
CA ALA A 52 -2.24 6.79 4.57
C ALA A 52 -2.46 5.69 3.55
N PHE A 53 -2.77 6.09 2.31
CA PHE A 53 -3.01 5.13 1.24
C PHE A 53 -2.15 5.45 0.03
N VAL A 54 -1.06 4.71 -0.13
CA VAL A 54 -0.15 4.91 -1.25
C VAL A 54 -0.43 3.91 -2.38
N THR A 55 -0.65 4.44 -3.58
CA THR A 55 -0.94 3.59 -4.74
C THR A 55 0.24 3.58 -5.71
N TYR A 56 0.58 2.40 -6.21
CA TYR A 56 1.68 2.25 -7.15
C TYR A 56 1.17 1.99 -8.56
N GLU A 57 1.87 2.53 -9.56
CA GLU A 57 1.49 2.35 -10.94
C GLU A 57 1.49 0.88 -11.33
N LYS A 58 2.42 0.12 -10.75
CA LYS A 58 2.53 -1.30 -11.02
C LYS A 58 2.10 -2.13 -9.82
N MET A 59 1.55 -3.31 -10.07
CA MET A 59 1.10 -4.19 -9.00
C MET A 59 2.29 -4.78 -8.24
N GLU A 60 3.43 -4.86 -8.93
CA GLU A 60 4.64 -5.41 -8.32
C GLU A 60 5.02 -4.62 -7.06
N SER A 61 4.95 -3.30 -7.16
CA SER A 61 5.29 -2.43 -6.05
C SER A 61 4.40 -2.72 -4.84
N ALA A 62 3.10 -2.79 -5.08
CA ALA A 62 2.14 -3.07 -4.01
C ALA A 62 2.67 -4.15 -3.07
N ASP A 63 3.00 -5.31 -3.63
CA ASP A 63 3.51 -6.42 -2.84
C ASP A 63 4.89 -6.09 -2.28
N GLN A 64 5.74 -5.50 -3.11
CA GLN A 64 7.09 -5.13 -2.70
C GLN A 64 7.06 -4.26 -1.45
N ALA A 65 6.55 -3.04 -1.59
CA ALA A 65 6.47 -2.12 -0.48
C ALA A 65 5.94 -2.80 0.77
N VAL A 66 4.75 -3.39 0.67
CA VAL A 66 4.14 -4.08 1.79
C VAL A 66 5.08 -5.13 2.37
N ALA A 67 6.04 -5.57 1.56
CA ALA A 67 7.01 -6.56 2.00
C ALA A 67 8.16 -5.92 2.74
N GLU A 68 8.58 -4.74 2.31
CA GLU A 68 9.67 -4.01 2.94
C GLU A 68 9.14 -2.97 3.92
N LEU A 69 8.34 -2.05 3.40
CA LEU A 69 7.77 -0.99 4.23
C LEU A 69 7.07 -1.58 5.45
N ASN A 70 6.67 -2.84 5.36
CA ASN A 70 6.00 -3.51 6.46
C ASN A 70 6.88 -3.52 7.71
N GLY A 71 6.41 -2.84 8.76
CA GLY A 71 7.17 -2.79 10.00
C GLY A 71 8.54 -2.19 9.82
N THR A 72 8.68 -1.34 8.79
CA THR A 72 9.96 -0.70 8.51
C THR A 72 10.11 0.59 9.31
N GLN A 73 11.36 1.03 9.47
CA GLN A 73 11.65 2.24 10.22
C GLN A 73 12.32 3.29 9.33
N VAL A 74 11.53 4.18 8.77
CA VAL A 74 12.05 5.24 7.91
C VAL A 74 11.89 6.62 8.55
N GLU A 75 12.91 7.46 8.39
CA GLU A 75 12.89 8.79 8.96
C GLU A 75 12.61 8.75 10.46
N SER A 76 13.11 7.70 11.11
CA SER A 76 12.91 7.54 12.54
C SER A 76 11.43 7.34 12.87
N VAL A 77 10.70 6.75 11.93
CA VAL A 77 9.27 6.50 12.12
C VAL A 77 8.89 5.13 11.60
N GLN A 78 8.29 4.32 12.47
CA GLN A 78 7.86 2.98 12.09
C GLN A 78 6.57 3.01 11.28
N LEU A 79 6.67 2.64 10.00
CA LEU A 79 5.51 2.64 9.12
C LEU A 79 4.96 1.22 8.95
N LYS A 80 3.63 1.11 8.97
CA LYS A 80 2.97 -0.19 8.83
C LYS A 80 2.12 -0.22 7.56
N VAL A 81 2.60 -0.94 6.55
CA VAL A 81 1.88 -1.06 5.29
C VAL A 81 1.25 -2.44 5.14
N ASN A 82 0.12 -2.49 4.43
CA ASN A 82 -0.58 -3.76 4.22
C ASN A 82 -1.38 -3.72 2.92
N ILE A 83 -1.55 -4.88 2.30
CA ILE A 83 -2.28 -4.98 1.05
C ILE A 83 -3.77 -4.69 1.27
N ALA A 84 -4.17 -3.45 0.99
CA ALA A 84 -5.57 -3.04 1.15
C ALA A 84 -6.50 -4.02 0.45
N ARG A 85 -7.17 -4.85 1.23
CA ARG A 85 -8.11 -5.83 0.68
C ARG A 85 -9.20 -5.15 -0.14
N LYS A 86 -9.80 -4.11 0.42
CA LYS A 86 -10.86 -3.37 -0.26
C LYS A 86 -10.25 -2.36 -1.23
N GLN A 87 -10.22 -2.73 -2.51
CA GLN A 87 -9.68 -1.84 -3.54
C GLN A 87 -10.74 -1.52 -4.59
N PRO A 88 -11.62 -0.56 -4.28
CA PRO A 88 -12.69 -0.13 -5.18
C PRO A 88 -12.16 0.61 -6.40
N MET A 89 -10.84 0.83 -6.43
CA MET A 89 -10.22 1.53 -7.55
C MET A 89 -9.61 0.54 -8.53
N LEU A 90 -10.16 0.51 -9.74
CA LEU A 90 -9.68 -0.40 -10.78
C LEU A 90 -9.18 0.38 -11.99
N ASP A 91 -7.88 0.28 -12.26
CA ASP A 91 -7.27 0.97 -13.38
C ASP A 91 -7.67 0.31 -14.70
N SER A 92 -8.29 1.10 -15.59
CA SER A 92 -8.73 0.60 -16.88
C SER A 92 -8.60 1.68 -17.95
N GLY A 93 -7.95 1.33 -19.06
CA GLY A 93 -7.77 2.28 -20.14
C GLY A 93 -6.33 2.33 -20.63
N PRO A 94 -6.16 2.40 -21.96
CA PRO A 94 -4.84 2.45 -22.58
C PRO A 94 -4.13 3.78 -22.32
N SER A 95 -3.15 3.76 -21.43
CA SER A 95 -2.39 4.96 -21.09
C SER A 95 -1.27 5.21 -22.11
N SER A 96 -1.58 4.97 -23.37
CA SER A 96 -0.61 5.16 -24.44
C SER A 96 0.78 4.72 -23.99
N GLY A 97 0.84 3.59 -23.29
CA GLY A 97 2.11 3.08 -22.81
C GLY A 97 3.18 3.08 -23.89
N GLY A 1 -16.53 -20.76 1.27
CA GLY A 1 -15.50 -20.15 0.45
C GLY A 1 -16.05 -19.08 -0.47
N SER A 2 -15.21 -18.10 -0.80
CA SER A 2 -15.61 -17.01 -1.67
C SER A 2 -16.33 -17.54 -2.91
N SER A 3 -16.88 -16.63 -3.70
CA SER A 3 -17.59 -17.00 -4.92
C SER A 3 -16.74 -16.70 -6.15
N GLY A 4 -17.05 -17.40 -7.26
CA GLY A 4 -16.31 -17.18 -8.49
C GLY A 4 -16.65 -15.85 -9.14
N SER A 5 -17.91 -15.69 -9.54
CA SER A 5 -18.35 -14.46 -10.19
C SER A 5 -18.90 -13.48 -9.15
N SER A 6 -19.84 -13.95 -8.34
CA SER A 6 -20.44 -13.12 -7.31
C SER A 6 -19.39 -12.52 -6.39
N GLY A 7 -19.72 -11.38 -5.78
CA GLY A 7 -18.79 -10.73 -4.88
C GLY A 7 -17.71 -9.97 -5.62
N GLU A 8 -16.51 -10.56 -5.67
CA GLU A 8 -15.38 -9.93 -6.35
C GLU A 8 -14.68 -10.92 -7.26
N ARG A 9 -14.21 -10.44 -8.42
CA ARG A 9 -13.52 -11.29 -9.37
C ARG A 9 -12.09 -11.57 -8.91
N ARG A 10 -11.53 -12.67 -9.41
CA ARG A 10 -10.17 -13.06 -9.06
C ARG A 10 -9.22 -12.87 -10.23
N ALA A 11 -8.65 -11.67 -10.34
CA ALA A 11 -7.73 -11.35 -11.43
C ALA A 11 -6.44 -10.75 -10.88
N PRO A 12 -5.32 -11.01 -11.59
CA PRO A 12 -4.00 -10.50 -11.19
C PRO A 12 -3.88 -8.99 -11.37
N ARG A 13 -2.68 -8.47 -11.18
CA ARG A 13 -2.44 -7.03 -11.31
C ARG A 13 -3.58 -6.23 -10.71
N LYS A 14 -4.02 -6.63 -9.52
CA LYS A 14 -5.11 -5.94 -8.83
C LYS A 14 -4.57 -5.11 -7.67
N GLY A 15 -3.73 -5.72 -6.85
CA GLY A 15 -3.15 -5.02 -5.71
C GLY A 15 -2.39 -3.78 -6.12
N ASN A 16 -3.09 -2.65 -6.18
CA ASN A 16 -2.47 -1.38 -6.56
C ASN A 16 -2.35 -0.44 -5.36
N THR A 17 -3.42 -0.37 -4.56
CA THR A 17 -3.43 0.48 -3.39
C THR A 17 -2.81 -0.22 -2.19
N LEU A 18 -2.19 0.56 -1.30
CA LEU A 18 -1.56 0.01 -0.11
C LEU A 18 -1.95 0.80 1.13
N TYR A 19 -2.41 0.08 2.15
CA TYR A 19 -2.82 0.72 3.40
C TYR A 19 -1.62 0.99 4.30
N VAL A 20 -1.29 2.28 4.47
CA VAL A 20 -0.16 2.68 5.30
C VAL A 20 -0.63 3.22 6.64
N TYR A 21 0.16 2.98 7.68
CA TYR A 21 -0.17 3.45 9.01
C TYR A 21 1.05 4.02 9.71
N GLY A 22 0.84 5.13 10.43
CA GLY A 22 1.94 5.76 11.14
C GLY A 22 1.47 6.65 12.29
N GLU A 23 2.41 7.25 13.00
CA GLU A 23 2.08 8.11 14.12
C GLU A 23 2.59 9.53 13.88
N ASP A 24 3.90 9.66 13.75
CA ASP A 24 4.53 10.95 13.51
C ASP A 24 5.07 11.05 12.09
N MET A 25 4.24 10.71 11.12
CA MET A 25 4.65 10.76 9.72
C MET A 25 3.75 11.71 8.92
N THR A 26 4.30 12.31 7.88
CA THR A 26 3.56 13.24 7.04
C THR A 26 3.55 12.78 5.58
N PRO A 27 2.56 13.27 4.82
CA PRO A 27 2.42 12.93 3.40
C PRO A 27 3.74 13.05 2.63
N THR A 28 4.28 14.26 2.59
CA THR A 28 5.53 14.52 1.90
C THR A 28 6.55 13.43 2.21
N LEU A 29 6.55 12.95 3.44
CA LEU A 29 7.48 11.91 3.86
C LEU A 29 7.22 10.61 3.10
N LEU A 30 5.98 10.15 3.13
CA LEU A 30 5.60 8.92 2.44
C LEU A 30 5.95 8.99 0.97
N ARG A 31 5.89 10.19 0.41
CA ARG A 31 6.20 10.40 -1.00
C ARG A 31 7.62 9.95 -1.31
N GLY A 32 8.55 10.24 -0.41
CA GLY A 32 9.93 9.86 -0.61
C GLY A 32 10.24 8.50 -0.01
N ALA A 33 9.27 7.92 0.69
CA ALA A 33 9.46 6.62 1.32
C ALA A 33 8.92 5.51 0.43
N PHE A 34 7.85 5.80 -0.30
CA PHE A 34 7.24 4.82 -1.19
C PHE A 34 7.77 4.97 -2.61
N SER A 35 8.24 6.17 -2.95
CA SER A 35 8.77 6.44 -4.27
C SER A 35 9.92 5.49 -4.60
N PRO A 36 10.83 5.31 -3.64
CA PRO A 36 12.00 4.43 -3.81
C PRO A 36 11.61 3.06 -4.36
N PHE A 37 10.34 2.71 -4.21
CA PHE A 37 9.84 1.43 -4.70
C PHE A 37 9.33 1.55 -6.13
N GLY A 38 8.78 2.71 -6.47
CA GLY A 38 8.26 2.93 -7.80
C GLY A 38 7.69 4.33 -7.99
N ASN A 39 6.44 4.41 -8.41
CA ASN A 39 5.79 5.70 -8.62
C ASN A 39 4.48 5.78 -7.84
N ILE A 40 4.21 6.95 -7.29
CA ILE A 40 2.98 7.15 -6.51
C ILE A 40 1.98 7.97 -7.30
N ILE A 41 0.89 7.31 -7.71
CA ILE A 41 -0.16 7.97 -8.47
C ILE A 41 -1.28 8.45 -7.56
N ASP A 42 -1.42 7.81 -6.41
CA ASP A 42 -2.45 8.18 -5.44
C ASP A 42 -1.94 8.05 -4.01
N LEU A 43 -1.82 9.18 -3.32
CA LEU A 43 -1.33 9.18 -1.95
C LEU A 43 -2.19 10.10 -1.08
N SER A 44 -2.91 9.50 -0.13
CA SER A 44 -3.77 10.27 0.77
C SER A 44 -3.40 10.02 2.22
N MET A 45 -3.56 11.03 3.06
CA MET A 45 -3.25 10.93 4.47
C MET A 45 -4.42 11.36 5.33
N ASP A 46 -4.65 10.66 6.44
CA ASP A 46 -5.74 10.98 7.35
C ASP A 46 -5.22 11.15 8.78
N PRO A 47 -4.97 12.41 9.16
CA PRO A 47 -4.47 12.74 10.50
C PRO A 47 -5.28 12.06 11.60
N PRO A 48 -6.61 12.05 11.46
CA PRO A 48 -7.51 11.44 12.43
C PRO A 48 -7.08 10.03 12.81
N ARG A 49 -7.04 9.14 11.83
CA ARG A 49 -6.65 7.75 12.06
C ARG A 49 -5.13 7.61 11.97
N ASN A 50 -4.44 8.70 11.65
CA ASN A 50 -3.00 8.69 11.53
C ASN A 50 -2.54 7.63 10.53
N CYS A 51 -3.33 7.44 9.48
CA CYS A 51 -3.00 6.45 8.45
C CYS A 51 -2.88 7.11 7.08
N ALA A 52 -2.62 6.31 6.06
CA ALA A 52 -2.48 6.81 4.69
C ALA A 52 -2.76 5.72 3.68
N PHE A 53 -2.80 6.10 2.41
CA PHE A 53 -3.06 5.14 1.33
C PHE A 53 -2.23 5.49 0.09
N VAL A 54 -1.22 4.66 -0.18
CA VAL A 54 -0.36 4.87 -1.33
C VAL A 54 -0.66 3.87 -2.45
N THR A 55 -0.78 4.38 -3.67
CA THR A 55 -1.07 3.54 -4.82
C THR A 55 0.08 3.55 -5.83
N TYR A 56 0.53 2.37 -6.22
CA TYR A 56 1.63 2.24 -7.16
C TYR A 56 1.11 2.04 -8.58
N GLU A 57 1.79 2.64 -9.55
CA GLU A 57 1.40 2.53 -10.95
C GLU A 57 1.35 1.07 -11.39
N LYS A 58 2.02 0.21 -10.63
CA LYS A 58 2.07 -1.21 -10.94
C LYS A 58 1.77 -2.05 -9.71
N MET A 59 1.44 -3.32 -9.92
CA MET A 59 1.13 -4.23 -8.82
C MET A 59 2.41 -4.83 -8.25
N GLU A 60 3.46 -4.87 -9.06
CA GLU A 60 4.74 -5.42 -8.64
C GLU A 60 5.33 -4.62 -7.48
N SER A 61 4.85 -3.39 -7.32
CA SER A 61 5.34 -2.52 -6.26
C SER A 61 4.48 -2.68 -5.01
N ALA A 62 3.21 -3.00 -5.20
CA ALA A 62 2.29 -3.19 -4.08
C ALA A 62 2.82 -4.22 -3.10
N ASP A 63 3.12 -5.41 -3.61
CA ASP A 63 3.64 -6.49 -2.78
C ASP A 63 5.01 -6.13 -2.21
N GLN A 64 5.83 -5.49 -3.03
CA GLN A 64 7.17 -5.09 -2.61
C GLN A 64 7.11 -4.21 -1.37
N ALA A 65 6.59 -3.00 -1.53
CA ALA A 65 6.47 -2.06 -0.42
C ALA A 65 5.91 -2.74 0.82
N VAL A 66 4.72 -3.34 0.68
CA VAL A 66 4.07 -4.03 1.79
C VAL A 66 4.99 -5.09 2.39
N ALA A 67 6.02 -5.46 1.64
CA ALA A 67 6.97 -6.46 2.10
C ALA A 67 8.14 -5.81 2.82
N GLU A 68 8.53 -4.62 2.38
CA GLU A 68 9.64 -3.90 2.97
C GLU A 68 9.14 -2.86 3.97
N LEU A 69 8.31 -1.95 3.50
CA LEU A 69 7.75 -0.90 4.35
C LEU A 69 7.03 -1.50 5.56
N ASN A 70 6.65 -2.77 5.44
CA ASN A 70 5.95 -3.46 6.52
C ASN A 70 6.77 -3.41 7.81
N GLY A 71 6.24 -2.75 8.82
CA GLY A 71 6.93 -2.64 10.09
C GLY A 71 8.31 -2.03 9.95
N THR A 72 8.50 -1.26 8.89
CA THR A 72 9.79 -0.61 8.63
C THR A 72 9.92 0.69 9.43
N GLN A 73 11.16 1.07 9.72
CA GLN A 73 11.41 2.30 10.47
C GLN A 73 12.14 3.32 9.61
N VAL A 74 11.38 4.23 9.01
CA VAL A 74 11.95 5.27 8.16
C VAL A 74 11.72 6.66 8.76
N GLU A 75 12.70 7.54 8.60
CA GLU A 75 12.60 8.90 9.11
C GLU A 75 12.28 8.89 10.60
N SER A 76 12.84 7.92 11.33
CA SER A 76 12.60 7.79 12.76
C SER A 76 11.12 7.55 13.05
N VAL A 77 10.44 6.93 12.09
CA VAL A 77 9.02 6.64 12.24
C VAL A 77 8.69 5.23 11.73
N GLN A 78 8.04 4.44 12.58
CA GLN A 78 7.68 3.08 12.21
C GLN A 78 6.41 3.07 11.36
N LEU A 79 6.57 2.83 10.07
CA LEU A 79 5.46 2.79 9.14
C LEU A 79 4.97 1.36 8.93
N LYS A 80 3.65 1.19 8.84
CA LYS A 80 3.06 -0.13 8.63
C LYS A 80 2.21 -0.14 7.36
N VAL A 81 2.66 -0.91 6.37
CA VAL A 81 1.94 -1.03 5.11
C VAL A 81 1.30 -2.40 4.96
N ASN A 82 0.13 -2.43 4.33
CA ASN A 82 -0.59 -3.69 4.13
C ASN A 82 -1.40 -3.65 2.83
N ILE A 83 -1.70 -4.82 2.29
CA ILE A 83 -2.46 -4.92 1.05
C ILE A 83 -3.94 -4.68 1.30
N ALA A 84 -4.37 -3.43 1.10
CA ALA A 84 -5.77 -3.06 1.30
C ALA A 84 -6.70 -4.14 0.76
N ARG A 85 -7.53 -4.70 1.64
CA ARG A 85 -8.47 -5.74 1.25
C ARG A 85 -9.57 -5.18 0.35
N LYS A 86 -9.80 -3.87 0.46
CA LYS A 86 -10.82 -3.21 -0.33
C LYS A 86 -10.21 -2.14 -1.24
N GLN A 87 -10.09 -2.46 -2.52
CA GLN A 87 -9.51 -1.52 -3.49
C GLN A 87 -10.52 -1.18 -4.58
N PRO A 88 -11.55 -0.41 -4.21
CA PRO A 88 -12.60 0.01 -5.15
C PRO A 88 -12.09 1.00 -6.18
N MET A 89 -13.00 1.52 -7.00
CA MET A 89 -12.65 2.48 -8.04
C MET A 89 -11.30 2.14 -8.65
N LEU A 90 -10.96 0.86 -8.65
CA LEU A 90 -9.69 0.39 -9.21
C LEU A 90 -9.65 0.61 -10.71
N ASP A 91 -8.46 0.60 -11.29
CA ASP A 91 -8.28 0.79 -12.72
C ASP A 91 -9.14 -0.21 -13.50
N SER A 92 -9.80 0.29 -14.54
CA SER A 92 -10.66 -0.56 -15.37
C SER A 92 -11.09 0.19 -16.63
N GLY A 93 -11.31 -0.56 -17.70
CA GLY A 93 -11.73 0.03 -18.96
C GLY A 93 -10.84 -0.37 -20.12
N PRO A 94 -10.91 -1.66 -20.49
CA PRO A 94 -10.12 -2.22 -21.60
C PRO A 94 -10.58 -1.70 -22.96
N SER A 95 -11.83 -1.27 -23.02
CA SER A 95 -12.40 -0.75 -24.26
C SER A 95 -11.42 0.21 -24.94
N SER A 96 -11.29 0.07 -26.26
CA SER A 96 -10.39 0.91 -27.03
C SER A 96 -10.50 2.37 -26.59
N GLY A 97 -9.45 3.14 -26.87
CA GLY A 97 -9.46 4.54 -26.50
C GLY A 97 -8.10 5.01 -26.02
N GLY A 1 -13.14 -17.73 20.27
CA GLY A 1 -12.19 -17.33 19.25
C GLY A 1 -12.42 -18.05 17.93
N SER A 2 -12.66 -17.28 16.88
CA SER A 2 -12.91 -17.85 15.56
C SER A 2 -11.64 -18.46 14.98
N SER A 3 -10.53 -17.71 15.07
CA SER A 3 -9.25 -18.18 14.56
C SER A 3 -8.85 -19.49 15.22
N GLY A 4 -8.23 -20.38 14.45
CA GLY A 4 -7.80 -21.65 14.98
C GLY A 4 -7.41 -22.63 13.89
N SER A 5 -6.47 -22.22 13.04
CA SER A 5 -6.01 -23.07 11.95
C SER A 5 -7.17 -23.87 11.34
N SER A 6 -8.29 -23.19 11.12
CA SER A 6 -9.46 -23.84 10.55
C SER A 6 -9.49 -23.70 9.03
N GLY A 7 -9.04 -24.76 8.35
CA GLY A 7 -9.01 -24.74 6.90
C GLY A 7 -8.64 -23.38 6.34
N GLU A 8 -7.61 -22.76 6.93
CA GLU A 8 -7.17 -21.44 6.48
C GLU A 8 -6.64 -21.50 5.05
N ARG A 9 -7.21 -20.68 4.18
CA ARG A 9 -6.79 -20.64 2.78
C ARG A 9 -5.96 -19.39 2.50
N ARG A 10 -5.39 -19.34 1.30
CA ARG A 10 -4.57 -18.20 0.91
C ARG A 10 -5.09 -17.57 -0.39
N ALA A 11 -4.79 -16.29 -0.58
CA ALA A 11 -5.23 -15.57 -1.77
C ALA A 11 -4.04 -15.10 -2.60
N PRO A 12 -4.26 -14.87 -3.90
CA PRO A 12 -3.21 -14.40 -4.81
C PRO A 12 -2.79 -12.96 -4.53
N ARG A 13 -1.50 -12.77 -4.32
CA ARG A 13 -0.96 -11.44 -4.04
C ARG A 13 -1.24 -10.49 -5.19
N LYS A 14 -2.21 -9.60 -4.99
CA LYS A 14 -2.58 -8.63 -6.01
C LYS A 14 -3.17 -7.38 -5.38
N GLY A 15 -2.94 -6.23 -6.01
CA GLY A 15 -3.46 -4.98 -5.49
C GLY A 15 -2.67 -3.78 -5.96
N ASN A 16 -3.29 -2.60 -5.92
CA ASN A 16 -2.63 -1.38 -6.36
C ASN A 16 -2.46 -0.41 -5.19
N THR A 17 -3.47 -0.35 -4.32
CA THR A 17 -3.43 0.54 -3.17
C THR A 17 -2.78 -0.16 -1.97
N LEU A 18 -2.17 0.64 -1.10
CA LEU A 18 -1.51 0.11 0.08
C LEU A 18 -1.95 0.85 1.34
N TYR A 19 -2.31 0.08 2.37
CA TYR A 19 -2.75 0.67 3.63
C TYR A 19 -1.57 0.96 4.54
N VAL A 20 -1.14 2.22 4.56
CA VAL A 20 -0.01 2.63 5.39
C VAL A 20 -0.50 3.18 6.73
N TYR A 21 0.22 2.83 7.80
CA TYR A 21 -0.13 3.29 9.13
C TYR A 21 1.11 3.63 9.94
N GLY A 22 1.18 4.87 10.42
CA GLY A 22 2.33 5.29 11.21
C GLY A 22 1.93 6.12 12.41
N GLU A 23 2.84 6.98 12.85
CA GLU A 23 2.58 7.83 14.00
C GLU A 23 2.94 9.29 13.70
N ASP A 24 4.20 9.52 13.41
CA ASP A 24 4.68 10.87 13.10
C ASP A 24 5.14 10.97 11.65
N MET A 25 4.38 10.36 10.75
CA MET A 25 4.71 10.38 9.33
C MET A 25 3.84 11.38 8.58
N THR A 26 4.45 12.09 7.64
CA THR A 26 3.73 13.09 6.84
C THR A 26 3.65 12.67 5.38
N PRO A 27 2.64 13.19 4.67
CA PRO A 27 2.44 12.89 3.25
C PRO A 27 3.72 13.03 2.44
N THR A 28 4.26 14.24 2.42
CA THR A 28 5.49 14.52 1.68
C THR A 28 6.57 13.49 1.99
N LEU A 29 6.57 13.00 3.23
CA LEU A 29 7.55 12.01 3.66
C LEU A 29 7.34 10.68 2.93
N LEU A 30 6.10 10.22 2.90
CA LEU A 30 5.76 8.97 2.23
C LEU A 30 6.13 9.04 0.75
N ARG A 31 6.10 10.24 0.19
CA ARG A 31 6.42 10.44 -1.22
C ARG A 31 7.86 10.05 -1.51
N GLY A 32 8.75 10.38 -0.58
CA GLY A 32 10.16 10.07 -0.76
C GLY A 32 10.54 8.73 -0.12
N ALA A 33 9.62 8.18 0.67
CA ALA A 33 9.87 6.91 1.33
C ALA A 33 9.28 5.76 0.53
N PHE A 34 8.19 6.03 -0.19
CA PHE A 34 7.53 5.02 -1.00
C PHE A 34 7.99 5.10 -2.46
N SER A 35 8.49 6.26 -2.84
CA SER A 35 8.95 6.48 -4.21
C SER A 35 10.01 5.44 -4.59
N PRO A 36 10.97 5.22 -3.68
CA PRO A 36 12.05 4.25 -3.89
C PRO A 36 11.54 2.90 -4.39
N PHE A 37 10.28 2.62 -4.10
CA PHE A 37 9.66 1.36 -4.53
C PHE A 37 9.05 1.49 -5.91
N GLY A 38 8.49 2.67 -6.20
CA GLY A 38 7.87 2.90 -7.49
C GLY A 38 7.30 4.30 -7.62
N ASN A 39 6.35 4.46 -8.53
CA ASN A 39 5.71 5.76 -8.75
C ASN A 39 4.40 5.85 -7.98
N ILE A 40 4.17 7.00 -7.36
CA ILE A 40 2.96 7.22 -6.59
C ILE A 40 1.94 8.03 -7.40
N ILE A 41 0.84 7.38 -7.76
CA ILE A 41 -0.22 8.03 -8.53
C ILE A 41 -1.37 8.47 -7.63
N ASP A 42 -1.46 7.85 -6.46
CA ASP A 42 -2.52 8.17 -5.50
C ASP A 42 -2.01 8.02 -4.07
N LEU A 43 -1.79 9.14 -3.40
CA LEU A 43 -1.31 9.14 -2.03
C LEU A 43 -2.19 10.01 -1.14
N SER A 44 -2.86 9.38 -0.18
CA SER A 44 -3.74 10.10 0.74
C SER A 44 -3.30 9.88 2.19
N MET A 45 -3.56 10.87 3.03
CA MET A 45 -3.20 10.80 4.44
C MET A 45 -4.35 11.24 5.33
N ASP A 46 -4.55 10.54 6.44
CA ASP A 46 -5.63 10.87 7.37
C ASP A 46 -5.10 10.96 8.80
N PRO A 47 -4.78 12.18 9.24
CA PRO A 47 -4.26 12.42 10.59
C PRO A 47 -5.08 11.72 11.67
N PRO A 48 -6.41 11.80 11.53
CA PRO A 48 -7.35 11.17 12.48
C PRO A 48 -6.97 9.73 12.79
N ARG A 49 -6.93 8.89 11.76
CA ARG A 49 -6.60 7.49 11.93
C ARG A 49 -5.09 7.27 11.80
N ASN A 50 -4.36 8.37 11.68
CA ASN A 50 -2.90 8.30 11.55
C ASN A 50 -2.49 7.27 10.51
N CYS A 51 -3.30 7.15 9.46
CA CYS A 51 -3.02 6.19 8.39
C CYS A 51 -2.98 6.89 7.04
N ALA A 52 -2.75 6.11 5.99
CA ALA A 52 -2.69 6.66 4.63
C ALA A 52 -2.90 5.56 3.59
N PHE A 53 -3.09 5.96 2.34
CA PHE A 53 -3.30 5.02 1.25
C PHE A 53 -2.44 5.40 0.04
N VAL A 54 -1.34 4.67 -0.14
CA VAL A 54 -0.44 4.93 -1.26
C VAL A 54 -0.67 3.92 -2.39
N THR A 55 -0.78 4.42 -3.61
CA THR A 55 -1.00 3.57 -4.78
C THR A 55 0.19 3.61 -5.72
N TYR A 56 0.57 2.46 -6.25
CA TYR A 56 1.69 2.36 -7.17
C TYR A 56 1.21 2.14 -8.61
N GLU A 57 1.89 2.79 -9.54
CA GLU A 57 1.53 2.67 -10.95
C GLU A 57 1.46 1.21 -11.38
N LYS A 58 2.18 0.36 -10.65
CA LYS A 58 2.20 -1.08 -10.94
C LYS A 58 1.80 -1.89 -9.72
N MET A 59 1.44 -3.15 -9.94
CA MET A 59 1.05 -4.04 -8.85
C MET A 59 2.27 -4.63 -8.16
N GLU A 60 3.35 -4.80 -8.92
CA GLU A 60 4.58 -5.36 -8.37
C GLU A 60 5.05 -4.56 -7.16
N SER A 61 4.98 -3.24 -7.27
CA SER A 61 5.41 -2.37 -6.18
C SER A 61 4.52 -2.55 -4.95
N ALA A 62 3.23 -2.77 -5.19
CA ALA A 62 2.28 -2.97 -4.10
C ALA A 62 2.77 -4.03 -3.13
N ASP A 63 3.08 -5.22 -3.65
CA ASP A 63 3.55 -6.32 -2.83
C ASP A 63 4.93 -6.02 -2.27
N GLN A 64 5.72 -5.26 -3.03
CA GLN A 64 7.07 -4.90 -2.61
C GLN A 64 7.04 -4.10 -1.31
N ALA A 65 6.47 -2.90 -1.37
CA ALA A 65 6.37 -2.04 -0.20
C ALA A 65 5.85 -2.81 1.01
N VAL A 66 4.68 -3.41 0.87
CA VAL A 66 4.08 -4.18 1.96
C VAL A 66 5.04 -5.24 2.47
N ALA A 67 6.07 -5.52 1.68
CA ALA A 67 7.07 -6.53 2.06
C ALA A 67 8.23 -5.89 2.83
N GLU A 68 8.65 -4.72 2.37
CA GLU A 68 9.75 -4.01 3.02
C GLU A 68 9.22 -2.93 3.97
N LEU A 69 8.45 -2.00 3.43
CA LEU A 69 7.89 -0.93 4.23
C LEU A 69 7.09 -1.48 5.41
N ASN A 70 6.80 -2.77 5.36
CA ASN A 70 6.05 -3.42 6.42
C ASN A 70 6.84 -3.45 7.72
N GLY A 71 6.31 -2.80 8.75
CA GLY A 71 6.99 -2.76 10.03
C GLY A 71 8.35 -2.10 9.95
N THR A 72 8.56 -1.31 8.91
CA THR A 72 9.82 -0.61 8.71
C THR A 72 9.85 0.73 9.45
N GLN A 73 11.04 1.18 9.80
CA GLN A 73 11.20 2.45 10.51
C GLN A 73 11.95 3.47 9.66
N VAL A 74 11.19 4.34 9.01
CA VAL A 74 11.79 5.37 8.16
C VAL A 74 11.60 6.76 8.75
N GLU A 75 12.60 7.61 8.61
CA GLU A 75 12.55 8.97 9.14
C GLU A 75 12.23 8.95 10.63
N SER A 76 12.57 7.85 11.29
CA SER A 76 12.31 7.72 12.73
C SER A 76 10.83 7.47 13.00
N VAL A 77 10.15 6.85 12.03
CA VAL A 77 8.74 6.56 12.16
C VAL A 77 8.41 5.17 11.62
N GLN A 78 7.94 4.29 12.49
CA GLN A 78 7.60 2.93 12.11
C GLN A 78 6.29 2.90 11.33
N LEU A 79 6.40 2.73 10.01
CA LEU A 79 5.22 2.68 9.15
C LEU A 79 4.74 1.25 8.96
N LYS A 80 3.44 1.09 8.74
CA LYS A 80 2.85 -0.23 8.54
C LYS A 80 2.03 -0.26 7.26
N VAL A 81 2.55 -0.95 6.24
CA VAL A 81 1.87 -1.07 4.97
C VAL A 81 1.23 -2.44 4.80
N ASN A 82 -0.04 -2.46 4.44
CA ASN A 82 -0.77 -3.72 4.25
C ASN A 82 -1.63 -3.66 2.99
N ILE A 83 -1.62 -4.75 2.23
CA ILE A 83 -2.41 -4.83 1.01
C ILE A 83 -3.90 -4.80 1.30
N ALA A 84 -4.50 -3.62 1.17
CA ALA A 84 -5.92 -3.46 1.42
C ALA A 84 -6.72 -4.64 0.89
N ARG A 85 -7.75 -5.03 1.62
CA ARG A 85 -8.59 -6.15 1.22
C ARG A 85 -9.96 -5.67 0.74
N LYS A 86 -10.27 -4.40 1.02
CA LYS A 86 -11.53 -3.82 0.61
C LYS A 86 -11.37 -2.94 -0.62
N GLN A 87 -10.42 -3.31 -1.48
CA GLN A 87 -10.16 -2.56 -2.70
C GLN A 87 -10.51 -3.38 -3.94
N PRO A 88 -11.82 -3.42 -4.27
CA PRO A 88 -12.31 -4.17 -5.43
C PRO A 88 -11.89 -3.53 -6.75
N MET A 89 -12.29 -4.15 -7.86
CA MET A 89 -11.96 -3.64 -9.18
C MET A 89 -12.15 -2.14 -9.25
N LEU A 90 -11.04 -1.40 -9.19
CA LEU A 90 -11.08 0.05 -9.24
C LEU A 90 -11.04 0.55 -10.68
N ASP A 91 -9.96 0.21 -11.38
CA ASP A 91 -9.79 0.62 -12.77
C ASP A 91 -10.74 -0.15 -13.68
N SER A 92 -11.79 0.53 -14.14
CA SER A 92 -12.77 -0.10 -15.01
C SER A 92 -13.38 0.93 -15.97
N GLY A 93 -14.18 0.44 -16.90
CA GLY A 93 -14.82 1.33 -17.87
C GLY A 93 -15.27 0.60 -19.11
N PRO A 94 -16.48 0.02 -19.05
CA PRO A 94 -17.06 -0.73 -20.17
C PRO A 94 -17.46 0.19 -21.33
N SER A 95 -17.93 1.38 -21.00
CA SER A 95 -18.33 2.35 -22.02
C SER A 95 -19.55 1.84 -22.78
N SER A 96 -20.61 1.49 -22.05
CA SER A 96 -21.83 0.99 -22.66
C SER A 96 -23.05 1.63 -22.02
N GLY A 97 -24.08 1.87 -22.83
CA GLY A 97 -25.30 2.47 -22.31
C GLY A 97 -26.52 2.10 -23.15
N GLY A 1 -11.11 -22.20 8.94
CA GLY A 1 -12.11 -21.63 8.06
C GLY A 1 -13.53 -21.99 8.47
N SER A 2 -14.51 -21.55 7.68
CA SER A 2 -15.90 -21.83 7.97
C SER A 2 -16.20 -23.32 7.82
N SER A 3 -17.18 -23.80 8.59
CA SER A 3 -17.55 -25.21 8.55
C SER A 3 -18.89 -25.40 7.84
N GLY A 4 -18.95 -26.40 6.97
CA GLY A 4 -20.17 -26.66 6.23
C GLY A 4 -20.40 -25.67 5.12
N SER A 5 -20.87 -24.46 5.47
CA SER A 5 -21.13 -23.43 4.49
C SER A 5 -19.85 -22.71 4.09
N SER A 6 -19.76 -22.29 2.84
CA SER A 6 -18.59 -21.59 2.33
C SER A 6 -18.95 -20.72 1.14
N GLY A 7 -18.17 -19.67 0.92
CA GLY A 7 -18.42 -18.77 -0.19
C GLY A 7 -17.14 -18.27 -0.83
N GLU A 8 -16.81 -18.80 -2.00
CA GLU A 8 -15.60 -18.40 -2.71
C GLU A 8 -15.86 -18.28 -4.21
N ARG A 9 -14.98 -17.57 -4.90
CA ARG A 9 -15.12 -17.38 -6.34
C ARG A 9 -13.75 -17.23 -7.00
N ARG A 10 -13.61 -17.81 -8.18
CA ARG A 10 -12.35 -17.75 -8.93
C ARG A 10 -12.24 -16.44 -9.71
N ALA A 11 -11.39 -15.54 -9.24
CA ALA A 11 -11.20 -14.25 -9.90
C ALA A 11 -9.78 -13.74 -9.69
N PRO A 12 -9.32 -12.89 -10.62
CA PRO A 12 -7.98 -12.30 -10.56
C PRO A 12 -7.83 -11.30 -9.41
N ARG A 13 -6.69 -11.34 -8.74
CA ARG A 13 -6.41 -10.43 -7.63
C ARG A 13 -5.38 -9.38 -8.01
N LYS A 14 -5.78 -8.11 -7.91
CA LYS A 14 -4.88 -7.01 -8.25
C LYS A 14 -4.62 -6.12 -7.03
N GLY A 15 -3.37 -5.73 -6.84
CA GLY A 15 -3.01 -4.89 -5.72
C GLY A 15 -2.31 -3.62 -6.15
N ASN A 16 -3.00 -2.49 -6.04
CA ASN A 16 -2.43 -1.20 -6.42
C ASN A 16 -2.29 -0.30 -5.21
N THR A 17 -3.35 -0.21 -4.41
CA THR A 17 -3.35 0.63 -3.21
C THR A 17 -2.73 -0.11 -2.03
N LEU A 18 -2.16 0.65 -1.10
CA LEU A 18 -1.55 0.07 0.09
C LEU A 18 -1.93 0.84 1.33
N TYR A 19 -2.44 0.12 2.33
CA TYR A 19 -2.86 0.73 3.59
C TYR A 19 -1.66 0.96 4.51
N VAL A 20 -1.26 2.21 4.66
CA VAL A 20 -0.14 2.57 5.52
C VAL A 20 -0.62 3.15 6.84
N TYR A 21 0.16 2.93 7.90
CA TYR A 21 -0.17 3.44 9.22
C TYR A 21 1.03 4.11 9.88
N GLY A 22 0.77 5.12 10.69
CA GLY A 22 1.84 5.83 11.37
C GLY A 22 1.33 6.73 12.48
N GLU A 23 2.25 7.38 13.18
CA GLU A 23 1.89 8.28 14.27
C GLU A 23 2.62 9.61 14.14
N ASP A 24 3.86 9.56 13.65
CA ASP A 24 4.67 10.76 13.48
C ASP A 24 5.18 10.86 12.05
N MET A 25 4.32 10.54 11.08
CA MET A 25 4.68 10.61 9.67
C MET A 25 3.82 11.63 8.94
N THR A 26 4.36 12.17 7.85
CA THR A 26 3.64 13.16 7.06
C THR A 26 3.53 12.73 5.60
N PRO A 27 2.54 13.26 4.89
CA PRO A 27 2.31 12.94 3.48
C PRO A 27 3.58 13.02 2.65
N THR A 28 4.17 14.22 2.58
CA THR A 28 5.40 14.42 1.82
C THR A 28 6.45 13.38 2.17
N LEU A 29 6.45 12.94 3.43
CA LEU A 29 7.40 11.94 3.89
C LEU A 29 7.21 10.63 3.15
N LEU A 30 5.96 10.18 3.04
CA LEU A 30 5.64 8.95 2.34
C LEU A 30 6.00 9.04 0.86
N ARG A 31 5.88 10.24 0.31
CA ARG A 31 6.19 10.47 -1.10
C ARG A 31 7.60 10.02 -1.43
N GLY A 32 8.56 10.45 -0.61
CA GLY A 32 9.95 10.08 -0.83
C GLY A 32 10.29 8.72 -0.25
N ALA A 33 9.39 8.20 0.59
CA ALA A 33 9.60 6.90 1.22
C ALA A 33 9.07 5.78 0.34
N PHE A 34 8.04 6.08 -0.44
CA PHE A 34 7.43 5.08 -1.33
C PHE A 34 7.98 5.23 -2.74
N SER A 35 8.66 6.34 -3.01
CA SER A 35 9.23 6.60 -4.32
C SER A 35 10.18 5.48 -4.73
N PRO A 36 11.06 5.08 -3.79
CA PRO A 36 12.04 4.01 -4.02
C PRO A 36 11.42 2.77 -4.66
N PHE A 37 10.34 2.29 -4.06
CA PHE A 37 9.64 1.11 -4.56
C PHE A 37 9.10 1.35 -5.96
N GLY A 38 8.59 2.56 -6.19
CA GLY A 38 8.04 2.91 -7.49
C GLY A 38 7.48 4.31 -7.52
N ASN A 39 6.53 4.54 -8.44
CA ASN A 39 5.91 5.85 -8.57
C ASN A 39 4.58 5.90 -7.83
N ILE A 40 4.28 7.04 -7.22
CA ILE A 40 3.04 7.22 -6.48
C ILE A 40 2.03 8.02 -7.27
N ILE A 41 0.98 7.36 -7.74
CA ILE A 41 -0.08 8.01 -8.51
C ILE A 41 -1.23 8.45 -7.62
N ASP A 42 -1.41 7.75 -6.50
CA ASP A 42 -2.47 8.08 -5.56
C ASP A 42 -1.98 7.97 -4.12
N LEU A 43 -1.91 9.11 -3.44
CA LEU A 43 -1.47 9.15 -2.06
C LEU A 43 -2.33 10.08 -1.22
N SER A 44 -3.04 9.51 -0.25
CA SER A 44 -3.91 10.29 0.62
C SER A 44 -3.62 10.00 2.09
N MET A 45 -3.52 11.06 2.88
CA MET A 45 -3.24 10.92 4.31
C MET A 45 -4.45 11.34 5.14
N ASP A 46 -4.76 10.54 6.16
CA ASP A 46 -5.89 10.82 7.03
C ASP A 46 -5.43 11.01 8.48
N PRO A 47 -5.22 12.27 8.87
CA PRO A 47 -4.78 12.61 10.23
C PRO A 47 -5.60 11.89 11.31
N PRO A 48 -6.92 11.87 11.11
CA PRO A 48 -7.85 11.22 12.05
C PRO A 48 -7.38 9.82 12.45
N ARG A 49 -7.33 8.92 11.47
CA ARG A 49 -6.91 7.55 11.71
C ARG A 49 -5.39 7.43 11.66
N ASN A 50 -4.71 8.57 11.62
CA ASN A 50 -3.25 8.60 11.56
C ASN A 50 -2.72 7.54 10.59
N CYS A 51 -3.40 7.39 9.46
CA CYS A 51 -3.00 6.42 8.46
C CYS A 51 -2.86 7.08 7.09
N ALA A 52 -2.55 6.27 6.08
CA ALA A 52 -2.38 6.78 4.72
C ALA A 52 -2.61 5.68 3.70
N PHE A 53 -2.79 6.07 2.44
CA PHE A 53 -3.02 5.12 1.36
C PHE A 53 -2.19 5.48 0.13
N VAL A 54 -1.13 4.73 -0.12
CA VAL A 54 -0.27 4.97 -1.26
C VAL A 54 -0.53 3.96 -2.37
N THR A 55 -0.58 4.44 -3.61
CA THR A 55 -0.82 3.58 -4.76
C THR A 55 0.38 3.57 -5.69
N TYR A 56 0.63 2.42 -6.30
CA TYR A 56 1.75 2.27 -7.22
C TYR A 56 1.25 2.04 -8.65
N GLU A 57 1.94 2.66 -9.62
CA GLU A 57 1.57 2.52 -11.02
C GLU A 57 1.60 1.06 -11.46
N LYS A 58 2.36 0.25 -10.73
CA LYS A 58 2.48 -1.17 -11.03
C LYS A 58 2.24 -2.02 -9.78
N MET A 59 1.46 -3.08 -9.93
CA MET A 59 1.16 -3.96 -8.83
C MET A 59 2.44 -4.50 -8.19
N GLU A 60 3.42 -4.83 -9.02
CA GLU A 60 4.69 -5.35 -8.55
C GLU A 60 5.10 -4.68 -7.24
N SER A 61 5.12 -3.34 -7.26
CA SER A 61 5.50 -2.57 -6.09
C SER A 61 4.59 -2.89 -4.91
N ALA A 62 3.29 -2.87 -5.15
CA ALA A 62 2.31 -3.17 -4.11
C ALA A 62 2.84 -4.22 -3.14
N ASP A 63 3.09 -5.42 -3.65
CA ASP A 63 3.61 -6.50 -2.83
C ASP A 63 4.98 -6.15 -2.25
N GLN A 64 5.84 -5.60 -3.08
CA GLN A 64 7.18 -5.21 -2.66
C GLN A 64 7.12 -4.33 -1.42
N ALA A 65 6.57 -3.12 -1.58
CA ALA A 65 6.46 -2.18 -0.48
C ALA A 65 5.88 -2.86 0.76
N VAL A 66 4.64 -3.35 0.64
CA VAL A 66 3.98 -4.02 1.75
C VAL A 66 4.87 -5.08 2.37
N ALA A 67 5.85 -5.55 1.60
CA ALA A 67 6.78 -6.57 2.07
C ALA A 67 7.94 -5.94 2.85
N GLU A 68 8.38 -4.77 2.39
CA GLU A 68 9.48 -4.07 3.04
C GLU A 68 8.96 -2.99 3.98
N LEU A 69 8.19 -2.06 3.42
CA LEU A 69 7.63 -0.97 4.22
C LEU A 69 6.85 -1.50 5.41
N ASN A 70 6.55 -2.80 5.38
CA ASN A 70 5.80 -3.43 6.46
C ASN A 70 6.65 -3.49 7.74
N GLY A 71 6.28 -2.68 8.72
CA GLY A 71 7.01 -2.66 9.97
C GLY A 71 8.41 -2.09 9.82
N THR A 72 8.61 -1.30 8.77
CA THR A 72 9.91 -0.69 8.51
C THR A 72 10.06 0.63 9.27
N GLN A 73 11.30 0.97 9.61
CA GLN A 73 11.58 2.20 10.33
C GLN A 73 12.25 3.23 9.43
N VAL A 74 11.45 4.15 8.89
CA VAL A 74 11.96 5.18 8.01
C VAL A 74 11.80 6.56 8.63
N GLU A 75 12.81 7.41 8.47
CA GLU A 75 12.78 8.77 9.01
C GLU A 75 12.53 8.73 10.52
N SER A 76 12.97 7.65 11.16
CA SER A 76 12.79 7.50 12.60
C SER A 76 11.32 7.28 12.95
N VAL A 77 10.58 6.67 12.02
CA VAL A 77 9.16 6.40 12.22
C VAL A 77 8.79 5.01 11.71
N GLN A 78 8.19 4.20 12.58
CA GLN A 78 7.79 2.86 12.21
C GLN A 78 6.50 2.87 11.40
N LEU A 79 6.63 2.69 10.10
CA LEU A 79 5.48 2.68 9.20
C LEU A 79 4.97 1.26 8.98
N LYS A 80 3.64 1.12 8.94
CA LYS A 80 3.02 -0.18 8.74
C LYS A 80 2.14 -0.18 7.49
N VAL A 81 2.60 -0.85 6.45
CA VAL A 81 1.87 -0.93 5.20
C VAL A 81 1.24 -2.31 5.01
N ASN A 82 0.08 -2.35 4.35
CA ASN A 82 -0.62 -3.59 4.11
C ASN A 82 -1.39 -3.55 2.79
N ILE A 83 -1.72 -4.71 2.26
CA ILE A 83 -2.45 -4.80 1.01
C ILE A 83 -3.93 -4.46 1.21
N ALA A 84 -4.28 -3.20 0.97
CA ALA A 84 -5.65 -2.76 1.12
C ALA A 84 -6.64 -3.80 0.61
N ARG A 85 -7.82 -3.86 1.21
CA ARG A 85 -8.84 -4.81 0.82
C ARG A 85 -9.93 -4.13 0.00
N LYS A 86 -9.99 -2.80 0.09
CA LYS A 86 -10.99 -2.03 -0.64
C LYS A 86 -10.40 -1.45 -1.92
N GLN A 87 -9.66 -2.27 -2.66
CA GLN A 87 -9.04 -1.83 -3.91
C GLN A 87 -9.42 -2.75 -5.06
N PRO A 88 -10.61 -2.51 -5.63
CA PRO A 88 -11.13 -3.30 -6.75
C PRO A 88 -10.34 -3.05 -8.04
N MET A 89 -10.73 -3.75 -9.10
CA MET A 89 -10.06 -3.61 -10.40
C MET A 89 -10.25 -2.19 -10.94
N LEU A 90 -9.31 -1.77 -11.79
CA LEU A 90 -9.37 -0.43 -12.38
C LEU A 90 -8.44 -0.33 -13.58
N ASP A 91 -8.96 0.21 -14.69
CA ASP A 91 -8.17 0.36 -15.90
C ASP A 91 -8.49 1.69 -16.59
N SER A 92 -7.80 1.95 -17.70
CA SER A 92 -8.02 3.19 -18.45
C SER A 92 -8.75 2.91 -19.76
N GLY A 93 -8.21 1.97 -20.54
CA GLY A 93 -8.82 1.63 -21.81
C GLY A 93 -8.02 0.59 -22.58
N PRO A 94 -8.43 0.32 -23.82
CA PRO A 94 -7.77 -0.66 -24.68
C PRO A 94 -6.40 -0.18 -25.14
N SER A 95 -6.31 1.08 -25.53
CA SER A 95 -5.06 1.66 -25.99
C SER A 95 -3.92 1.35 -25.02
N SER A 96 -2.70 1.37 -25.52
CA SER A 96 -1.52 1.10 -24.71
C SER A 96 -1.62 -0.28 -24.08
N GLY A 97 -2.06 -1.26 -24.87
CA GLY A 97 -2.19 -2.61 -24.37
C GLY A 97 -0.86 -3.20 -23.94
N GLY A 1 4.10 -11.39 10.71
CA GLY A 1 5.30 -11.57 11.50
C GLY A 1 5.05 -12.43 12.72
N SER A 2 4.31 -11.90 13.68
CA SER A 2 4.01 -12.62 14.91
C SER A 2 2.54 -13.07 14.92
N SER A 3 2.34 -14.39 14.97
CA SER A 3 0.99 -14.94 14.99
C SER A 3 0.96 -16.26 15.78
N GLY A 4 -0.21 -16.61 16.30
CA GLY A 4 -0.35 -17.83 17.06
C GLY A 4 -1.42 -18.74 16.50
N SER A 5 -1.00 -19.75 15.75
CA SER A 5 -1.94 -20.70 15.15
C SER A 5 -3.03 -19.96 14.36
N SER A 6 -2.62 -18.93 13.63
CA SER A 6 -3.56 -18.14 12.84
C SER A 6 -2.84 -17.50 11.65
N GLY A 7 -3.41 -17.69 10.46
CA GLY A 7 -2.82 -17.13 9.26
C GLY A 7 -3.46 -17.67 7.99
N GLU A 8 -3.09 -17.08 6.86
CA GLU A 8 -3.64 -17.49 5.57
C GLU A 8 -2.54 -18.01 4.66
N ARG A 9 -2.94 -18.59 3.53
CA ARG A 9 -1.99 -19.12 2.56
C ARG A 9 -1.75 -18.14 1.43
N ARG A 10 -0.53 -17.63 1.33
CA ARG A 10 -0.18 -16.67 0.28
C ARG A 10 -0.79 -17.07 -1.06
N ALA A 11 -1.46 -16.13 -1.71
CA ALA A 11 -2.10 -16.38 -2.98
C ALA A 11 -1.89 -15.21 -3.94
N PRO A 12 -1.81 -15.53 -5.25
CA PRO A 12 -1.61 -14.51 -6.30
C PRO A 12 -2.82 -13.61 -6.48
N ARG A 13 -2.63 -12.32 -6.26
CA ARG A 13 -3.71 -11.35 -6.41
C ARG A 13 -3.18 -10.01 -6.90
N LYS A 14 -4.04 -9.23 -7.54
CA LYS A 14 -3.67 -7.93 -8.06
C LYS A 14 -3.94 -6.83 -7.03
N GLY A 15 -2.96 -5.95 -6.84
CA GLY A 15 -3.12 -4.86 -5.89
C GLY A 15 -2.38 -3.60 -6.31
N ASN A 16 -3.06 -2.47 -6.23
CA ASN A 16 -2.46 -1.19 -6.61
C ASN A 16 -2.33 -0.27 -5.41
N THR A 17 -3.41 -0.15 -4.64
CA THR A 17 -3.41 0.70 -3.45
C THR A 17 -2.86 -0.05 -2.23
N LEU A 18 -2.19 0.69 -1.36
CA LEU A 18 -1.62 0.10 -0.15
C LEU A 18 -2.06 0.85 1.09
N TYR A 19 -2.42 0.11 2.14
CA TYR A 19 -2.86 0.71 3.39
C TYR A 19 -1.68 0.91 4.34
N VAL A 20 -1.33 2.17 4.58
CA VAL A 20 -0.22 2.50 5.46
C VAL A 20 -0.74 3.06 6.79
N TYR A 21 0.01 2.82 7.86
CA TYR A 21 -0.37 3.30 9.18
C TYR A 21 0.85 3.83 9.94
N GLY A 22 0.79 5.11 10.31
CA GLY A 22 1.89 5.72 11.04
C GLY A 22 1.42 6.57 12.20
N GLU A 23 2.35 7.25 12.85
CA GLU A 23 2.03 8.10 13.99
C GLU A 23 2.61 9.50 13.82
N ASP A 24 3.93 9.58 13.70
CA ASP A 24 4.61 10.85 13.53
C ASP A 24 5.16 10.98 12.10
N MET A 25 4.33 10.65 11.11
CA MET A 25 4.72 10.74 9.72
C MET A 25 3.85 11.74 8.97
N THR A 26 4.40 12.29 7.89
CA THR A 26 3.67 13.27 7.08
C THR A 26 3.60 12.83 5.62
N PRO A 27 2.60 13.35 4.90
CA PRO A 27 2.40 13.03 3.48
C PRO A 27 3.70 13.14 2.67
N THR A 28 4.24 14.35 2.59
CA THR A 28 5.46 14.59 1.85
C THR A 28 6.53 13.54 2.18
N LEU A 29 6.51 13.08 3.42
CA LEU A 29 7.46 12.08 3.88
C LEU A 29 7.25 10.76 3.14
N LEU A 30 6.00 10.31 3.09
CA LEU A 30 5.66 9.05 2.42
C LEU A 30 5.98 9.14 0.92
N ARG A 31 5.87 10.34 0.37
CA ARG A 31 6.15 10.55 -1.05
C ARG A 31 7.55 10.07 -1.41
N GLY A 32 8.52 10.41 -0.55
CA GLY A 32 9.89 10.01 -0.79
C GLY A 32 10.23 8.68 -0.17
N ALA A 33 9.27 8.10 0.55
CA ALA A 33 9.46 6.81 1.20
C ALA A 33 8.93 5.68 0.33
N PHE A 34 7.82 5.93 -0.35
CA PHE A 34 7.21 4.92 -1.21
C PHE A 34 7.68 5.09 -2.66
N SER A 35 8.22 6.26 -2.97
CA SER A 35 8.71 6.54 -4.31
C SER A 35 9.79 5.55 -4.72
N PRO A 36 10.75 5.30 -3.81
CA PRO A 36 11.85 4.37 -4.05
C PRO A 36 11.37 3.04 -4.63
N PHE A 37 10.22 2.57 -4.14
CA PHE A 37 9.66 1.31 -4.60
C PHE A 37 9.05 1.47 -5.99
N GLY A 38 8.42 2.61 -6.23
CA GLY A 38 7.80 2.87 -7.51
C GLY A 38 7.19 4.26 -7.61
N ASN A 39 6.30 4.45 -8.57
CA ASN A 39 5.66 5.74 -8.76
C ASN A 39 4.33 5.80 -8.01
N ILE A 40 4.13 6.89 -7.27
CA ILE A 40 2.90 7.06 -6.50
C ILE A 40 1.87 7.86 -7.30
N ILE A 41 0.76 7.21 -7.62
CA ILE A 41 -0.31 7.85 -8.38
C ILE A 41 -1.43 8.32 -7.46
N ASP A 42 -1.48 7.75 -6.26
CA ASP A 42 -2.51 8.12 -5.29
C ASP A 42 -1.96 8.02 -3.87
N LEU A 43 -1.78 9.17 -3.23
CA LEU A 43 -1.27 9.23 -1.87
C LEU A 43 -2.11 10.14 -1.00
N SER A 44 -2.91 9.55 -0.12
CA SER A 44 -3.77 10.31 0.78
C SER A 44 -3.39 10.09 2.24
N MET A 45 -3.50 11.13 3.04
CA MET A 45 -3.17 11.05 4.46
C MET A 45 -4.31 11.55 5.32
N ASP A 46 -4.74 10.73 6.28
CA ASP A 46 -5.83 11.10 7.17
C ASP A 46 -5.37 11.10 8.62
N PRO A 47 -4.99 12.29 9.13
CA PRO A 47 -4.53 12.44 10.51
C PRO A 47 -5.44 11.77 11.51
N PRO A 48 -6.76 11.93 11.32
CA PRO A 48 -7.77 11.34 12.21
C PRO A 48 -7.51 9.86 12.48
N ARG A 49 -7.50 9.06 11.43
CA ARG A 49 -7.26 7.63 11.56
C ARG A 49 -5.77 7.32 11.56
N ASN A 50 -4.95 8.38 11.54
CA ASN A 50 -3.51 8.23 11.55
C ASN A 50 -3.07 7.15 10.55
N CYS A 51 -3.51 7.30 9.30
CA CYS A 51 -3.17 6.34 8.26
C CYS A 51 -3.08 7.03 6.90
N ALA A 52 -2.69 6.27 5.89
CA ALA A 52 -2.57 6.80 4.53
C ALA A 52 -2.75 5.71 3.49
N PHE A 53 -2.94 6.12 2.24
CA PHE A 53 -3.13 5.16 1.14
C PHE A 53 -2.19 5.47 -0.01
N VAL A 54 -1.14 4.67 -0.14
CA VAL A 54 -0.15 4.86 -1.20
C VAL A 54 -0.35 3.83 -2.31
N THR A 55 -0.73 4.33 -3.49
CA THR A 55 -0.95 3.46 -4.65
C THR A 55 0.24 3.48 -5.60
N TYR A 56 0.53 2.34 -6.20
CA TYR A 56 1.65 2.23 -7.13
C TYR A 56 1.15 2.03 -8.56
N GLU A 57 1.86 2.61 -9.51
CA GLU A 57 1.50 2.50 -10.92
C GLU A 57 1.48 1.04 -11.36
N LYS A 58 2.14 0.18 -10.59
CA LYS A 58 2.20 -1.24 -10.89
C LYS A 58 1.93 -2.08 -9.65
N MET A 59 1.49 -3.32 -9.87
CA MET A 59 1.19 -4.21 -8.76
C MET A 59 2.48 -4.69 -8.08
N GLU A 60 3.45 -5.09 -8.89
CA GLU A 60 4.73 -5.55 -8.36
C GLU A 60 5.15 -4.74 -7.14
N SER A 61 5.01 -3.42 -7.24
CA SER A 61 5.38 -2.51 -6.16
C SER A 61 4.52 -2.78 -4.93
N ALA A 62 3.20 -2.79 -5.13
CA ALA A 62 2.27 -3.02 -4.03
C ALA A 62 2.79 -4.09 -3.08
N ASP A 63 3.02 -5.29 -3.62
CA ASP A 63 3.52 -6.40 -2.81
C ASP A 63 4.90 -6.08 -2.25
N GLN A 64 5.77 -5.55 -3.10
CA GLN A 64 7.13 -5.20 -2.68
C GLN A 64 7.11 -4.34 -1.42
N ALA A 65 6.55 -3.14 -1.53
CA ALA A 65 6.46 -2.22 -0.41
C ALA A 65 5.95 -2.93 0.83
N VAL A 66 4.74 -3.49 0.75
CA VAL A 66 4.14 -4.21 1.86
C VAL A 66 5.07 -5.27 2.40
N ALA A 67 6.07 -5.65 1.60
CA ALA A 67 7.03 -6.66 1.99
C ALA A 67 8.22 -6.04 2.72
N GLU A 68 8.62 -4.86 2.27
CA GLU A 68 9.75 -4.16 2.87
C GLU A 68 9.27 -3.10 3.86
N LEU A 69 8.47 -2.16 3.37
CA LEU A 69 7.94 -1.10 4.21
C LEU A 69 7.27 -1.67 5.46
N ASN A 70 6.60 -2.81 5.29
CA ASN A 70 5.92 -3.46 6.40
C ASN A 70 6.71 -3.32 7.69
N GLY A 71 6.15 -2.59 8.66
CA GLY A 71 6.83 -2.39 9.93
C GLY A 71 8.25 -1.90 9.76
N THR A 72 8.45 -0.99 8.79
CA THR A 72 9.77 -0.44 8.53
C THR A 72 10.02 0.82 9.37
N GLN A 73 11.29 1.14 9.55
CA GLN A 73 11.66 2.32 10.33
C GLN A 73 12.35 3.36 9.45
N VAL A 74 11.57 4.32 8.96
CA VAL A 74 12.10 5.36 8.09
C VAL A 74 11.94 6.74 8.74
N GLU A 75 12.97 7.58 8.60
CA GLU A 75 12.94 8.92 9.18
C GLU A 75 12.62 8.86 10.68
N SER A 76 13.03 7.77 11.32
CA SER A 76 12.79 7.60 12.74
C SER A 76 11.30 7.39 13.03
N VAL A 77 10.61 6.78 12.07
CA VAL A 77 9.19 6.52 12.22
C VAL A 77 8.83 5.13 11.71
N GLN A 78 8.12 4.37 12.56
CA GLN A 78 7.72 3.01 12.20
C GLN A 78 6.46 3.03 11.34
N LEU A 79 6.63 2.70 10.06
CA LEU A 79 5.50 2.67 9.13
C LEU A 79 4.96 1.25 8.95
N LYS A 80 3.65 1.13 8.90
CA LYS A 80 3.01 -0.17 8.73
C LYS A 80 2.17 -0.20 7.45
N VAL A 81 2.69 -0.88 6.43
CA VAL A 81 2.00 -1.00 5.15
C VAL A 81 1.37 -2.38 4.99
N ASN A 82 0.22 -2.43 4.33
CA ASN A 82 -0.49 -3.68 4.11
C ASN A 82 -1.34 -3.61 2.84
N ILE A 83 -1.55 -4.76 2.22
CA ILE A 83 -2.35 -4.82 0.99
C ILE A 83 -3.82 -4.58 1.29
N ALA A 84 -4.26 -3.33 1.12
CA ALA A 84 -5.64 -2.97 1.36
C ALA A 84 -6.58 -4.11 0.99
N ARG A 85 -6.96 -4.91 1.98
CA ARG A 85 -7.86 -6.04 1.76
C ARG A 85 -9.25 -5.55 1.36
N LYS A 86 -10.00 -6.42 0.67
CA LYS A 86 -11.34 -6.08 0.22
C LYS A 86 -11.33 -4.84 -0.67
N GLN A 87 -10.49 -4.86 -1.70
CA GLN A 87 -10.38 -3.73 -2.62
C GLN A 87 -10.78 -4.16 -4.03
N PRO A 88 -11.95 -4.79 -4.15
CA PRO A 88 -12.47 -5.25 -5.45
C PRO A 88 -12.88 -4.10 -6.35
N MET A 89 -12.77 -2.88 -5.84
CA MET A 89 -13.13 -1.69 -6.61
C MET A 89 -11.96 -0.73 -6.70
N LEU A 90 -10.75 -1.27 -6.81
CA LEU A 90 -9.54 -0.46 -6.90
C LEU A 90 -8.65 -0.94 -8.04
N ASP A 91 -8.82 -0.36 -9.21
CA ASP A 91 -8.02 -0.73 -10.38
C ASP A 91 -8.08 0.37 -11.45
N SER A 92 -6.93 0.67 -12.03
CA SER A 92 -6.85 1.70 -13.06
C SER A 92 -6.10 1.18 -14.28
N GLY A 93 -6.58 1.58 -15.47
CA GLY A 93 -5.95 1.14 -16.69
C GLY A 93 -6.96 0.59 -17.70
N PRO A 94 -6.48 -0.26 -18.61
CA PRO A 94 -7.32 -0.87 -19.64
C PRO A 94 -8.30 -1.89 -19.06
N SER A 95 -9.52 -1.90 -19.59
CA SER A 95 -10.55 -2.83 -19.12
C SER A 95 -11.38 -3.34 -20.29
N SER A 96 -11.86 -4.57 -20.17
CA SER A 96 -12.68 -5.18 -21.21
C SER A 96 -14.12 -5.36 -20.74
N GLY A 97 -15.04 -5.45 -21.70
CA GLY A 97 -16.44 -5.62 -21.36
C GLY A 97 -16.86 -4.79 -20.17
N GLY A 1 -12.94 -24.97 6.94
CA GLY A 1 -12.04 -23.97 6.39
C GLY A 1 -12.65 -23.21 5.24
N SER A 2 -12.65 -21.88 5.34
CA SER A 2 -13.22 -21.03 4.31
C SER A 2 -12.71 -21.44 2.93
N SER A 3 -13.64 -21.87 2.07
CA SER A 3 -13.28 -22.29 0.72
C SER A 3 -12.27 -21.34 0.09
N GLY A 4 -12.67 -20.08 -0.05
CA GLY A 4 -11.79 -19.08 -0.63
C GLY A 4 -12.48 -18.28 -1.72
N SER A 5 -12.15 -18.59 -2.98
CA SER A 5 -12.74 -17.88 -4.11
C SER A 5 -12.50 -18.64 -5.41
N SER A 6 -13.06 -18.14 -6.50
CA SER A 6 -12.91 -18.77 -7.80
C SER A 6 -12.47 -17.75 -8.85
N GLY A 7 -11.20 -17.78 -9.22
CA GLY A 7 -10.69 -16.86 -10.22
C GLY A 7 -10.16 -17.57 -11.44
N GLU A 8 -10.73 -17.26 -12.60
CA GLU A 8 -10.30 -17.88 -13.85
C GLU A 8 -9.67 -16.85 -14.78
N ARG A 9 -10.40 -15.77 -15.03
CA ARG A 9 -9.91 -14.70 -15.91
C ARG A 9 -9.42 -13.52 -15.09
N ARG A 10 -8.64 -13.79 -14.05
CA ARG A 10 -8.11 -12.75 -13.19
C ARG A 10 -7.15 -11.85 -13.97
N ALA A 11 -7.07 -10.59 -13.55
CA ALA A 11 -6.18 -9.62 -14.20
C ALA A 11 -4.91 -9.41 -13.39
N PRO A 12 -3.90 -8.79 -14.02
CA PRO A 12 -2.62 -8.51 -13.37
C PRO A 12 -2.73 -7.44 -12.30
N ARG A 13 -3.95 -6.93 -12.10
CA ARG A 13 -4.18 -5.89 -11.10
C ARG A 13 -5.00 -6.45 -9.94
N LYS A 14 -4.31 -6.94 -8.92
CA LYS A 14 -4.97 -7.50 -7.74
C LYS A 14 -4.79 -6.59 -6.54
N GLY A 15 -3.65 -5.92 -6.48
CA GLY A 15 -3.38 -5.02 -5.37
C GLY A 15 -2.59 -3.80 -5.79
N ASN A 16 -3.29 -2.71 -6.09
CA ASN A 16 -2.65 -1.47 -6.50
C ASN A 16 -2.47 -0.51 -5.33
N THR A 17 -3.49 -0.44 -4.48
CA THR A 17 -3.45 0.44 -3.31
C THR A 17 -2.79 -0.27 -2.13
N LEU A 18 -2.25 0.53 -1.21
CA LEU A 18 -1.59 -0.02 -0.02
C LEU A 18 -2.03 0.73 1.24
N TYR A 19 -2.45 -0.02 2.25
CA TYR A 19 -2.90 0.57 3.50
C TYR A 19 -1.71 0.84 4.43
N VAL A 20 -1.42 2.11 4.65
CA VAL A 20 -0.33 2.51 5.51
C VAL A 20 -0.84 3.09 6.82
N TYR A 21 -0.07 2.88 7.90
CA TYR A 21 -0.45 3.38 9.21
C TYR A 21 0.77 3.89 9.96
N GLY A 22 0.72 5.15 10.38
CA GLY A 22 1.82 5.74 11.12
C GLY A 22 1.37 6.59 12.28
N GLU A 23 2.32 7.25 12.94
CA GLU A 23 1.99 8.10 14.07
C GLU A 23 2.57 9.51 13.89
N ASP A 24 3.89 9.59 13.75
CA ASP A 24 4.56 10.87 13.57
C ASP A 24 5.12 10.98 12.15
N MET A 25 4.29 10.65 11.16
CA MET A 25 4.71 10.71 9.76
C MET A 25 3.87 11.72 8.99
N THR A 26 4.43 12.24 7.91
CA THR A 26 3.73 13.21 7.07
C THR A 26 3.69 12.77 5.61
N PRO A 27 2.68 13.24 4.88
CA PRO A 27 2.51 12.91 3.46
C PRO A 27 3.80 13.09 2.66
N THR A 28 4.33 14.31 2.66
CA THR A 28 5.56 14.61 1.94
C THR A 28 6.62 13.54 2.20
N LEU A 29 6.64 13.02 3.42
CA LEU A 29 7.60 11.99 3.81
C LEU A 29 7.35 10.69 3.05
N LEU A 30 6.10 10.24 3.05
CA LEU A 30 5.72 9.02 2.36
C LEU A 30 6.06 9.11 0.87
N ARG A 31 6.01 10.33 0.32
CA ARG A 31 6.31 10.54 -1.08
C ARG A 31 7.73 10.08 -1.41
N GLY A 32 8.66 10.38 -0.52
CA GLY A 32 10.05 10.00 -0.73
C GLY A 32 10.36 8.64 -0.15
N ALA A 33 9.43 8.09 0.62
CA ALA A 33 9.62 6.78 1.25
C ALA A 33 9.03 5.68 0.37
N PHE A 34 7.97 5.99 -0.36
CA PHE A 34 7.31 5.04 -1.23
C PHE A 34 7.82 5.17 -2.67
N SER A 35 8.32 6.36 -3.00
CA SER A 35 8.83 6.62 -4.34
C SER A 35 9.90 5.61 -4.73
N PRO A 36 10.83 5.35 -3.80
CA PRO A 36 11.93 4.40 -4.02
C PRO A 36 11.42 3.07 -4.60
N PHE A 37 10.26 2.63 -4.13
CA PHE A 37 9.68 1.38 -4.58
C PHE A 37 9.08 1.54 -5.98
N GLY A 38 8.47 2.69 -6.22
CA GLY A 38 7.86 2.95 -7.51
C GLY A 38 7.30 4.35 -7.62
N ASN A 39 6.42 4.58 -8.59
CA ASN A 39 5.81 5.88 -8.81
C ASN A 39 4.47 5.97 -8.09
N ILE A 40 4.32 6.98 -7.24
CA ILE A 40 3.08 7.19 -6.50
C ILE A 40 2.07 7.97 -7.33
N ILE A 41 0.96 7.31 -7.67
CA ILE A 41 -0.09 7.95 -8.46
C ILE A 41 -1.25 8.39 -7.58
N ASP A 42 -1.36 7.77 -6.41
CA ASP A 42 -2.43 8.09 -5.47
C ASP A 42 -1.94 7.98 -4.03
N LEU A 43 -1.74 9.13 -3.38
CA LEU A 43 -1.28 9.18 -2.01
C LEU A 43 -2.19 10.04 -1.15
N SER A 44 -2.93 9.40 -0.25
CA SER A 44 -3.85 10.12 0.63
C SER A 44 -3.45 9.92 2.09
N MET A 45 -3.49 11.01 2.85
CA MET A 45 -3.14 10.96 4.27
C MET A 45 -4.28 11.50 5.14
N ASP A 46 -4.63 10.75 6.17
CA ASP A 46 -5.70 11.16 7.07
C ASP A 46 -5.21 11.20 8.52
N PRO A 47 -4.80 12.39 8.98
CA PRO A 47 -4.30 12.58 10.34
C PRO A 47 -5.22 11.95 11.39
N PRO A 48 -6.54 12.12 11.22
CA PRO A 48 -7.54 11.58 12.14
C PRO A 48 -7.28 10.10 12.45
N ARG A 49 -7.37 9.26 11.43
CA ARG A 49 -7.15 7.83 11.60
C ARG A 49 -5.67 7.50 11.60
N ASN A 50 -4.83 8.54 11.58
CA ASN A 50 -3.38 8.36 11.58
C ASN A 50 -2.97 7.27 10.60
N CYS A 51 -3.51 7.33 9.38
CA CYS A 51 -3.19 6.35 8.36
C CYS A 51 -3.16 6.99 6.97
N ALA A 52 -2.76 6.21 5.97
CA ALA A 52 -2.70 6.71 4.60
C ALA A 52 -2.85 5.57 3.61
N PHE A 53 -3.05 5.93 2.34
CA PHE A 53 -3.22 4.94 1.28
C PHE A 53 -2.39 5.30 0.05
N VAL A 54 -1.26 4.64 -0.10
CA VAL A 54 -0.37 4.90 -1.24
C VAL A 54 -0.63 3.90 -2.36
N THR A 55 -0.79 4.42 -3.58
CA THR A 55 -1.04 3.58 -4.75
C THR A 55 0.16 3.57 -5.68
N TYR A 56 0.48 2.41 -6.23
CA TYR A 56 1.59 2.26 -7.15
C TYR A 56 1.12 2.03 -8.57
N GLU A 57 1.81 2.62 -9.54
CA GLU A 57 1.45 2.48 -10.94
C GLU A 57 1.46 1.01 -11.36
N LYS A 58 2.35 0.24 -10.75
CA LYS A 58 2.47 -1.19 -11.05
C LYS A 58 2.33 -2.03 -9.78
N MET A 59 1.35 -2.92 -9.76
CA MET A 59 1.11 -3.78 -8.61
C MET A 59 2.42 -4.35 -8.09
N GLU A 60 3.34 -4.66 -9.00
CA GLU A 60 4.64 -5.21 -8.63
C GLU A 60 5.16 -4.54 -7.36
N SER A 61 4.84 -3.26 -7.19
CA SER A 61 5.29 -2.50 -6.03
C SER A 61 4.44 -2.84 -4.81
N ALA A 62 3.12 -2.84 -4.99
CA ALA A 62 2.20 -3.14 -3.91
C ALA A 62 2.77 -4.21 -2.98
N ASP A 63 3.10 -5.37 -3.55
CA ASP A 63 3.66 -6.47 -2.78
C ASP A 63 5.02 -6.11 -2.23
N GLN A 64 5.87 -5.53 -3.07
CA GLN A 64 7.22 -5.13 -2.66
C GLN A 64 7.16 -4.24 -1.42
N ALA A 65 6.59 -3.05 -1.57
CA ALA A 65 6.48 -2.12 -0.46
C ALA A 65 5.95 -2.80 0.79
N VAL A 66 4.75 -3.38 0.68
CA VAL A 66 4.14 -4.07 1.80
C VAL A 66 5.07 -5.13 2.37
N ALA A 67 6.05 -5.55 1.58
CA ALA A 67 7.01 -6.55 2.02
C ALA A 67 8.17 -5.91 2.78
N GLU A 68 8.60 -4.74 2.32
CA GLU A 68 9.70 -4.03 2.96
C GLU A 68 9.17 -2.95 3.91
N LEU A 69 8.39 -2.03 3.37
CA LEU A 69 7.82 -0.94 4.17
C LEU A 69 7.09 -1.49 5.39
N ASN A 70 6.70 -2.77 5.32
CA ASN A 70 6.00 -3.41 6.42
C ASN A 70 6.85 -3.43 7.68
N GLY A 71 6.37 -2.77 8.73
CA GLY A 71 7.11 -2.74 9.98
C GLY A 71 8.47 -2.09 9.83
N THR A 72 8.63 -1.28 8.78
CA THR A 72 9.90 -0.60 8.53
C THR A 72 9.99 0.69 9.32
N GLN A 73 11.23 1.15 9.54
CA GLN A 73 11.45 2.38 10.28
C GLN A 73 12.19 3.41 9.43
N VAL A 74 11.44 4.33 8.83
CA VAL A 74 12.01 5.37 7.98
C VAL A 74 11.87 6.74 8.62
N GLU A 75 12.88 7.58 8.44
CA GLU A 75 12.87 8.92 9.00
C GLU A 75 12.60 8.88 10.51
N SER A 76 12.97 7.77 11.13
CA SER A 76 12.77 7.60 12.57
C SER A 76 11.30 7.39 12.88
N VAL A 77 10.58 6.78 11.95
CA VAL A 77 9.16 6.51 12.13
C VAL A 77 8.80 5.11 11.62
N GLN A 78 8.14 4.33 12.48
CA GLN A 78 7.73 2.98 12.12
C GLN A 78 6.44 2.99 11.30
N LEU A 79 6.57 2.74 10.01
CA LEU A 79 5.42 2.73 9.12
C LEU A 79 4.91 1.31 8.92
N LYS A 80 3.58 1.16 8.94
CA LYS A 80 2.95 -0.14 8.76
C LYS A 80 2.13 -0.19 7.48
N VAL A 81 2.62 -0.91 6.49
CA VAL A 81 1.92 -1.03 5.21
C VAL A 81 1.35 -2.44 5.02
N ASN A 82 0.19 -2.52 4.39
CA ASN A 82 -0.45 -3.81 4.15
C ASN A 82 -1.28 -3.77 2.87
N ILE A 83 -1.50 -4.93 2.27
CA ILE A 83 -2.28 -5.03 1.03
C ILE A 83 -3.76 -4.76 1.30
N ALA A 84 -4.18 -3.52 1.08
CA ALA A 84 -5.57 -3.14 1.30
C ALA A 84 -6.51 -4.12 0.62
N ARG A 85 -7.44 -4.68 1.40
CA ARG A 85 -8.41 -5.63 0.88
C ARG A 85 -9.42 -4.95 -0.03
N LYS A 86 -10.10 -3.94 0.51
CA LYS A 86 -11.10 -3.19 -0.26
C LYS A 86 -10.44 -2.11 -1.10
N GLN A 87 -10.12 -2.46 -2.34
CA GLN A 87 -9.49 -1.51 -3.26
C GLN A 87 -10.46 -1.05 -4.33
N PRO A 88 -11.31 -0.07 -3.99
CA PRO A 88 -12.31 0.48 -4.92
C PRO A 88 -11.67 1.28 -6.05
N MET A 89 -12.51 1.78 -6.95
CA MET A 89 -12.03 2.57 -8.08
C MET A 89 -11.53 3.93 -7.62
N LEU A 90 -10.40 4.37 -8.19
CA LEU A 90 -9.82 5.66 -7.83
C LEU A 90 -9.81 6.60 -9.03
N ASP A 91 -9.41 6.08 -10.17
CA ASP A 91 -9.36 6.88 -11.40
C ASP A 91 -10.19 6.23 -12.51
N SER A 92 -11.44 6.67 -12.63
CA SER A 92 -12.35 6.13 -13.64
C SER A 92 -11.83 6.43 -15.05
N GLY A 93 -11.21 5.44 -15.67
CA GLY A 93 -10.68 5.62 -17.01
C GLY A 93 -11.52 6.58 -17.84
N PRO A 94 -11.10 7.85 -17.88
CA PRO A 94 -11.81 8.89 -18.64
C PRO A 94 -11.68 8.69 -20.14
N SER A 95 -12.79 8.32 -20.78
CA SER A 95 -12.80 8.10 -22.23
C SER A 95 -13.59 9.19 -22.93
N SER A 96 -13.04 9.69 -24.02
CA SER A 96 -13.68 10.76 -24.80
C SER A 96 -14.65 10.16 -25.81
N GLY A 97 -15.49 11.03 -26.39
CA GLY A 97 -16.45 10.57 -27.37
C GLY A 97 -15.80 10.23 -28.70
N GLY A 1 4.94 -37.65 8.52
CA GLY A 1 3.88 -37.32 7.57
C GLY A 1 2.70 -36.65 8.25
N SER A 2 1.95 -35.87 7.47
CA SER A 2 0.79 -35.16 8.00
C SER A 2 -0.30 -35.04 6.94
N SER A 3 -1.55 -34.91 7.38
CA SER A 3 -2.67 -34.79 6.46
C SER A 3 -3.10 -33.34 6.33
N GLY A 4 -4.00 -33.08 5.39
CA GLY A 4 -4.48 -31.72 5.16
C GLY A 4 -5.77 -31.43 5.91
N SER A 5 -5.78 -30.33 6.65
CA SER A 5 -6.96 -29.94 7.42
C SER A 5 -7.82 -28.97 6.63
N SER A 6 -9.14 -29.20 6.65
CA SER A 6 -10.07 -28.34 5.93
C SER A 6 -9.72 -26.86 6.14
N GLY A 7 -9.96 -26.05 5.11
CA GLY A 7 -9.68 -24.64 5.20
C GLY A 7 -10.17 -23.86 4.01
N GLU A 8 -9.51 -22.76 3.69
CA GLU A 8 -9.90 -21.92 2.55
C GLU A 8 -8.69 -21.58 1.70
N ARG A 9 -8.89 -21.55 0.38
CA ARG A 9 -7.82 -21.23 -0.55
C ARG A 9 -7.26 -19.83 -0.29
N ARG A 10 -6.00 -19.77 0.13
CA ARG A 10 -5.37 -18.49 0.41
C ARG A 10 -5.55 -17.51 -0.75
N ALA A 11 -5.88 -16.26 -0.42
CA ALA A 11 -6.10 -15.24 -1.43
C ALA A 11 -4.78 -14.82 -2.07
N PRO A 12 -4.84 -14.39 -3.34
CA PRO A 12 -3.66 -13.95 -4.08
C PRO A 12 -3.10 -12.63 -3.56
N ARG A 13 -1.83 -12.38 -3.87
CA ARG A 13 -1.17 -11.16 -3.43
C ARG A 13 -0.93 -10.22 -4.61
N LYS A 14 -1.95 -9.45 -4.96
CA LYS A 14 -1.85 -8.50 -6.07
C LYS A 14 -2.84 -7.35 -5.88
N GLY A 15 -2.29 -6.13 -5.78
CA GLY A 15 -3.14 -4.97 -5.60
C GLY A 15 -2.47 -3.69 -6.07
N ASN A 16 -3.21 -2.59 -6.05
CA ASN A 16 -2.67 -1.31 -6.48
C ASN A 16 -2.49 -0.37 -5.29
N THR A 17 -3.51 -0.30 -4.44
CA THR A 17 -3.47 0.55 -3.25
C THR A 17 -2.79 -0.16 -2.09
N LEU A 18 -2.25 0.62 -1.16
CA LEU A 18 -1.57 0.07 0.01
C LEU A 18 -1.96 0.81 1.28
N TYR A 19 -2.39 0.06 2.29
CA TYR A 19 -2.80 0.65 3.55
C TYR A 19 -1.59 0.91 4.45
N VAL A 20 -1.24 2.18 4.60
CA VAL A 20 -0.10 2.56 5.44
C VAL A 20 -0.57 3.21 6.74
N TYR A 21 0.14 2.93 7.82
CA TYR A 21 -0.20 3.48 9.13
C TYR A 21 1.06 3.91 9.88
N GLY A 22 1.01 5.09 10.48
CA GLY A 22 2.14 5.60 11.23
C GLY A 22 1.73 6.46 12.40
N GLU A 23 2.67 7.23 12.93
CA GLU A 23 2.39 8.10 14.06
C GLU A 23 2.99 9.49 13.84
N ASP A 24 4.23 9.53 13.38
CA ASP A 24 4.91 10.80 13.12
C ASP A 24 5.39 10.87 11.67
N MET A 25 4.50 10.51 10.76
CA MET A 25 4.83 10.54 9.33
C MET A 25 3.92 11.51 8.59
N THR A 26 4.50 12.25 7.64
CA THR A 26 3.74 13.22 6.86
C THR A 26 3.64 12.79 5.40
N PRO A 27 2.61 13.28 4.71
CA PRO A 27 2.39 12.96 3.30
C PRO A 27 3.64 13.13 2.46
N THR A 28 4.30 14.28 2.60
CA THR A 28 5.52 14.57 1.86
C THR A 28 6.59 13.52 2.14
N LEU A 29 6.56 12.97 3.34
CA LEU A 29 7.53 11.95 3.73
C LEU A 29 7.33 10.66 2.95
N LEU A 30 6.10 10.16 2.97
CA LEU A 30 5.76 8.93 2.26
C LEU A 30 6.09 9.05 0.77
N ARG A 31 6.03 10.27 0.26
CA ARG A 31 6.33 10.52 -1.15
C ARG A 31 7.77 10.14 -1.48
N GLY A 32 8.68 10.43 -0.55
CA GLY A 32 10.08 10.11 -0.75
C GLY A 32 10.46 8.77 -0.18
N ALA A 33 9.57 8.19 0.61
CA ALA A 33 9.81 6.89 1.22
C ALA A 33 9.24 5.76 0.37
N PHE A 34 8.14 6.06 -0.33
CA PHE A 34 7.49 5.06 -1.18
C PHE A 34 7.97 5.20 -2.62
N SER A 35 8.57 6.34 -2.93
CA SER A 35 9.06 6.60 -4.29
C SER A 35 10.10 5.57 -4.69
N PRO A 36 11.04 5.29 -3.78
CA PRO A 36 12.11 4.32 -4.01
C PRO A 36 11.59 3.01 -4.57
N PHE A 37 10.40 2.61 -4.14
CA PHE A 37 9.79 1.37 -4.59
C PHE A 37 9.20 1.54 -6.00
N GLY A 38 8.66 2.73 -6.26
CA GLY A 38 8.07 2.99 -7.56
C GLY A 38 7.53 4.41 -7.67
N ASN A 39 6.46 4.58 -8.45
CA ASN A 39 5.85 5.89 -8.64
C ASN A 39 4.54 5.99 -7.86
N ILE A 40 4.33 7.14 -7.24
CA ILE A 40 3.12 7.36 -6.46
C ILE A 40 2.10 8.18 -7.25
N ILE A 41 0.98 7.55 -7.59
CA ILE A 41 -0.07 8.23 -8.34
C ILE A 41 -1.20 8.69 -7.43
N ASP A 42 -1.44 7.92 -6.37
CA ASP A 42 -2.50 8.25 -5.42
C ASP A 42 -1.99 8.09 -3.98
N LEU A 43 -1.75 9.21 -3.31
CA LEU A 43 -1.28 9.20 -1.94
C LEU A 43 -2.13 10.10 -1.05
N SER A 44 -2.91 9.49 -0.16
CA SER A 44 -3.77 10.24 0.75
C SER A 44 -3.41 9.95 2.20
N MET A 45 -3.47 10.99 3.03
CA MET A 45 -3.16 10.84 4.45
C MET A 45 -4.35 11.23 5.32
N ASP A 46 -4.57 10.49 6.38
CA ASP A 46 -5.68 10.76 7.29
C ASP A 46 -5.19 10.88 8.73
N PRO A 47 -4.95 12.13 9.16
CA PRO A 47 -4.47 12.42 10.51
C PRO A 47 -5.28 11.68 11.58
N PRO A 48 -6.60 11.67 11.42
CA PRO A 48 -7.51 11.01 12.36
C PRO A 48 -7.06 9.60 12.70
N ARG A 49 -7.01 8.74 11.69
CA ARG A 49 -6.59 7.35 11.88
C ARG A 49 -5.10 7.20 11.65
N ASN A 50 -4.40 8.33 11.58
CA ASN A 50 -2.96 8.31 11.37
C ASN A 50 -2.56 7.28 10.32
N CYS A 51 -3.38 7.15 9.29
CA CYS A 51 -3.14 6.18 8.22
C CYS A 51 -3.02 6.89 6.88
N ALA A 52 -2.75 6.13 5.83
CA ALA A 52 -2.61 6.67 4.48
C ALA A 52 -2.79 5.59 3.43
N PHE A 53 -3.17 6.00 2.22
CA PHE A 53 -3.38 5.06 1.12
C PHE A 53 -2.48 5.40 -0.06
N VAL A 54 -1.37 4.69 -0.17
CA VAL A 54 -0.43 4.91 -1.27
C VAL A 54 -0.67 3.94 -2.42
N THR A 55 -0.77 4.49 -3.63
CA THR A 55 -1.00 3.68 -4.82
C THR A 55 0.21 3.70 -5.74
N TYR A 56 0.64 2.51 -6.18
CA TYR A 56 1.78 2.39 -7.07
C TYR A 56 1.33 2.21 -8.51
N GLU A 57 2.05 2.84 -9.44
CA GLU A 57 1.73 2.74 -10.86
C GLU A 57 1.68 1.29 -11.31
N LYS A 58 2.40 0.43 -10.60
CA LYS A 58 2.44 -0.99 -10.92
C LYS A 58 1.96 -1.83 -9.75
N MET A 59 1.60 -3.08 -10.02
CA MET A 59 1.12 -3.99 -8.99
C MET A 59 2.30 -4.60 -8.23
N GLU A 60 3.42 -4.77 -8.90
CA GLU A 60 4.61 -5.34 -8.29
C GLU A 60 5.01 -4.56 -7.04
N SER A 61 4.95 -3.23 -7.14
CA SER A 61 5.32 -2.37 -6.02
C SER A 61 4.44 -2.66 -4.81
N ALA A 62 3.14 -2.82 -5.05
CA ALA A 62 2.20 -3.11 -3.97
C ALA A 62 2.74 -4.18 -3.03
N ASP A 63 3.01 -5.37 -3.58
CA ASP A 63 3.53 -6.47 -2.78
C ASP A 63 4.92 -6.13 -2.24
N GLN A 64 5.74 -5.49 -3.07
CA GLN A 64 7.09 -5.12 -2.68
C GLN A 64 7.07 -4.29 -1.39
N ALA A 65 6.52 -3.09 -1.48
CA ALA A 65 6.43 -2.20 -0.32
C ALA A 65 5.92 -2.93 0.90
N VAL A 66 4.74 -3.54 0.77
CA VAL A 66 4.13 -4.28 1.87
C VAL A 66 5.11 -5.31 2.44
N ALA A 67 6.15 -5.62 1.68
CA ALA A 67 7.15 -6.58 2.11
C ALA A 67 8.30 -5.89 2.86
N GLU A 68 8.68 -4.71 2.37
CA GLU A 68 9.76 -3.94 2.98
C GLU A 68 9.20 -2.87 3.91
N LEU A 69 8.39 -1.99 3.36
CA LEU A 69 7.79 -0.90 4.14
C LEU A 69 6.99 -1.45 5.32
N ASN A 70 6.75 -2.76 5.29
CA ASN A 70 5.99 -3.42 6.36
C ASN A 70 6.83 -3.52 7.63
N GLY A 71 6.42 -2.77 8.66
CA GLY A 71 7.14 -2.79 9.92
C GLY A 71 8.48 -2.09 9.83
N THR A 72 8.68 -1.34 8.75
CA THR A 72 9.93 -0.61 8.55
C THR A 72 9.92 0.71 9.31
N GLN A 73 11.11 1.20 9.65
CA GLN A 73 11.24 2.46 10.38
C GLN A 73 12.01 3.49 9.56
N VAL A 74 11.29 4.34 8.85
CA VAL A 74 11.90 5.37 8.02
C VAL A 74 11.71 6.75 8.64
N GLU A 75 12.73 7.60 8.50
CA GLU A 75 12.68 8.95 9.05
C GLU A 75 12.41 8.92 10.55
N SER A 76 12.76 7.80 11.19
CA SER A 76 12.54 7.64 12.61
C SER A 76 11.07 7.41 12.93
N VAL A 77 10.37 6.80 11.98
CA VAL A 77 8.94 6.51 12.14
C VAL A 77 8.60 5.12 11.61
N GLN A 78 8.09 4.26 12.50
CA GLN A 78 7.73 2.91 12.12
C GLN A 78 6.40 2.89 11.35
N LEU A 79 6.50 2.73 10.04
CA LEU A 79 5.31 2.70 9.18
C LEU A 79 4.77 1.28 9.05
N LYS A 80 3.46 1.16 8.91
CA LYS A 80 2.82 -0.14 8.77
C LYS A 80 2.03 -0.22 7.48
N VAL A 81 2.57 -0.92 6.49
CA VAL A 81 1.91 -1.06 5.20
C VAL A 81 1.22 -2.43 5.09
N ASN A 82 0.08 -2.44 4.42
CA ASN A 82 -0.68 -3.68 4.23
C ASN A 82 -1.46 -3.65 2.93
N ILE A 83 -1.67 -4.83 2.35
CA ILE A 83 -2.41 -4.94 1.10
C ILE A 83 -3.89 -4.66 1.30
N ALA A 84 -4.29 -3.41 1.06
CA ALA A 84 -5.68 -3.00 1.23
C ALA A 84 -6.62 -4.07 0.67
N ARG A 85 -7.31 -4.76 1.58
CA ARG A 85 -8.25 -5.81 1.18
C ARG A 85 -9.26 -5.28 0.17
N LYS A 86 -9.54 -3.99 0.24
CA LYS A 86 -10.48 -3.36 -0.67
C LYS A 86 -9.78 -2.39 -1.61
N GLN A 87 -8.86 -2.92 -2.43
CA GLN A 87 -8.12 -2.11 -3.38
C GLN A 87 -8.59 -2.36 -4.81
N PRO A 88 -9.69 -1.70 -5.20
CA PRO A 88 -10.26 -1.83 -6.54
C PRO A 88 -9.38 -1.20 -7.61
N MET A 89 -9.87 -1.22 -8.85
CA MET A 89 -9.12 -0.65 -9.96
C MET A 89 -9.28 0.86 -10.01
N LEU A 90 -8.30 1.57 -9.47
CA LEU A 90 -8.33 3.03 -9.45
C LEU A 90 -7.38 3.61 -10.49
N ASP A 91 -7.87 4.56 -11.27
CA ASP A 91 -7.05 5.20 -12.30
C ASP A 91 -7.28 6.71 -12.30
N SER A 92 -6.23 7.45 -12.69
CA SER A 92 -6.32 8.91 -12.73
C SER A 92 -6.68 9.39 -14.13
N GLY A 93 -5.87 9.01 -15.11
CA GLY A 93 -6.11 9.41 -16.48
C GLY A 93 -5.23 10.56 -16.93
N PRO A 94 -5.07 10.72 -18.25
CA PRO A 94 -4.24 11.79 -18.82
C PRO A 94 -4.86 13.17 -18.62
N SER A 95 -5.99 13.22 -17.93
CA SER A 95 -6.68 14.48 -17.67
C SER A 95 -5.68 15.60 -17.45
N SER A 96 -4.69 15.36 -16.60
CA SER A 96 -3.67 16.36 -16.30
C SER A 96 -3.30 17.14 -17.56
N GLY A 97 -3.50 18.45 -17.52
CA GLY A 97 -3.18 19.29 -18.66
C GLY A 97 -4.23 19.23 -19.75
N GLY A 1 -3.13 -25.40 -10.36
CA GLY A 1 -3.07 -25.68 -11.78
C GLY A 1 -2.19 -26.88 -12.09
N SER A 2 -2.82 -28.04 -12.27
CA SER A 2 -2.09 -29.27 -12.57
C SER A 2 -2.59 -29.90 -13.86
N SER A 3 -1.78 -29.81 -14.91
CA SER A 3 -2.15 -30.36 -16.21
C SER A 3 -3.28 -29.56 -16.84
N GLY A 4 -3.23 -28.24 -16.68
CA GLY A 4 -4.26 -27.38 -17.24
C GLY A 4 -5.57 -27.49 -16.51
N SER A 5 -5.54 -27.24 -15.20
CA SER A 5 -6.74 -27.31 -14.38
C SER A 5 -7.80 -26.32 -14.86
N SER A 6 -7.41 -25.05 -14.94
CA SER A 6 -8.32 -24.00 -15.38
C SER A 6 -9.57 -23.97 -14.51
N GLY A 7 -9.38 -24.10 -13.20
CA GLY A 7 -10.51 -24.10 -12.29
C GLY A 7 -11.11 -22.71 -12.12
N GLU A 8 -10.37 -21.82 -11.47
CA GLU A 8 -10.84 -20.46 -11.25
C GLU A 8 -10.95 -19.70 -12.57
N ARG A 9 -11.82 -18.70 -12.59
CA ARG A 9 -12.02 -17.90 -13.80
C ARG A 9 -10.99 -16.78 -13.88
N ARG A 10 -9.77 -17.08 -13.47
CA ARG A 10 -8.68 -16.10 -13.50
C ARG A 10 -9.09 -14.82 -12.77
N ALA A 11 -9.77 -14.98 -11.64
CA ALA A 11 -10.22 -13.84 -10.85
C ALA A 11 -9.16 -12.74 -10.83
N PRO A 12 -9.62 -11.48 -10.70
CA PRO A 12 -8.72 -10.32 -10.67
C PRO A 12 -7.89 -10.25 -9.39
N ARG A 13 -7.12 -9.18 -9.24
CA ARG A 13 -6.28 -9.01 -8.07
C ARG A 13 -6.59 -7.67 -7.38
N LYS A 14 -6.50 -6.59 -8.14
CA LYS A 14 -6.76 -5.27 -7.61
C LYS A 14 -5.70 -4.86 -6.58
N GLY A 15 -4.45 -5.15 -6.90
CA GLY A 15 -3.35 -4.81 -6.01
C GLY A 15 -2.62 -3.55 -6.44
N ASN A 16 -3.20 -2.40 -6.14
CA ASN A 16 -2.58 -1.12 -6.50
C ASN A 16 -2.45 -0.21 -5.28
N THR A 17 -3.47 -0.24 -4.42
CA THR A 17 -3.47 0.58 -3.21
C THR A 17 -2.78 -0.14 -2.06
N LEU A 18 -2.25 0.63 -1.12
CA LEU A 18 -1.57 0.08 0.04
C LEU A 18 -1.98 0.80 1.32
N TYR A 19 -2.42 0.03 2.30
CA TYR A 19 -2.84 0.60 3.58
C TYR A 19 -1.64 0.83 4.50
N VAL A 20 -1.28 2.10 4.66
CA VAL A 20 -0.15 2.48 5.50
C VAL A 20 -0.63 3.09 6.82
N TYR A 21 0.09 2.80 7.89
CA TYR A 21 -0.26 3.31 9.21
C TYR A 21 0.98 3.77 9.97
N GLY A 22 1.02 5.06 10.32
CA GLY A 22 2.16 5.60 11.04
C GLY A 22 1.74 6.44 12.23
N GLU A 23 2.72 7.05 12.89
CA GLU A 23 2.44 7.89 14.05
C GLU A 23 2.87 9.34 13.79
N ASP A 24 4.17 9.55 13.72
CA ASP A 24 4.72 10.89 13.48
C ASP A 24 5.24 11.01 12.06
N MET A 25 4.41 10.62 11.09
CA MET A 25 4.80 10.69 9.69
C MET A 25 3.90 11.66 8.92
N THR A 26 4.45 12.25 7.86
CA THR A 26 3.70 13.20 7.05
C THR A 26 3.69 12.78 5.59
N PRO A 27 2.70 13.29 4.83
CA PRO A 27 2.56 12.98 3.40
C PRO A 27 3.87 13.13 2.65
N THR A 28 4.40 14.35 2.62
CA THR A 28 5.65 14.64 1.92
C THR A 28 6.66 13.54 2.17
N LEU A 29 6.69 13.02 3.39
CA LEU A 29 7.63 11.96 3.76
C LEU A 29 7.33 10.68 3.00
N LEU A 30 6.06 10.25 3.03
CA LEU A 30 5.65 9.04 2.34
C LEU A 30 5.98 9.12 0.84
N ARG A 31 5.95 10.34 0.31
CA ARG A 31 6.24 10.55 -1.11
C ARG A 31 7.65 10.08 -1.44
N GLY A 32 8.60 10.40 -0.56
CA GLY A 32 9.98 10.00 -0.79
C GLY A 32 10.30 8.66 -0.17
N ALA A 33 9.38 8.13 0.63
CA ALA A 33 9.57 6.85 1.28
C ALA A 33 9.00 5.71 0.45
N PHE A 34 7.90 5.99 -0.26
CA PHE A 34 7.25 5.00 -1.10
C PHE A 34 7.74 5.12 -2.55
N SER A 35 8.28 6.28 -2.89
CA SER A 35 8.77 6.52 -4.24
C SER A 35 9.90 5.56 -4.60
N PRO A 36 10.85 5.40 -3.66
CA PRO A 36 12.00 4.50 -3.86
C PRO A 36 11.59 3.12 -4.36
N PHE A 37 10.31 2.81 -4.22
CA PHE A 37 9.78 1.52 -4.66
C PHE A 37 9.23 1.62 -6.08
N GLY A 38 8.66 2.79 -6.41
CA GLY A 38 8.10 2.99 -7.73
C GLY A 38 7.57 4.40 -7.92
N ASN A 39 6.33 4.50 -8.40
CA ASN A 39 5.70 5.79 -8.63
C ASN A 39 4.39 5.91 -7.88
N ILE A 40 4.20 7.03 -7.20
CA ILE A 40 2.97 7.26 -6.44
C ILE A 40 1.96 8.05 -7.25
N ILE A 41 0.86 7.39 -7.64
CA ILE A 41 -0.18 8.03 -8.42
C ILE A 41 -1.33 8.48 -7.53
N ASP A 42 -1.40 7.91 -6.33
CA ASP A 42 -2.46 8.27 -5.38
C ASP A 42 -1.95 8.14 -3.94
N LEU A 43 -1.73 9.28 -3.30
CA LEU A 43 -1.25 9.30 -1.92
C LEU A 43 -2.14 10.19 -1.05
N SER A 44 -2.94 9.55 -0.20
CA SER A 44 -3.84 10.28 0.69
C SER A 44 -3.49 10.01 2.15
N MET A 45 -3.52 11.07 2.96
CA MET A 45 -3.20 10.95 4.38
C MET A 45 -4.37 11.42 5.24
N ASP A 46 -4.85 10.53 6.11
CA ASP A 46 -5.97 10.85 6.98
C ASP A 46 -5.52 10.88 8.45
N PRO A 47 -5.20 12.09 8.94
CA PRO A 47 -4.76 12.28 10.33
C PRO A 47 -5.65 11.57 11.33
N PRO A 48 -6.97 11.68 11.12
CA PRO A 48 -7.97 11.04 12.00
C PRO A 48 -7.63 9.58 12.29
N ARG A 49 -7.26 8.85 11.25
CA ARG A 49 -6.92 7.43 11.39
C ARG A 49 -5.41 7.23 11.32
N ASN A 50 -4.66 8.33 11.44
CA ASN A 50 -3.21 8.27 11.38
C ASN A 50 -2.74 7.23 10.37
N CYS A 51 -3.41 7.18 9.22
CA CYS A 51 -3.07 6.25 8.17
C CYS A 51 -3.04 6.93 6.81
N ALA A 52 -2.61 6.19 5.78
CA ALA A 52 -2.54 6.74 4.44
C ALA A 52 -2.70 5.64 3.39
N PHE A 53 -3.03 6.03 2.17
CA PHE A 53 -3.22 5.07 1.08
C PHE A 53 -2.33 5.43 -0.11
N VAL A 54 -1.22 4.69 -0.25
CA VAL A 54 -0.29 4.93 -1.35
C VAL A 54 -0.52 3.94 -2.49
N THR A 55 -0.89 4.46 -3.65
CA THR A 55 -1.14 3.62 -4.81
C THR A 55 0.06 3.63 -5.77
N TYR A 56 0.47 2.45 -6.20
CA TYR A 56 1.60 2.32 -7.12
C TYR A 56 1.12 2.14 -8.56
N GLU A 57 1.88 2.67 -9.49
CA GLU A 57 1.54 2.57 -10.91
C GLU A 57 1.46 1.11 -11.34
N LYS A 58 2.17 0.24 -10.62
CA LYS A 58 2.18 -1.18 -10.93
C LYS A 58 1.89 -2.01 -9.68
N MET A 59 1.42 -3.23 -9.88
CA MET A 59 1.10 -4.13 -8.77
C MET A 59 2.37 -4.55 -8.04
N GLU A 60 3.36 -4.99 -8.80
CA GLU A 60 4.63 -5.42 -8.22
C GLU A 60 5.00 -4.57 -7.02
N SER A 61 4.99 -3.26 -7.21
CA SER A 61 5.32 -2.32 -6.13
C SER A 61 4.51 -2.62 -4.88
N ALA A 62 3.19 -2.69 -5.05
CA ALA A 62 2.29 -2.96 -3.94
C ALA A 62 2.86 -4.04 -3.02
N ASP A 63 3.00 -5.24 -3.55
CA ASP A 63 3.53 -6.36 -2.78
C ASP A 63 4.92 -6.02 -2.22
N GLN A 64 5.77 -5.45 -3.06
CA GLN A 64 7.12 -5.08 -2.64
C GLN A 64 7.09 -4.24 -1.38
N ALA A 65 6.49 -3.04 -1.48
CA ALA A 65 6.40 -2.14 -0.34
C ALA A 65 5.89 -2.87 0.90
N VAL A 66 4.71 -3.48 0.78
CA VAL A 66 4.10 -4.21 1.88
C VAL A 66 5.06 -5.26 2.42
N ALA A 67 6.07 -5.61 1.63
CA ALA A 67 7.06 -6.60 2.02
C ALA A 67 8.23 -5.96 2.74
N GLU A 68 8.62 -4.77 2.30
CA GLU A 68 9.73 -4.05 2.90
C GLU A 68 9.23 -3.00 3.91
N LEU A 69 8.40 -2.09 3.42
CA LEU A 69 7.85 -1.03 4.28
C LEU A 69 7.16 -1.64 5.51
N ASN A 70 6.67 -2.86 5.35
CA ASN A 70 5.97 -3.55 6.45
C ASN A 70 6.83 -3.54 7.70
N GLY A 71 6.35 -2.84 8.73
CA GLY A 71 7.08 -2.76 9.98
C GLY A 71 8.47 -2.19 9.81
N THR A 72 8.62 -1.26 8.87
CA THR A 72 9.90 -0.63 8.61
C THR A 72 10.08 0.63 9.43
N GLN A 73 11.32 1.07 9.57
CA GLN A 73 11.63 2.28 10.34
C GLN A 73 12.31 3.32 9.47
N VAL A 74 11.53 4.26 8.94
CA VAL A 74 12.06 5.31 8.08
C VAL A 74 11.84 6.68 8.71
N GLU A 75 12.83 7.55 8.58
CA GLU A 75 12.76 8.90 9.13
C GLU A 75 12.44 8.85 10.62
N SER A 76 12.94 7.83 11.29
CA SER A 76 12.71 7.67 12.72
C SER A 76 11.23 7.46 13.02
N VAL A 77 10.53 6.86 12.07
CA VAL A 77 9.10 6.59 12.21
C VAL A 77 8.74 5.21 11.69
N GLN A 78 8.10 4.40 12.54
CA GLN A 78 7.70 3.05 12.17
C GLN A 78 6.44 3.07 11.31
N LEU A 79 6.59 2.62 10.07
CA LEU A 79 5.46 2.59 9.14
C LEU A 79 4.95 1.16 8.95
N LYS A 80 3.64 1.01 8.85
CA LYS A 80 3.02 -0.30 8.67
C LYS A 80 2.17 -0.32 7.40
N VAL A 81 2.65 -1.03 6.39
CA VAL A 81 1.93 -1.13 5.12
C VAL A 81 1.34 -2.53 4.93
N ASN A 82 0.12 -2.59 4.43
CA ASN A 82 -0.55 -3.87 4.20
C ASN A 82 -1.44 -3.80 2.96
N ILE A 83 -1.50 -4.90 2.22
CA ILE A 83 -2.31 -4.97 1.01
C ILE A 83 -3.80 -4.98 1.35
N ALA A 84 -4.43 -3.81 1.26
CA ALA A 84 -5.86 -3.70 1.55
C ALA A 84 -6.69 -4.53 0.59
N ARG A 85 -6.88 -5.81 0.92
CA ARG A 85 -7.64 -6.71 0.08
C ARG A 85 -8.93 -6.05 -0.39
N LYS A 86 -9.54 -5.26 0.48
CA LYS A 86 -10.78 -4.55 0.16
C LYS A 86 -10.50 -3.11 -0.23
N GLN A 87 -10.41 -2.85 -1.53
CA GLN A 87 -10.16 -1.50 -2.03
C GLN A 87 -11.40 -0.90 -2.67
N PRO A 88 -12.30 -0.37 -1.83
CA PRO A 88 -13.55 0.24 -2.30
C PRO A 88 -13.31 1.55 -3.04
N MET A 89 -12.05 1.96 -3.13
CA MET A 89 -11.69 3.20 -3.82
C MET A 89 -11.32 2.92 -5.27
N LEU A 90 -12.29 3.09 -6.17
CA LEU A 90 -12.05 2.87 -7.59
C LEU A 90 -12.23 4.16 -8.39
N ASP A 91 -11.23 4.49 -9.19
CA ASP A 91 -11.28 5.69 -10.01
C ASP A 91 -11.41 5.34 -11.49
N SER A 92 -12.62 4.98 -11.91
CA SER A 92 -12.88 4.62 -13.30
C SER A 92 -13.71 5.69 -13.98
N GLY A 93 -13.33 6.03 -15.22
CA GLY A 93 -14.05 7.04 -15.98
C GLY A 93 -13.68 8.45 -15.55
N PRO A 94 -12.72 9.06 -16.25
CA PRO A 94 -12.26 10.41 -15.97
C PRO A 94 -13.31 11.46 -16.32
N SER A 95 -14.40 11.02 -16.92
CA SER A 95 -15.48 11.93 -17.32
C SER A 95 -15.82 12.88 -16.18
N SER A 96 -16.15 14.12 -16.53
CA SER A 96 -16.49 15.12 -15.53
C SER A 96 -17.48 14.57 -14.52
N GLY A 97 -17.45 15.10 -13.30
CA GLY A 97 -18.34 14.65 -12.26
C GLY A 97 -19.39 15.69 -11.90
N GLY A 1 -11.24 -33.97 -10.37
CA GLY A 1 -11.42 -32.95 -9.35
C GLY A 1 -10.14 -32.62 -8.61
N SER A 2 -9.65 -31.40 -8.81
CA SER A 2 -8.42 -30.95 -8.16
C SER A 2 -8.68 -30.51 -6.73
N SER A 3 -8.64 -31.46 -5.80
CA SER A 3 -8.89 -31.17 -4.39
C SER A 3 -7.57 -31.10 -3.63
N GLY A 4 -7.27 -29.91 -3.10
CA GLY A 4 -6.04 -29.74 -2.35
C GLY A 4 -6.24 -28.90 -1.09
N SER A 5 -6.49 -27.61 -1.28
CA SER A 5 -6.70 -26.69 -0.17
C SER A 5 -8.14 -26.19 -0.14
N SER A 6 -8.60 -25.70 -1.28
CA SER A 6 -9.97 -25.18 -1.38
C SER A 6 -10.15 -23.95 -0.49
N GLY A 7 -9.16 -23.07 -0.51
CA GLY A 7 -9.24 -21.86 0.29
C GLY A 7 -7.94 -21.57 1.02
N GLU A 8 -8.05 -21.09 2.26
CA GLU A 8 -6.87 -20.77 3.07
C GLU A 8 -6.18 -19.53 2.53
N ARG A 9 -6.95 -18.52 2.17
CA ARG A 9 -6.41 -17.28 1.64
C ARG A 9 -6.50 -16.17 2.68
N ARG A 10 -5.41 -15.95 3.39
CA ARG A 10 -5.35 -14.91 4.42
C ARG A 10 -5.34 -13.52 3.78
N ALA A 11 -4.77 -13.42 2.59
CA ALA A 11 -4.68 -12.15 1.88
C ALA A 11 -4.26 -12.36 0.44
N PRO A 12 -4.67 -11.43 -0.45
CA PRO A 12 -4.34 -11.50 -1.87
C PRO A 12 -2.87 -11.23 -2.14
N ARG A 13 -2.47 -11.38 -3.40
CA ARG A 13 -1.07 -11.16 -3.78
C ARG A 13 -0.93 -9.88 -4.61
N LYS A 14 -1.85 -9.68 -5.53
CA LYS A 14 -1.83 -8.49 -6.38
C LYS A 14 -2.57 -7.33 -5.72
N GLY A 15 -2.28 -6.11 -6.17
CA GLY A 15 -2.93 -4.94 -5.60
C GLY A 15 -2.30 -3.65 -6.08
N ASN A 16 -3.06 -2.56 -6.01
CA ASN A 16 -2.57 -1.25 -6.42
C ASN A 16 -2.37 -0.33 -5.23
N THR A 17 -3.39 -0.25 -4.38
CA THR A 17 -3.34 0.59 -3.20
C THR A 17 -2.71 -0.14 -2.02
N LEU A 18 -2.14 0.61 -1.08
CA LEU A 18 -1.51 0.02 0.09
C LEU A 18 -1.89 0.78 1.36
N TYR A 19 -2.36 0.06 2.36
CA TYR A 19 -2.76 0.68 3.63
C TYR A 19 -1.54 0.95 4.51
N VAL A 20 -1.17 2.23 4.59
CA VAL A 20 -0.02 2.63 5.40
C VAL A 20 -0.47 3.27 6.71
N TYR A 21 0.20 2.91 7.79
CA TYR A 21 -0.13 3.45 9.11
C TYR A 21 1.13 3.68 9.94
N GLY A 22 1.39 4.94 10.27
CA GLY A 22 2.57 5.26 11.05
C GLY A 22 2.23 6.10 12.28
N GLU A 23 3.14 7.00 12.64
CA GLU A 23 2.93 7.85 13.81
C GLU A 23 3.27 9.31 13.48
N ASP A 24 4.57 9.59 13.36
CA ASP A 24 5.02 10.93 13.04
C ASP A 24 5.44 11.04 11.58
N MET A 25 4.59 10.57 10.68
CA MET A 25 4.88 10.61 9.25
C MET A 25 3.98 11.62 8.55
N THR A 26 4.51 12.27 7.52
CA THR A 26 3.77 13.26 6.76
C THR A 26 3.65 12.86 5.30
N PRO A 27 2.61 13.38 4.62
CA PRO A 27 2.36 13.08 3.20
C PRO A 27 3.61 13.25 2.36
N THR A 28 4.33 14.34 2.57
CA THR A 28 5.55 14.62 1.83
C THR A 28 6.62 13.57 2.11
N LEU A 29 6.59 13.03 3.32
CA LEU A 29 7.57 12.02 3.72
C LEU A 29 7.31 10.70 2.99
N LEU A 30 6.07 10.24 3.02
CA LEU A 30 5.70 9.00 2.36
C LEU A 30 6.07 9.04 0.88
N ARG A 31 6.01 10.23 0.30
CA ARG A 31 6.34 10.40 -1.12
C ARG A 31 7.80 10.03 -1.38
N GLY A 32 8.67 10.37 -0.45
CA GLY A 32 10.09 10.07 -0.60
C GLY A 32 10.45 8.72 -0.02
N ALA A 33 9.53 8.14 0.74
CA ALA A 33 9.77 6.83 1.35
C ALA A 33 9.19 5.71 0.50
N PHE A 34 8.12 6.01 -0.22
CA PHE A 34 7.46 5.03 -1.07
C PHE A 34 7.96 5.14 -2.51
N SER A 35 8.63 6.25 -2.81
CA SER A 35 9.16 6.49 -4.15
C SER A 35 10.21 5.46 -4.52
N PRO A 36 11.13 5.19 -3.58
CA PRO A 36 12.21 4.22 -3.79
C PRO A 36 11.70 2.89 -4.34
N PHE A 37 10.43 2.61 -4.08
CA PHE A 37 9.82 1.37 -4.56
C PHE A 37 9.27 1.54 -5.97
N GLY A 38 8.70 2.72 -6.24
CA GLY A 38 8.15 2.99 -7.55
C GLY A 38 7.57 4.38 -7.66
N ASN A 39 6.52 4.53 -8.46
CA ASN A 39 5.87 5.82 -8.64
C ASN A 39 4.55 5.88 -7.88
N ILE A 40 4.26 7.04 -7.30
CA ILE A 40 3.04 7.23 -6.54
C ILE A 40 2.02 8.03 -7.34
N ILE A 41 0.90 7.40 -7.67
CA ILE A 41 -0.16 8.05 -8.43
C ILE A 41 -1.31 8.46 -7.53
N ASP A 42 -1.45 7.78 -6.39
CA ASP A 42 -2.51 8.09 -5.44
C ASP A 42 -2.00 7.97 -4.01
N LEU A 43 -1.79 9.11 -3.35
CA LEU A 43 -1.31 9.14 -1.98
C LEU A 43 -2.17 10.05 -1.12
N SER A 44 -2.94 9.44 -0.22
CA SER A 44 -3.83 10.20 0.67
C SER A 44 -3.46 9.96 2.13
N MET A 45 -3.66 10.96 2.97
CA MET A 45 -3.35 10.86 4.39
C MET A 45 -4.57 11.23 5.23
N ASP A 46 -4.80 10.47 6.30
CA ASP A 46 -5.92 10.72 7.18
C ASP A 46 -5.45 10.92 8.63
N PRO A 47 -5.26 12.19 9.03
CA PRO A 47 -4.81 12.53 10.37
C PRO A 47 -5.59 11.80 11.45
N PRO A 48 -6.92 11.73 11.29
CA PRO A 48 -7.81 11.06 12.24
C PRO A 48 -7.31 9.67 12.62
N ARG A 49 -7.04 8.84 11.61
CA ARG A 49 -6.56 7.50 11.84
C ARG A 49 -5.05 7.41 11.63
N ASN A 50 -4.41 8.57 11.51
CA ASN A 50 -2.97 8.63 11.31
C ASN A 50 -2.52 7.57 10.30
N CYS A 51 -3.35 7.34 9.29
CA CYS A 51 -3.03 6.35 8.27
C CYS A 51 -2.92 7.00 6.90
N ALA A 52 -2.69 6.19 5.87
CA ALA A 52 -2.56 6.70 4.51
C ALA A 52 -2.74 5.58 3.50
N PHE A 53 -3.00 5.96 2.25
CA PHE A 53 -3.21 4.98 1.18
C PHE A 53 -2.36 5.34 -0.04
N VAL A 54 -1.22 4.66 -0.18
CA VAL A 54 -0.32 4.90 -1.30
C VAL A 54 -0.57 3.90 -2.42
N THR A 55 -0.76 4.43 -3.64
CA THR A 55 -1.01 3.59 -4.81
C THR A 55 0.19 3.57 -5.73
N TYR A 56 0.49 2.40 -6.28
CA TYR A 56 1.62 2.24 -7.20
C TYR A 56 1.14 2.03 -8.63
N GLU A 57 1.86 2.62 -9.58
CA GLU A 57 1.50 2.50 -10.99
C GLU A 57 1.58 1.03 -11.44
N LYS A 58 2.37 0.24 -10.72
CA LYS A 58 2.54 -1.17 -11.05
C LYS A 58 2.37 -2.04 -9.81
N MET A 59 1.27 -2.78 -9.76
CA MET A 59 0.99 -3.66 -8.63
C MET A 59 2.28 -4.26 -8.08
N GLU A 60 3.21 -4.59 -8.98
CA GLU A 60 4.48 -5.17 -8.57
C GLU A 60 4.98 -4.55 -7.26
N SER A 61 4.91 -3.23 -7.18
CA SER A 61 5.36 -2.52 -6.00
C SER A 61 4.48 -2.86 -4.79
N ALA A 62 3.17 -2.84 -5.00
CA ALA A 62 2.23 -3.16 -3.94
C ALA A 62 2.77 -4.24 -3.02
N ASP A 63 3.07 -5.40 -3.59
CA ASP A 63 3.59 -6.52 -2.81
C ASP A 63 4.97 -6.19 -2.24
N GLN A 64 5.83 -5.59 -3.07
CA GLN A 64 7.17 -5.22 -2.65
C GLN A 64 7.13 -4.33 -1.41
N ALA A 65 6.59 -3.13 -1.57
CA ALA A 65 6.49 -2.20 -0.46
C ALA A 65 5.94 -2.87 0.79
N VAL A 66 4.75 -3.45 0.66
CA VAL A 66 4.12 -4.13 1.79
C VAL A 66 5.03 -5.19 2.37
N ALA A 67 6.04 -5.59 1.59
CA ALA A 67 6.99 -6.61 2.04
C ALA A 67 8.17 -5.97 2.77
N GLU A 68 8.58 -4.80 2.31
CA GLU A 68 9.71 -4.08 2.91
C GLU A 68 9.20 -3.00 3.87
N LEU A 69 8.41 -2.07 3.34
CA LEU A 69 7.87 -0.99 4.15
C LEU A 69 7.10 -1.53 5.36
N ASN A 70 6.74 -2.81 5.29
CA ASN A 70 6.01 -3.45 6.38
C ASN A 70 6.87 -3.53 7.63
N GLY A 71 6.42 -2.85 8.70
CA GLY A 71 7.17 -2.85 9.94
C GLY A 71 8.51 -2.17 9.82
N THR A 72 8.67 -1.37 8.77
CA THR A 72 9.93 -0.66 8.54
C THR A 72 9.96 0.66 9.31
N GLN A 73 11.16 1.10 9.65
CA GLN A 73 11.32 2.36 10.40
C GLN A 73 12.07 3.39 9.56
N VAL A 74 11.33 4.27 8.90
CA VAL A 74 11.92 5.30 8.06
C VAL A 74 11.74 6.69 8.68
N GLU A 75 12.75 7.54 8.55
CA GLU A 75 12.70 8.88 9.09
C GLU A 75 12.42 8.84 10.59
N SER A 76 12.84 7.76 11.25
CA SER A 76 12.62 7.61 12.68
C SER A 76 11.15 7.37 12.99
N VAL A 77 10.42 6.83 12.01
CA VAL A 77 9.00 6.55 12.18
C VAL A 77 8.64 5.18 11.62
N GLN A 78 8.10 4.32 12.48
CA GLN A 78 7.71 2.98 12.07
C GLN A 78 6.40 3.00 11.31
N LEU A 79 6.47 2.69 10.02
CA LEU A 79 5.27 2.68 9.18
C LEU A 79 4.74 1.25 9.01
N LYS A 80 3.43 1.13 8.90
CA LYS A 80 2.79 -0.18 8.73
C LYS A 80 2.03 -0.25 7.42
N VAL A 81 2.59 -0.94 6.43
CA VAL A 81 1.96 -1.08 5.13
C VAL A 81 1.29 -2.45 4.98
N ASN A 82 0.08 -2.45 4.44
CA ASN A 82 -0.67 -3.69 4.25
C ASN A 82 -1.41 -3.67 2.92
N ILE A 83 -1.71 -4.86 2.40
CA ILE A 83 -2.42 -4.98 1.13
C ILE A 83 -3.91 -4.66 1.29
N ALA A 84 -4.27 -3.41 1.02
CA ALA A 84 -5.66 -2.98 1.14
C ALA A 84 -6.60 -3.97 0.46
N ARG A 85 -7.64 -4.38 1.19
CA ARG A 85 -8.61 -5.34 0.66
C ARG A 85 -9.75 -4.61 -0.05
N LYS A 86 -9.40 -3.58 -0.82
CA LYS A 86 -10.40 -2.80 -1.55
C LYS A 86 -10.01 -2.67 -3.01
N GLN A 87 -9.51 -3.76 -3.59
CA GLN A 87 -9.11 -3.77 -4.99
C GLN A 87 -10.09 -4.58 -5.84
N PRO A 88 -11.14 -3.92 -6.33
CA PRO A 88 -12.17 -4.55 -7.16
C PRO A 88 -11.64 -4.94 -8.53
N MET A 89 -10.39 -4.59 -8.81
CA MET A 89 -9.77 -4.90 -10.08
C MET A 89 -8.59 -5.85 -9.91
N LEU A 90 -8.44 -6.79 -10.83
CA LEU A 90 -7.36 -7.77 -10.77
C LEU A 90 -6.44 -7.63 -11.99
N ASP A 91 -5.17 -7.92 -11.78
CA ASP A 91 -4.19 -7.84 -12.86
C ASP A 91 -4.36 -8.98 -13.85
N SER A 92 -3.79 -8.83 -15.04
CA SER A 92 -3.90 -9.85 -16.08
C SER A 92 -2.98 -9.52 -17.26
N GLY A 93 -2.42 -10.56 -17.86
CA GLY A 93 -1.53 -10.36 -19.00
C GLY A 93 -2.20 -10.63 -20.32
N PRO A 94 -2.19 -9.65 -21.22
CA PRO A 94 -2.80 -9.75 -22.55
C PRO A 94 -2.05 -10.73 -23.45
N SER A 95 -0.96 -11.28 -22.94
CA SER A 95 -0.15 -12.22 -23.70
C SER A 95 0.74 -13.06 -22.78
N SER A 96 0.96 -14.31 -23.15
CA SER A 96 1.78 -15.21 -22.36
C SER A 96 2.89 -15.82 -23.20
N GLY A 97 4.03 -16.10 -22.57
CA GLY A 97 5.15 -16.69 -23.29
C GLY A 97 6.45 -15.95 -23.03
N GLY A 1 3.76 -3.13 26.85
CA GLY A 1 3.63 -3.62 25.48
C GLY A 1 2.19 -3.74 25.04
N SER A 2 1.98 -4.04 23.76
CA SER A 2 0.63 -4.17 23.22
C SER A 2 0.62 -5.11 22.01
N SER A 3 -0.30 -6.06 22.03
CA SER A 3 -0.42 -7.03 20.93
C SER A 3 -1.88 -7.28 20.59
N GLY A 4 -2.11 -7.82 19.40
CA GLY A 4 -3.47 -8.11 18.97
C GLY A 4 -3.71 -7.75 17.51
N SER A 5 -4.53 -8.55 16.84
CA SER A 5 -4.84 -8.30 15.43
C SER A 5 -6.34 -8.37 15.18
N SER A 6 -6.75 -8.05 13.96
CA SER A 6 -8.16 -8.07 13.59
C SER A 6 -8.63 -9.48 13.30
N GLY A 7 -7.87 -10.19 12.46
CA GLY A 7 -8.23 -11.55 12.11
C GLY A 7 -8.06 -11.83 10.62
N GLU A 8 -6.87 -11.59 10.10
CA GLU A 8 -6.59 -11.82 8.69
C GLU A 8 -6.29 -13.29 8.42
N ARG A 9 -7.30 -14.03 7.97
CA ARG A 9 -7.15 -15.45 7.69
C ARG A 9 -6.61 -15.66 6.27
N ARG A 10 -7.36 -15.19 5.28
CA ARG A 10 -6.96 -15.33 3.89
C ARG A 10 -7.15 -14.01 3.14
N ALA A 11 -6.06 -13.51 2.56
CA ALA A 11 -6.11 -12.26 1.81
C ALA A 11 -5.28 -12.35 0.53
N PRO A 12 -5.75 -11.70 -0.53
CA PRO A 12 -5.07 -11.68 -1.83
C PRO A 12 -3.78 -10.88 -1.79
N ARG A 13 -2.93 -11.09 -2.80
CA ARG A 13 -1.66 -10.38 -2.88
C ARG A 13 -1.74 -9.23 -3.90
N LYS A 14 -1.91 -9.58 -5.17
CA LYS A 14 -2.00 -8.59 -6.22
C LYS A 14 -2.80 -7.37 -5.76
N GLY A 15 -2.33 -6.19 -6.13
CA GLY A 15 -3.01 -4.96 -5.75
C GLY A 15 -2.23 -3.72 -6.13
N ASN A 16 -2.91 -2.58 -6.12
CA ASN A 16 -2.28 -1.31 -6.48
C ASN A 16 -2.17 -0.40 -5.27
N THR A 17 -3.26 -0.31 -4.51
CA THR A 17 -3.29 0.53 -3.31
C THR A 17 -2.70 -0.20 -2.11
N LEU A 18 -2.12 0.56 -1.19
CA LEU A 18 -1.52 -0.01 0.01
C LEU A 18 -1.94 0.77 1.25
N TYR A 19 -2.49 0.07 2.24
CA TYR A 19 -2.92 0.71 3.48
C TYR A 19 -1.74 0.91 4.42
N VAL A 20 -1.31 2.16 4.55
CA VAL A 20 -0.19 2.51 5.42
C VAL A 20 -0.69 3.12 6.73
N TYR A 21 0.09 2.92 7.79
CA TYR A 21 -0.27 3.47 9.10
C TYR A 21 0.92 4.15 9.75
N GLY A 22 0.65 5.18 10.55
CA GLY A 22 1.71 5.92 11.22
C GLY A 22 1.18 6.88 12.25
N GLU A 23 2.08 7.59 12.92
CA GLU A 23 1.70 8.54 13.96
C GLU A 23 2.46 9.86 13.78
N ASP A 24 3.76 9.76 13.53
CA ASP A 24 4.59 10.94 13.35
C ASP A 24 5.11 11.02 11.92
N MET A 25 4.24 10.68 10.96
CA MET A 25 4.61 10.72 9.55
C MET A 25 3.75 11.72 8.80
N THR A 26 4.30 12.28 7.72
CA THR A 26 3.58 13.25 6.91
C THR A 26 3.53 12.82 5.45
N PRO A 27 2.57 13.37 4.70
CA PRO A 27 2.39 13.05 3.28
C PRO A 27 3.71 13.12 2.50
N THR A 28 4.28 14.31 2.41
CA THR A 28 5.54 14.51 1.70
C THR A 28 6.58 13.49 2.13
N LEU A 29 6.49 13.02 3.37
CA LEU A 29 7.41 12.04 3.90
C LEU A 29 7.25 10.71 3.18
N LEU A 30 6.01 10.25 3.06
CA LEU A 30 5.71 8.99 2.40
C LEU A 30 6.10 9.04 0.92
N ARG A 31 5.99 10.23 0.34
CA ARG A 31 6.33 10.43 -1.07
C ARG A 31 7.76 9.99 -1.34
N GLY A 32 8.70 10.49 -0.54
CA GLY A 32 10.10 10.15 -0.72
C GLY A 32 10.44 8.79 -0.13
N ALA A 33 9.48 8.19 0.57
CA ALA A 33 9.68 6.89 1.19
C ALA A 33 9.10 5.77 0.31
N PHE A 34 8.08 6.11 -0.47
CA PHE A 34 7.44 5.14 -1.35
C PHE A 34 8.00 5.24 -2.77
N SER A 35 8.68 6.34 -3.05
CA SER A 35 9.26 6.57 -4.38
C SER A 35 10.29 5.48 -4.70
N PRO A 36 11.11 5.13 -3.70
CA PRO A 36 12.15 4.11 -3.87
C PRO A 36 11.62 2.84 -4.53
N PHE A 37 10.44 2.42 -4.11
CA PHE A 37 9.81 1.22 -4.66
C PHE A 37 9.29 1.47 -6.07
N GLY A 38 8.73 2.65 -6.28
CA GLY A 38 8.20 3.00 -7.59
C GLY A 38 7.64 4.40 -7.63
N ASN A 39 6.63 4.61 -8.48
CA ASN A 39 6.00 5.92 -8.62
C ASN A 39 4.67 5.97 -7.88
N ILE A 40 4.41 7.08 -7.21
CA ILE A 40 3.18 7.26 -6.46
C ILE A 40 2.15 8.04 -7.27
N ILE A 41 1.03 7.40 -7.58
CA ILE A 41 -0.03 8.04 -8.35
C ILE A 41 -1.18 8.47 -7.43
N ASP A 42 -1.34 7.76 -6.32
CA ASP A 42 -2.40 8.08 -5.37
C ASP A 42 -1.89 7.97 -3.94
N LEU A 43 -1.79 9.10 -3.26
CA LEU A 43 -1.31 9.14 -1.89
C LEU A 43 -2.18 10.05 -1.03
N SER A 44 -3.01 9.45 -0.17
CA SER A 44 -3.89 10.21 0.70
C SER A 44 -3.58 9.92 2.17
N MET A 45 -3.65 10.96 2.99
CA MET A 45 -3.38 10.82 4.42
C MET A 45 -4.64 11.12 5.24
N ASP A 46 -4.85 10.34 6.30
CA ASP A 46 -6.00 10.53 7.17
C ASP A 46 -5.57 10.90 8.58
N PRO A 47 -5.55 12.21 8.87
CA PRO A 47 -5.15 12.72 10.18
C PRO A 47 -5.85 11.99 11.32
N PRO A 48 -7.15 11.74 11.16
CA PRO A 48 -7.96 11.05 12.16
C PRO A 48 -7.30 9.78 12.67
N ARG A 49 -7.09 8.82 11.76
CA ARG A 49 -6.46 7.56 12.12
C ARG A 49 -4.96 7.59 11.83
N ASN A 50 -4.45 8.79 11.58
CA ASN A 50 -3.02 8.96 11.28
C ASN A 50 -2.54 7.88 10.32
N CYS A 51 -3.35 7.58 9.32
CA CYS A 51 -3.00 6.55 8.33
C CYS A 51 -2.77 7.18 6.96
N ALA A 52 -2.50 6.34 5.97
CA ALA A 52 -2.26 6.80 4.61
C ALA A 52 -2.52 5.70 3.60
N PHE A 53 -2.81 6.09 2.36
CA PHE A 53 -3.08 5.13 1.30
C PHE A 53 -2.24 5.45 0.05
N VAL A 54 -1.14 4.73 -0.11
CA VAL A 54 -0.26 4.92 -1.25
C VAL A 54 -0.53 3.89 -2.35
N THR A 55 -0.59 4.38 -3.59
CA THR A 55 -0.85 3.50 -4.73
C THR A 55 0.32 3.52 -5.71
N TYR A 56 0.69 2.34 -6.20
CA TYR A 56 1.79 2.21 -7.15
C TYR A 56 1.27 1.99 -8.57
N GLU A 57 1.92 2.61 -9.54
CA GLU A 57 1.52 2.47 -10.93
C GLU A 57 1.49 1.00 -11.34
N LYS A 58 2.42 0.22 -10.79
CA LYS A 58 2.50 -1.21 -11.10
C LYS A 58 2.32 -2.05 -9.83
N MET A 59 1.24 -2.80 -9.78
CA MET A 59 0.95 -3.65 -8.63
C MET A 59 2.25 -4.25 -8.07
N GLU A 60 3.17 -4.59 -8.96
CA GLU A 60 4.44 -5.18 -8.56
C GLU A 60 4.91 -4.58 -7.24
N SER A 61 5.03 -3.27 -7.20
CA SER A 61 5.48 -2.56 -5.99
C SER A 61 4.59 -2.91 -4.81
N ALA A 62 3.28 -2.86 -5.04
CA ALA A 62 2.31 -3.16 -3.98
C ALA A 62 2.83 -4.24 -3.05
N ASP A 63 3.10 -5.42 -3.61
CA ASP A 63 3.60 -6.54 -2.83
C ASP A 63 4.97 -6.23 -2.25
N GLN A 64 5.85 -5.66 -3.08
CA GLN A 64 7.19 -5.31 -2.64
C GLN A 64 7.16 -4.42 -1.41
N ALA A 65 6.65 -3.20 -1.58
CA ALA A 65 6.56 -2.25 -0.48
C ALA A 65 5.97 -2.91 0.76
N VAL A 66 4.75 -3.42 0.63
CA VAL A 66 4.06 -4.07 1.73
C VAL A 66 4.96 -5.12 2.39
N ALA A 67 5.96 -5.58 1.65
CA ALA A 67 6.89 -6.58 2.16
C ALA A 67 8.07 -5.93 2.86
N GLU A 68 8.44 -4.73 2.39
CA GLU A 68 9.56 -4.00 2.97
C GLU A 68 9.07 -2.95 3.97
N LEU A 69 8.25 -2.03 3.48
CA LEU A 69 7.71 -0.97 4.32
C LEU A 69 6.98 -1.56 5.53
N ASN A 70 6.61 -2.83 5.43
CA ASN A 70 5.91 -3.50 6.52
C ASN A 70 6.77 -3.53 7.79
N GLY A 71 6.32 -2.81 8.81
CA GLY A 71 7.05 -2.76 10.06
C GLY A 71 8.45 -2.19 9.89
N THR A 72 8.61 -1.29 8.92
CA THR A 72 9.90 -0.66 8.66
C THR A 72 10.07 0.62 9.46
N GLN A 73 11.31 1.05 9.62
CA GLN A 73 11.60 2.27 10.36
C GLN A 73 12.31 3.30 9.49
N VAL A 74 11.54 4.23 8.93
CA VAL A 74 12.10 5.26 8.06
C VAL A 74 11.92 6.64 8.67
N GLU A 75 12.95 7.47 8.57
CA GLU A 75 12.90 8.83 9.11
C GLU A 75 12.58 8.81 10.60
N SER A 76 12.92 7.71 11.25
CA SER A 76 12.67 7.56 12.69
C SER A 76 11.17 7.38 12.95
N VAL A 77 10.47 6.81 11.99
CA VAL A 77 9.04 6.59 12.12
C VAL A 77 8.64 5.21 11.60
N GLN A 78 8.15 4.36 12.50
CA GLN A 78 7.74 3.01 12.14
C GLN A 78 6.47 3.04 11.29
N LEU A 79 6.59 2.65 10.03
CA LEU A 79 5.45 2.64 9.13
C LEU A 79 4.93 1.22 8.94
N LYS A 80 3.61 1.08 8.88
CA LYS A 80 2.98 -0.22 8.71
C LYS A 80 2.08 -0.22 7.47
N VAL A 81 2.49 -0.98 6.45
CA VAL A 81 1.72 -1.07 5.22
C VAL A 81 1.11 -2.46 5.06
N ASN A 82 -0.07 -2.51 4.44
CA ASN A 82 -0.77 -3.76 4.22
C ASN A 82 -1.55 -3.75 2.91
N ILE A 83 -1.71 -4.91 2.30
CA ILE A 83 -2.44 -5.02 1.05
C ILE A 83 -3.94 -4.77 1.25
N ALA A 84 -4.35 -3.53 1.04
CA ALA A 84 -5.75 -3.16 1.19
C ALA A 84 -6.68 -4.28 0.71
N ARG A 85 -7.83 -4.40 1.36
CA ARG A 85 -8.80 -5.43 1.01
C ARG A 85 -9.61 -5.02 -0.21
N LYS A 86 -10.22 -3.84 -0.13
CA LYS A 86 -11.04 -3.33 -1.22
C LYS A 86 -10.17 -2.89 -2.40
N GLN A 87 -9.77 -3.86 -3.22
CA GLN A 87 -8.92 -3.57 -4.37
C GLN A 87 -9.52 -4.18 -5.65
N PRO A 88 -10.51 -3.48 -6.21
CA PRO A 88 -11.19 -3.93 -7.44
C PRO A 88 -10.29 -3.84 -8.66
N MET A 89 -10.82 -4.23 -9.81
CA MET A 89 -10.07 -4.19 -11.06
C MET A 89 -10.01 -2.78 -11.62
N LEU A 90 -8.88 -2.42 -12.22
CA LEU A 90 -8.70 -1.09 -12.79
C LEU A 90 -8.67 -1.16 -14.31
N ASP A 91 -7.81 -2.01 -14.85
CA ASP A 91 -7.67 -2.18 -16.29
C ASP A 91 -7.55 -3.64 -16.66
N SER A 92 -8.55 -4.15 -17.39
CA SER A 92 -8.56 -5.54 -17.81
C SER A 92 -7.76 -5.73 -19.10
N GLY A 93 -8.19 -5.04 -20.15
CA GLY A 93 -7.50 -5.14 -21.42
C GLY A 93 -7.68 -6.49 -22.07
N PRO A 94 -7.74 -6.51 -23.42
CA PRO A 94 -7.92 -7.75 -24.18
C PRO A 94 -6.69 -8.65 -24.12
N SER A 95 -6.87 -9.91 -24.48
CA SER A 95 -5.79 -10.88 -24.46
C SER A 95 -5.88 -11.83 -25.65
N SER A 96 -4.84 -11.87 -26.46
CA SER A 96 -4.80 -12.75 -27.63
C SER A 96 -3.95 -13.99 -27.36
N GLY A 97 -2.68 -13.76 -27.05
CA GLY A 97 -1.78 -14.86 -26.77
C GLY A 97 -0.63 -14.46 -25.88
#